data_8FOR
#
_entry.id   8FOR
#
_cell.length_a   52.789
_cell.length_b   155.642
_cell.length_c   190.588
_cell.angle_alpha   90.000
_cell.angle_beta   90.000
_cell.angle_gamma   90.000
#
_symmetry.space_group_name_H-M   'P 21 21 21'
#
loop_
_entity.id
_entity.type
_entity.pdbx_description
1 polymer 'Kemp Eliminase KE70-core'
2 non-polymer 6-NITROBENZOTRIAZOLE
3 water water
#
_entity_poly.entity_id   1
_entity_poly.type   'polypeptide(L)'
_entity_poly.pdbx_seq_one_letter_code
;TDLKASSLRALKLMHLATSANDDDTDEKVIALCHQAKTPVGTTDAIFIYPRFIPIARKTLKEQGTPEIRICTSTNFPHGN
DDIDIALAETRAAIAYGADSVAVVFPYRALMAGNEQVGFDLVKACKEACAAANVLLAVIIETGELKDEALIRKASEISIK
AGADNIVTSTGKVAVGATPESARIMMEVIRDMGVEKTVGFIPVGGVRTAEDAQKYLAIADELFGADWADARHYAFGASAS
LLASLLKALGHGDGKSASSYGSLEHHHHHH
;
_entity_poly.pdbx_strand_id   A,B,C,D,E,F
#
loop_
_chem_comp.id
_chem_comp.type
_chem_comp.name
_chem_comp.formula
6NT non-polymer 6-NITROBENZOTRIAZOLE 'C6 H4 N4 O2'
#
# COMPACT_ATOMS: atom_id res chain seq x y z
N LEU A 3 -36.09 -15.90 -38.04
CA LEU A 3 -35.97 -16.42 -36.69
C LEU A 3 -34.53 -16.34 -36.21
N LYS A 4 -33.59 -16.78 -37.06
CA LYS A 4 -32.17 -16.61 -36.72
C LYS A 4 -31.88 -15.17 -36.35
N ALA A 5 -32.50 -14.22 -37.06
CA ALA A 5 -32.34 -12.81 -36.70
C ALA A 5 -33.01 -12.50 -35.38
N SER A 6 -34.14 -13.14 -35.09
CA SER A 6 -34.84 -12.90 -33.83
C SER A 6 -34.09 -13.51 -32.65
N SER A 7 -33.61 -14.75 -32.81
CA SER A 7 -32.93 -15.43 -31.72
C SER A 7 -31.65 -14.71 -31.32
N LEU A 8 -30.94 -14.11 -32.28
CA LEU A 8 -29.77 -13.30 -31.95
C LEU A 8 -30.20 -12.00 -31.28
N ARG A 9 -31.19 -11.32 -31.85
CA ARG A 9 -31.73 -10.11 -31.23
C ARG A 9 -32.15 -10.39 -29.80
N ALA A 10 -32.76 -11.56 -29.55
CA ALA A 10 -33.22 -11.88 -28.21
C ALA A 10 -32.04 -12.22 -27.29
N LEU A 11 -31.06 -12.96 -27.80
CA LEU A 11 -29.91 -13.33 -26.98
C LEU A 11 -29.23 -12.09 -26.42
N LYS A 12 -29.12 -11.03 -27.22
CA LYS A 12 -28.48 -9.81 -26.75
C LYS A 12 -29.36 -9.04 -25.76
N LEU A 13 -30.66 -9.31 -25.74
CA LEU A 13 -31.55 -8.71 -24.76
C LEU A 13 -31.72 -9.56 -23.52
N MET A 14 -31.11 -10.75 -23.47
CA MET A 14 -31.31 -11.65 -22.35
C MET A 14 -30.69 -11.09 -21.07
N HIS A 15 -31.40 -11.27 -19.97
CA HIS A 15 -30.85 -11.09 -18.62
C HIS A 15 -30.77 -12.49 -18.03
N LEU A 16 -29.63 -13.16 -18.27
CA LEU A 16 -29.44 -14.55 -17.87
C LEU A 16 -29.57 -14.70 -16.36
N ALA A 17 -30.61 -15.41 -15.92
CA ALA A 17 -30.95 -15.50 -14.51
C ALA A 17 -30.43 -16.81 -13.91
N THR A 18 -30.05 -16.72 -12.63
CA THR A 18 -29.65 -17.90 -11.89
C THR A 18 -30.84 -18.85 -11.72
N SER A 19 -30.56 -20.15 -11.76
CA SER A 19 -31.56 -21.16 -11.50
C SER A 19 -31.61 -21.59 -10.04
N ALA A 20 -30.79 -21.00 -9.20
CA ALA A 20 -30.74 -21.38 -7.79
C ALA A 20 -31.97 -20.85 -7.05
N ASN A 21 -32.26 -21.47 -5.90
CA ASN A 21 -33.39 -21.10 -5.05
C ASN A 21 -32.87 -20.81 -3.64
N ASP A 22 -32.02 -19.79 -3.54
CA ASP A 22 -31.32 -19.41 -2.32
C ASP A 22 -30.28 -20.44 -1.88
N ASP A 23 -30.05 -21.48 -2.69
CA ASP A 23 -28.96 -22.41 -2.50
C ASP A 23 -27.82 -22.16 -3.49
N ASP A 24 -27.72 -20.95 -4.01
CA ASP A 24 -26.70 -20.62 -4.99
C ASP A 24 -25.31 -20.66 -4.34
N THR A 25 -24.28 -20.73 -5.19
CA THR A 25 -22.91 -20.80 -4.73
C THR A 25 -22.04 -19.95 -5.66
N ASP A 26 -20.86 -19.60 -5.16
CA ASP A 26 -19.91 -18.86 -5.97
C ASP A 26 -19.61 -19.59 -7.27
N GLU A 27 -19.39 -20.91 -7.19
CA GLU A 27 -19.08 -21.69 -8.39
C GLU A 27 -20.20 -21.59 -9.41
N LYS A 28 -21.46 -21.70 -8.96
CA LYS A 28 -22.59 -21.64 -9.89
C LYS A 28 -22.69 -20.26 -10.55
N VAL A 29 -22.44 -19.20 -9.79
CA VAL A 29 -22.49 -17.86 -10.37
C VAL A 29 -21.36 -17.67 -11.37
N ILE A 30 -20.19 -18.24 -11.10
CA ILE A 30 -19.09 -18.16 -12.05
C ILE A 30 -19.44 -18.91 -13.33
N ALA A 31 -20.05 -20.10 -13.21
CA ALA A 31 -20.53 -20.80 -14.38
C ALA A 31 -21.53 -19.95 -15.15
N LEU A 32 -22.44 -19.28 -14.43
CA LEU A 32 -23.43 -18.43 -15.08
C LEU A 32 -22.76 -17.28 -15.82
N CYS A 33 -21.72 -16.67 -15.20
CA CYS A 33 -21.02 -15.58 -15.86
C CYS A 33 -20.37 -16.04 -17.15
N HIS A 34 -19.80 -17.25 -17.16
CA HIS A 34 -19.19 -17.78 -18.36
C HIS A 34 -20.24 -18.02 -19.46
N GLN A 35 -21.45 -18.45 -19.06
CA GLN A 35 -22.49 -18.69 -20.04
C GLN A 35 -22.95 -17.40 -20.72
N ALA A 36 -22.96 -16.29 -19.98
CA ALA A 36 -23.34 -15.01 -20.57
C ALA A 36 -22.40 -14.59 -21.69
N LYS A 37 -21.23 -15.21 -21.78
CA LYS A 37 -20.26 -14.95 -22.85
C LYS A 37 -20.43 -16.05 -23.90
N THR A 38 -21.30 -15.80 -24.87
CA THR A 38 -21.63 -16.79 -25.88
C THR A 38 -20.73 -16.64 -27.09
N PRO A 39 -20.74 -17.62 -27.99
CA PRO A 39 -19.93 -17.50 -29.21
C PRO A 39 -20.38 -16.37 -30.13
N VAL A 40 -21.66 -15.99 -30.08
CA VAL A 40 -22.20 -14.96 -30.95
C VAL A 40 -22.28 -13.59 -30.28
N GLY A 41 -21.83 -13.49 -29.03
CA GLY A 41 -21.83 -12.23 -28.33
C GLY A 41 -22.24 -12.43 -26.89
N THR A 42 -22.41 -11.31 -26.18
CA THR A 42 -22.77 -11.32 -24.77
C THR A 42 -24.24 -11.00 -24.59
N THR A 43 -24.84 -11.59 -23.56
CA THR A 43 -26.16 -11.16 -23.13
C THR A 43 -26.05 -9.77 -22.49
N ASP A 44 -27.19 -9.08 -22.41
CA ASP A 44 -27.17 -7.73 -21.85
C ASP A 44 -26.76 -7.75 -20.38
N ALA A 45 -27.21 -8.76 -19.63
CA ALA A 45 -26.96 -8.78 -18.20
C ALA A 45 -27.15 -10.19 -17.66
N ILE A 46 -26.79 -10.36 -16.40
CA ILE A 46 -27.13 -11.54 -15.62
C ILE A 46 -28.04 -11.10 -14.48
N PHE A 47 -28.82 -12.06 -13.97
CA PHE A 47 -29.70 -11.82 -12.84
C PHE A 47 -29.34 -12.81 -11.73
N ILE A 48 -28.86 -12.28 -10.60
CA ILE A 48 -28.35 -13.09 -9.50
C ILE A 48 -28.76 -12.43 -8.18
N TYR A 49 -28.53 -13.17 -7.09
CA TYR A 49 -28.85 -12.65 -5.77
C TYR A 49 -27.81 -11.59 -5.35
N PRO A 50 -28.21 -10.66 -4.47
CA PRO A 50 -27.30 -9.55 -4.14
C PRO A 50 -25.92 -9.97 -3.66
N ARG A 51 -25.83 -10.96 -2.77
CA ARG A 51 -24.55 -11.27 -2.14
C ARG A 51 -23.53 -11.87 -3.12
N PHE A 52 -23.94 -12.18 -4.35
CA PHE A 52 -23.04 -12.73 -5.35
C PHE A 52 -22.62 -11.69 -6.40
N ILE A 53 -23.07 -10.45 -6.25
CA ILE A 53 -22.68 -9.42 -7.22
C ILE A 53 -21.16 -9.21 -7.24
N PRO A 54 -20.47 -9.10 -6.10
CA PRO A 54 -19.03 -8.83 -6.16
C PRO A 54 -18.24 -9.91 -6.90
N ILE A 55 -18.55 -11.19 -6.65
CA ILE A 55 -17.81 -12.26 -7.32
C ILE A 55 -18.22 -12.34 -8.78
N ALA A 56 -19.49 -12.05 -9.10
CA ALA A 56 -19.91 -12.04 -10.50
C ALA A 56 -19.19 -10.93 -11.26
N ARG A 57 -19.14 -9.72 -10.68
CA ARG A 57 -18.44 -8.62 -11.32
C ARG A 57 -16.97 -8.98 -11.56
N LYS A 58 -16.33 -9.57 -10.55
CA LYS A 58 -14.94 -10.00 -10.72
C LYS A 58 -14.80 -10.95 -11.90
N THR A 59 -15.68 -11.95 -11.97
CA THR A 59 -15.57 -12.95 -13.04
C THR A 59 -15.82 -12.30 -14.40
N LEU A 60 -16.83 -11.43 -14.49
CA LEU A 60 -17.14 -10.80 -15.77
C LEU A 60 -15.98 -9.97 -16.28
N LYS A 61 -15.25 -9.30 -15.37
CA LYS A 61 -14.06 -8.56 -15.78
C LYS A 61 -12.92 -9.50 -16.17
N GLU A 62 -12.87 -10.71 -15.59
CA GLU A 62 -11.78 -11.63 -15.87
C GLU A 62 -11.89 -12.23 -17.26
N GLN A 63 -13.11 -12.37 -17.79
CA GLN A 63 -13.31 -12.96 -19.10
C GLN A 63 -13.41 -11.92 -20.21
N GLY A 64 -13.14 -10.65 -19.90
CA GLY A 64 -13.14 -9.62 -20.91
C GLY A 64 -14.51 -9.12 -21.31
N THR A 65 -15.49 -9.19 -20.40
CA THR A 65 -16.85 -8.73 -20.68
C THR A 65 -17.32 -7.83 -19.54
N PRO A 66 -16.60 -6.73 -19.28
CA PRO A 66 -17.05 -5.81 -18.21
C PRO A 66 -18.34 -5.07 -18.55
N GLU A 67 -18.81 -5.14 -19.80
CA GLU A 67 -20.03 -4.46 -20.19
C GLU A 67 -21.28 -5.22 -19.79
N ILE A 68 -21.18 -6.52 -19.52
CA ILE A 68 -22.34 -7.30 -19.09
C ILE A 68 -22.82 -6.72 -17.76
N ARG A 69 -24.08 -6.32 -17.72
CA ARG A 69 -24.64 -5.69 -16.54
C ARG A 69 -25.11 -6.74 -15.54
N ILE A 70 -25.24 -6.32 -14.28
CA ILE A 70 -25.65 -7.22 -13.20
C ILE A 70 -26.96 -6.71 -12.63
N CYS A 71 -27.98 -7.56 -12.67
CA CYS A 71 -29.30 -7.26 -12.10
C CYS A 71 -29.53 -8.17 -10.90
N THR A 72 -30.21 -7.63 -9.88
CA THR A 72 -30.51 -8.38 -8.68
C THR A 72 -31.92 -8.02 -8.22
N SER A 73 -32.34 -8.63 -7.12
CA SER A 73 -33.71 -8.51 -6.64
C SER A 73 -33.74 -8.12 -5.16
N THR A 74 -34.81 -7.44 -4.78
CA THR A 74 -35.07 -7.07 -3.39
C THR A 74 -36.55 -7.25 -3.10
N ASN A 75 -36.90 -7.25 -1.82
CA ASN A 75 -38.27 -7.55 -1.40
C ASN A 75 -38.76 -8.84 -2.07
N PHE A 76 -37.83 -9.75 -2.31
CA PHE A 76 -37.97 -10.83 -3.27
C PHE A 76 -37.92 -12.19 -2.59
N PRO A 77 -38.78 -13.14 -2.98
CA PRO A 77 -39.84 -13.07 -3.99
C PRO A 77 -41.20 -12.75 -3.37
N HIS A 78 -41.20 -12.56 -2.05
CA HIS A 78 -42.44 -12.48 -1.30
C HIS A 78 -43.26 -11.26 -1.67
N GLY A 79 -42.62 -10.12 -1.91
CA GLY A 79 -43.36 -8.90 -2.17
C GLY A 79 -44.12 -8.39 -0.96
N ASN A 80 -43.51 -8.43 0.22
CA ASN A 80 -44.15 -7.93 1.43
C ASN A 80 -44.27 -6.40 1.37
N ASP A 81 -45.06 -5.85 2.29
CA ASP A 81 -45.39 -4.44 2.28
C ASP A 81 -44.61 -3.63 3.31
N ASP A 82 -43.48 -4.15 3.78
CA ASP A 82 -42.62 -3.42 4.71
C ASP A 82 -41.63 -2.59 3.90
N ILE A 83 -41.86 -1.27 3.85
CA ILE A 83 -41.05 -0.42 2.99
C ILE A 83 -39.64 -0.30 3.54
N ASP A 84 -39.49 -0.21 4.86
CA ASP A 84 -38.16 -0.08 5.44
C ASP A 84 -37.28 -1.25 5.06
N ILE A 85 -37.81 -2.48 5.10
CA ILE A 85 -37.01 -3.65 4.73
C ILE A 85 -36.68 -3.61 3.25
N ALA A 86 -37.68 -3.36 2.40
CA ALA A 86 -37.43 -3.28 0.97
C ALA A 86 -36.41 -2.19 0.65
N LEU A 87 -36.47 -1.06 1.35
CA LEU A 87 -35.52 0.01 1.12
C LEU A 87 -34.11 -0.41 1.54
N ALA A 88 -33.98 -0.99 2.73
CA ALA A 88 -32.67 -1.41 3.21
C ALA A 88 -32.05 -2.42 2.26
N GLU A 89 -32.83 -3.40 1.80
CA GLU A 89 -32.30 -4.38 0.87
C GLU A 89 -31.88 -3.74 -0.44
N THR A 90 -32.60 -2.71 -0.88
CA THR A 90 -32.21 -1.99 -2.09
C THR A 90 -30.91 -1.23 -1.87
N ARG A 91 -30.76 -0.59 -0.71
N ARG A 91 -30.76 -0.57 -0.72
CA ARG A 91 -29.50 0.11 -0.42
CA ARG A 91 -29.51 0.11 -0.41
C ARG A 91 -28.33 -0.86 -0.40
C ARG A 91 -28.34 -0.87 -0.42
N ALA A 92 -28.56 -2.09 0.08
CA ALA A 92 -27.50 -3.09 0.09
C ALA A 92 -27.19 -3.57 -1.32
N ALA A 93 -28.22 -3.85 -2.12
CA ALA A 93 -28.00 -4.23 -3.51
C ALA A 93 -27.21 -3.16 -4.24
N ILE A 94 -27.53 -1.89 -3.98
CA ILE A 94 -26.77 -0.79 -4.58
C ILE A 94 -25.30 -0.86 -4.14
N ALA A 95 -25.07 -0.99 -2.83
CA ALA A 95 -23.70 -1.03 -2.33
C ALA A 95 -22.95 -2.25 -2.84
N TYR A 96 -23.65 -3.35 -3.08
CA TYR A 96 -22.99 -4.53 -3.64
C TYR A 96 -22.42 -4.25 -5.03
N GLY A 97 -22.93 -3.25 -5.72
CA GLY A 97 -22.51 -2.93 -7.07
C GLY A 97 -23.54 -3.23 -8.15
N ALA A 98 -24.81 -3.38 -7.80
CA ALA A 98 -25.83 -3.72 -8.79
C ALA A 98 -25.97 -2.60 -9.81
N ASP A 99 -26.19 -3.00 -11.07
CA ASP A 99 -26.56 -2.05 -12.12
C ASP A 99 -28.06 -1.81 -12.16
N SER A 100 -28.85 -2.78 -11.69
CA SER A 100 -30.30 -2.65 -11.64
C SER A 100 -30.82 -3.47 -10.47
N VAL A 101 -31.87 -2.97 -9.83
CA VAL A 101 -32.52 -3.63 -8.71
C VAL A 101 -33.98 -3.84 -9.04
N ALA A 102 -34.44 -5.09 -8.95
CA ALA A 102 -35.82 -5.44 -9.23
C ALA A 102 -36.54 -5.66 -7.90
N VAL A 103 -37.25 -4.64 -7.43
CA VAL A 103 -38.04 -4.77 -6.21
C VAL A 103 -39.39 -5.38 -6.55
N VAL A 104 -39.87 -6.27 -5.68
CA VAL A 104 -41.16 -6.92 -5.89
C VAL A 104 -42.26 -6.01 -5.34
N PHE A 105 -43.19 -5.64 -6.22
CA PHE A 105 -44.33 -4.84 -5.82
C PHE A 105 -45.09 -5.54 -4.70
N PRO A 106 -45.64 -4.80 -3.73
CA PRO A 106 -46.51 -5.44 -2.71
C PRO A 106 -47.89 -5.76 -3.28
N TYR A 107 -47.96 -6.86 -4.04
CA TYR A 107 -49.16 -7.15 -4.81
C TYR A 107 -50.28 -7.69 -3.93
N ARG A 108 -49.97 -8.49 -2.92
CA ARG A 108 -51.01 -8.96 -2.00
C ARG A 108 -51.72 -7.78 -1.34
N ALA A 109 -50.96 -6.73 -1.02
CA ALA A 109 -51.60 -5.54 -0.46
C ALA A 109 -52.54 -4.89 -1.46
N LEU A 110 -52.14 -4.88 -2.74
CA LEU A 110 -53.02 -4.36 -3.78
C LEU A 110 -54.25 -5.24 -3.93
N MET A 111 -54.06 -6.55 -3.95
CA MET A 111 -55.19 -7.48 -4.04
C MET A 111 -56.13 -7.35 -2.85
N ALA A 112 -55.66 -6.78 -1.75
CA ALA A 112 -56.51 -6.49 -0.59
C ALA A 112 -57.07 -5.08 -0.60
N GLY A 113 -56.77 -4.29 -1.63
CA GLY A 113 -57.36 -2.98 -1.80
C GLY A 113 -56.49 -1.80 -1.46
N ASN A 114 -55.18 -2.00 -1.27
CA ASN A 114 -54.27 -0.93 -0.87
C ASN A 114 -53.38 -0.57 -2.05
N GLU A 115 -53.60 0.62 -2.62
CA GLU A 115 -52.78 1.10 -3.72
C GLU A 115 -51.61 1.96 -3.25
N GLN A 116 -51.73 2.60 -2.09
CA GLN A 116 -50.72 3.56 -1.67
C GLN A 116 -49.40 2.88 -1.29
N VAL A 117 -49.49 1.74 -0.62
CA VAL A 117 -48.27 1.09 -0.13
C VAL A 117 -47.34 0.75 -1.29
N GLY A 118 -47.91 0.27 -2.40
CA GLY A 118 -47.09 -0.02 -3.57
C GLY A 118 -46.45 1.24 -4.16
N PHE A 119 -47.19 2.35 -4.14
CA PHE A 119 -46.63 3.60 -4.63
C PHE A 119 -45.45 4.05 -3.76
N ASP A 120 -45.67 4.13 -2.45
CA ASP A 120 -44.60 4.57 -1.55
C ASP A 120 -43.41 3.62 -1.58
N LEU A 121 -43.67 2.31 -1.61
CA LEU A 121 -42.57 1.35 -1.62
C LEU A 121 -41.71 1.53 -2.86
N VAL A 122 -42.33 1.51 -4.04
CA VAL A 122 -41.60 1.70 -5.29
C VAL A 122 -40.88 3.06 -5.27
N LYS A 123 -41.57 4.10 -4.80
CA LYS A 123 -40.97 5.42 -4.81
C LYS A 123 -39.76 5.51 -3.89
N ALA A 124 -39.84 4.88 -2.70
CA ALA A 124 -38.71 4.91 -1.78
C ALA A 124 -37.49 4.23 -2.40
N CYS A 125 -37.69 3.11 -3.10
CA CYS A 125 -36.57 2.42 -3.70
C CYS A 125 -36.05 3.13 -4.94
N LYS A 126 -36.94 3.80 -5.69
CA LYS A 126 -36.47 4.54 -6.86
C LYS A 126 -35.58 5.70 -6.46
N GLU A 127 -35.95 6.41 -5.39
CA GLU A 127 -35.12 7.51 -4.91
C GLU A 127 -33.72 7.05 -4.55
N ALA A 128 -33.59 5.82 -4.04
CA ALA A 128 -32.27 5.29 -3.69
C ALA A 128 -31.50 4.88 -4.93
N CYS A 129 -32.16 4.19 -5.87
CA CYS A 129 -31.48 3.76 -7.09
C CYS A 129 -31.09 4.95 -7.95
N ALA A 130 -31.95 5.97 -8.02
CA ALA A 130 -31.65 7.13 -8.84
C ALA A 130 -30.44 7.89 -8.31
N ALA A 131 -30.35 8.05 -6.99
CA ALA A 131 -29.20 8.75 -6.42
C ALA A 131 -27.90 7.99 -6.65
N ALA A 132 -27.97 6.71 -7.00
CA ALA A 132 -26.79 5.89 -7.21
C ALA A 132 -26.59 5.52 -8.67
N ASN A 133 -27.37 6.11 -9.59
CA ASN A 133 -27.25 5.82 -11.01
C ASN A 133 -27.57 4.36 -11.31
N VAL A 134 -28.55 3.81 -10.58
CA VAL A 134 -28.98 2.43 -10.72
C VAL A 134 -30.42 2.41 -11.20
N LEU A 135 -30.75 1.45 -12.07
CA LEU A 135 -32.10 1.30 -12.56
C LEU A 135 -32.95 0.51 -11.57
N LEU A 136 -34.20 0.93 -11.41
CA LEU A 136 -35.16 0.23 -10.56
C LEU A 136 -36.20 -0.43 -11.46
N ALA A 137 -36.22 -1.76 -11.45
CA ALA A 137 -37.30 -2.53 -12.06
C ALA A 137 -38.29 -2.92 -10.98
N VAL A 138 -39.56 -3.09 -11.37
CA VAL A 138 -40.62 -3.46 -10.45
C VAL A 138 -41.28 -4.72 -10.96
N ILE A 139 -41.24 -5.78 -10.15
CA ILE A 139 -41.93 -7.03 -10.42
C ILE A 139 -43.32 -6.93 -9.81
N ILE A 140 -44.36 -6.95 -10.66
CA ILE A 140 -45.73 -6.86 -10.15
C ILE A 140 -46.36 -8.22 -9.92
N GLU A 141 -45.75 -9.30 -10.41
CA GLU A 141 -46.24 -10.67 -10.21
C GLU A 141 -47.63 -10.85 -10.82
N THR A 142 -47.64 -10.79 -12.16
CA THR A 142 -48.90 -10.88 -12.89
C THR A 142 -49.62 -12.20 -12.61
N GLY A 143 -48.87 -13.28 -12.42
CA GLY A 143 -49.47 -14.58 -12.19
C GLY A 143 -50.33 -14.66 -10.95
N GLU A 144 -50.09 -13.77 -9.98
CA GLU A 144 -50.89 -13.71 -8.76
C GLU A 144 -52.00 -12.68 -8.83
N LEU A 145 -51.74 -11.53 -9.47
CA LEU A 145 -52.80 -10.56 -9.69
C LEU A 145 -53.90 -11.13 -10.57
N LYS A 146 -53.52 -11.80 -11.66
CA LYS A 146 -54.43 -12.52 -12.54
C LYS A 146 -55.37 -11.60 -13.31
N ASP A 147 -56.18 -10.80 -12.60
CA ASP A 147 -57.15 -9.95 -13.27
C ASP A 147 -56.45 -8.88 -14.11
N GLU A 148 -57.03 -8.59 -15.28
CA GLU A 148 -56.46 -7.57 -16.15
C GLU A 148 -56.44 -6.21 -15.48
N ALA A 149 -57.51 -5.86 -14.76
CA ALA A 149 -57.58 -4.55 -14.12
C ALA A 149 -56.51 -4.40 -13.06
N LEU A 150 -56.21 -5.47 -12.31
CA LEU A 150 -55.19 -5.39 -11.28
C LEU A 150 -53.79 -5.34 -11.90
N ILE A 151 -53.59 -6.03 -13.03
CA ILE A 151 -52.30 -5.96 -13.72
C ILE A 151 -52.04 -4.53 -14.20
N ARG A 152 -53.06 -3.89 -14.77
CA ARG A 152 -52.89 -2.51 -15.22
C ARG A 152 -52.65 -1.58 -14.04
N LYS A 153 -53.46 -1.72 -12.99
CA LYS A 153 -53.32 -0.85 -11.82
C LYS A 153 -51.91 -0.93 -11.24
N ALA A 154 -51.40 -2.15 -11.04
CA ALA A 154 -50.05 -2.29 -10.51
C ALA A 154 -49.02 -1.70 -11.46
N SER A 155 -49.25 -1.80 -12.76
CA SER A 155 -48.35 -1.20 -13.72
C SER A 155 -48.37 0.32 -13.63
N GLU A 156 -49.57 0.91 -13.66
N GLU A 156 -49.56 0.92 -13.61
CA GLU A 156 -49.73 2.35 -13.54
CA GLU A 156 -49.62 2.37 -13.57
C GLU A 156 -49.08 2.87 -12.26
C GLU A 156 -49.14 2.93 -12.24
N ILE A 157 -49.38 2.22 -11.13
CA ILE A 157 -48.85 2.67 -9.85
C ILE A 157 -47.33 2.65 -9.89
N SER A 158 -46.74 1.53 -10.34
CA SER A 158 -45.29 1.44 -10.43
C SER A 158 -44.73 2.54 -11.31
N ILE A 159 -45.34 2.79 -12.46
CA ILE A 159 -44.85 3.83 -13.37
C ILE A 159 -44.98 5.20 -12.71
N LYS A 160 -46.12 5.47 -12.08
CA LYS A 160 -46.28 6.75 -11.40
C LYS A 160 -45.24 6.93 -10.30
N ALA A 161 -44.85 5.84 -9.65
CA ALA A 161 -43.88 5.89 -8.56
C ALA A 161 -42.43 5.97 -9.04
N GLY A 162 -42.20 5.92 -10.35
CA GLY A 162 -40.89 6.13 -10.91
C GLY A 162 -40.16 4.89 -11.36
N ALA A 163 -40.86 3.82 -11.68
CA ALA A 163 -40.20 2.60 -12.14
C ALA A 163 -39.54 2.84 -13.50
N ASP A 164 -38.29 2.40 -13.63
CA ASP A 164 -37.59 2.44 -14.91
C ASP A 164 -37.94 1.24 -15.79
N ASN A 165 -38.37 0.14 -15.18
CA ASN A 165 -38.82 -1.05 -15.89
C ASN A 165 -39.91 -1.70 -15.07
N ILE A 166 -40.86 -2.33 -15.76
CA ILE A 166 -41.90 -3.12 -15.12
C ILE A 166 -41.75 -4.57 -15.57
N VAL A 167 -41.77 -5.49 -14.61
CA VAL A 167 -41.48 -6.90 -14.84
C VAL A 167 -42.71 -7.72 -14.44
N THR A 168 -42.93 -8.80 -15.18
CA THR A 168 -44.16 -9.57 -14.97
C THR A 168 -44.10 -10.39 -13.68
N SER A 169 -42.98 -11.09 -13.45
CA SER A 169 -43.00 -12.17 -12.48
C SER A 169 -41.65 -12.30 -11.78
N THR A 170 -41.70 -12.91 -10.59
CA THR A 170 -40.50 -13.31 -9.88
C THR A 170 -39.91 -14.61 -10.42
N GLY A 171 -40.71 -15.40 -11.13
CA GLY A 171 -40.32 -16.75 -11.50
C GLY A 171 -40.46 -17.76 -10.40
N LYS A 172 -41.08 -17.38 -9.28
CA LYS A 172 -41.17 -18.24 -8.11
C LYS A 172 -42.61 -18.61 -7.74
N VAL A 173 -43.58 -18.23 -8.57
CA VAL A 173 -44.98 -18.58 -8.31
C VAL A 173 -45.50 -19.43 -9.45
N ALA A 174 -46.75 -19.90 -9.33
CA ALA A 174 -47.26 -20.89 -10.27
C ALA A 174 -47.25 -20.37 -11.70
N VAL A 175 -47.65 -19.11 -11.90
CA VAL A 175 -47.80 -18.52 -13.22
C VAL A 175 -46.81 -17.39 -13.37
N GLY A 176 -46.06 -17.39 -14.45
CA GLY A 176 -45.18 -16.30 -14.83
C GLY A 176 -45.76 -15.48 -15.95
N ALA A 177 -44.91 -15.00 -16.85
CA ALA A 177 -45.37 -14.20 -17.97
C ALA A 177 -46.22 -15.04 -18.92
N THR A 178 -47.19 -14.39 -19.54
CA THR A 178 -47.98 -14.94 -20.63
C THR A 178 -48.09 -13.88 -21.70
N PRO A 179 -48.35 -14.28 -22.94
CA PRO A 179 -48.57 -13.27 -23.99
C PRO A 179 -49.65 -12.26 -23.63
N GLU A 180 -50.66 -12.68 -22.88
N GLU A 180 -50.68 -12.67 -22.89
CA GLU A 180 -51.73 -11.76 -22.50
CA GLU A 180 -51.73 -11.75 -22.50
C GLU A 180 -51.23 -10.72 -21.50
C GLU A 180 -51.21 -10.70 -21.51
N SER A 181 -50.68 -11.17 -20.37
CA SER A 181 -50.23 -10.23 -19.35
C SER A 181 -49.09 -9.34 -19.86
N ALA A 182 -48.22 -9.89 -20.70
CA ALA A 182 -47.16 -9.06 -21.27
C ALA A 182 -47.75 -7.96 -22.14
N ARG A 183 -48.75 -8.30 -22.96
CA ARG A 183 -49.39 -7.28 -23.78
C ARG A 183 -50.09 -6.23 -22.93
N ILE A 184 -50.74 -6.67 -21.84
CA ILE A 184 -51.42 -5.72 -20.96
C ILE A 184 -50.43 -4.70 -20.41
N MET A 185 -49.32 -5.19 -19.86
CA MET A 185 -48.36 -4.28 -19.23
C MET A 185 -47.75 -3.33 -20.25
N MET A 186 -47.42 -3.84 -21.44
CA MET A 186 -46.87 -2.96 -22.47
C MET A 186 -47.92 -1.98 -22.98
N GLU A 187 -49.19 -2.38 -23.00
CA GLU A 187 -50.25 -1.43 -23.36
C GLU A 187 -50.31 -0.29 -22.37
N VAL A 188 -50.08 -0.57 -21.09
CA VAL A 188 -50.05 0.49 -20.08
C VAL A 188 -48.90 1.45 -20.35
N ILE A 189 -47.72 0.92 -20.72
CA ILE A 189 -46.60 1.77 -21.06
C ILE A 189 -46.97 2.70 -22.22
N ARG A 190 -47.69 2.17 -23.20
CA ARG A 190 -48.10 2.98 -24.35
C ARG A 190 -49.20 3.97 -23.95
N ASP A 191 -50.24 3.47 -23.28
CA ASP A 191 -51.37 4.33 -22.95
C ASP A 191 -50.97 5.50 -22.07
N MET A 192 -49.95 5.31 -21.22
CA MET A 192 -49.46 6.38 -20.37
C MET A 192 -48.38 7.22 -21.02
N GLY A 193 -47.97 6.87 -22.24
CA GLY A 193 -46.98 7.67 -22.95
C GLY A 193 -45.62 7.72 -22.28
N VAL A 194 -45.20 6.60 -21.68
CA VAL A 194 -43.94 6.51 -20.98
C VAL A 194 -42.96 5.58 -21.69
N GLU A 195 -43.22 5.28 -22.97
CA GLU A 195 -42.37 4.35 -23.70
C GLU A 195 -40.90 4.79 -23.69
N LYS A 196 -40.64 6.08 -23.53
CA LYS A 196 -39.27 6.57 -23.57
C LYS A 196 -38.52 6.28 -22.27
N THR A 197 -39.22 6.12 -21.15
CA THR A 197 -38.59 6.03 -19.86
C THR A 197 -38.88 4.73 -19.11
N VAL A 198 -39.73 3.86 -19.65
CA VAL A 198 -40.12 2.62 -18.98
C VAL A 198 -39.98 1.47 -19.97
N GLY A 199 -39.24 0.44 -19.56
CA GLY A 199 -39.11 -0.77 -20.34
C GLY A 199 -39.94 -1.91 -19.77
N PHE A 200 -39.89 -3.05 -20.45
CA PHE A 200 -40.66 -4.22 -20.11
C PHE A 200 -39.76 -5.45 -20.06
N ILE A 201 -40.03 -6.34 -19.11
CA ILE A 201 -39.25 -7.56 -18.95
C ILE A 201 -40.21 -8.71 -18.63
N PRO A 202 -40.41 -9.66 -19.54
CA PRO A 202 -41.13 -10.88 -19.16
C PRO A 202 -40.23 -11.85 -18.43
N VAL A 203 -40.79 -12.51 -17.41
CA VAL A 203 -40.06 -13.50 -16.63
C VAL A 203 -40.98 -14.70 -16.45
N GLY A 204 -40.49 -15.88 -16.85
CA GLY A 204 -41.13 -17.15 -16.56
C GLY A 204 -41.78 -17.82 -17.75
N GLY A 205 -42.32 -17.05 -18.68
CA GLY A 205 -43.12 -17.64 -19.74
C GLY A 205 -42.47 -17.68 -21.11
N VAL A 206 -41.14 -17.57 -21.16
CA VAL A 206 -40.40 -17.54 -22.42
C VAL A 206 -39.37 -18.66 -22.34
N ARG A 207 -39.69 -19.82 -22.92
CA ARG A 207 -38.84 -21.00 -22.86
C ARG A 207 -38.00 -21.21 -24.10
N THR A 208 -38.55 -20.93 -25.28
CA THR A 208 -37.93 -21.28 -26.55
C THR A 208 -37.66 -20.04 -27.39
N ALA A 209 -36.96 -20.25 -28.50
CA ALA A 209 -36.72 -19.15 -29.44
C ALA A 209 -38.02 -18.66 -30.06
N GLU A 210 -38.95 -19.58 -30.34
CA GLU A 210 -40.25 -19.17 -30.85
C GLU A 210 -40.95 -18.24 -29.88
N ASP A 211 -40.86 -18.53 -28.57
CA ASP A 211 -41.44 -17.64 -27.57
C ASP A 211 -40.75 -16.28 -27.57
N ALA A 212 -39.42 -16.28 -27.64
CA ALA A 212 -38.70 -15.02 -27.68
C ALA A 212 -39.13 -14.17 -28.88
N GLN A 213 -39.39 -14.81 -30.01
CA GLN A 213 -39.86 -14.08 -31.19
C GLN A 213 -41.28 -13.58 -30.98
N LYS A 214 -42.15 -14.42 -30.40
CA LYS A 214 -43.53 -14.01 -30.14
C LYS A 214 -43.57 -12.79 -29.23
N TYR A 215 -42.83 -12.84 -28.11
CA TYR A 215 -42.87 -11.72 -27.17
C TYR A 215 -42.27 -10.46 -27.77
N LEU A 216 -41.18 -10.59 -28.53
CA LEU A 216 -40.63 -9.43 -29.22
C LEU A 216 -41.60 -8.88 -30.26
N ALA A 217 -42.42 -9.75 -30.86
CA ALA A 217 -43.39 -9.29 -31.84
C ALA A 217 -44.38 -8.33 -31.21
N ILE A 218 -44.76 -8.57 -29.94
CA ILE A 218 -45.70 -7.69 -29.26
C ILE A 218 -45.09 -6.31 -29.09
N ALA A 219 -43.84 -6.25 -28.61
CA ALA A 219 -43.17 -4.97 -28.43
C ALA A 219 -43.03 -4.23 -29.76
N ASP A 220 -42.61 -4.93 -30.81
CA ASP A 220 -42.53 -4.32 -32.13
C ASP A 220 -43.89 -3.80 -32.58
N GLU A 221 -44.93 -4.63 -32.42
CA GLU A 221 -46.27 -4.23 -32.83
C GLU A 221 -46.71 -2.96 -32.13
N LEU A 222 -46.49 -2.87 -30.82
CA LEU A 222 -47.05 -1.78 -30.03
C LEU A 222 -46.22 -0.51 -30.13
N PHE A 223 -44.90 -0.63 -30.22
CA PHE A 223 -44.01 0.52 -30.18
C PHE A 223 -43.16 0.71 -31.42
N GLY A 224 -43.12 -0.26 -32.33
CA GLY A 224 -42.20 -0.22 -33.44
C GLY A 224 -40.95 -1.04 -33.16
N ALA A 225 -40.30 -1.48 -34.24
CA ALA A 225 -39.18 -2.39 -34.11
C ALA A 225 -37.96 -1.72 -33.46
N ASP A 226 -37.92 -0.40 -33.41
CA ASP A 226 -36.76 0.29 -32.84
C ASP A 226 -36.82 0.43 -31.33
N TRP A 227 -37.99 0.22 -30.73
CA TRP A 227 -38.15 0.49 -29.29
C TRP A 227 -37.44 -0.54 -28.43
N ALA A 228 -37.40 -1.81 -28.87
CA ALA A 228 -36.93 -2.90 -28.03
C ALA A 228 -35.40 -2.99 -28.10
N ASP A 229 -34.75 -2.03 -27.46
CA ASP A 229 -33.31 -2.04 -27.28
C ASP A 229 -32.98 -2.50 -25.86
N ALA A 230 -31.68 -2.62 -25.58
CA ALA A 230 -31.24 -3.17 -24.30
C ALA A 230 -31.89 -2.43 -23.12
N ARG A 231 -32.12 -1.12 -23.26
CA ARG A 231 -32.66 -0.35 -22.15
C ARG A 231 -34.16 -0.57 -21.95
N HIS A 232 -34.90 -0.87 -23.02
CA HIS A 232 -36.35 -0.91 -22.95
C HIS A 232 -36.94 -2.32 -23.02
N TYR A 233 -36.12 -3.34 -23.27
CA TYR A 233 -36.64 -4.71 -23.31
C TYR A 233 -35.54 -5.65 -22.84
N ALA A 234 -35.95 -6.75 -22.20
CA ALA A 234 -35.03 -7.77 -21.73
C ALA A 234 -35.80 -9.03 -21.42
N PHE A 235 -35.15 -10.18 -21.63
CA PHE A 235 -35.72 -11.49 -21.32
C PHE A 235 -35.10 -11.99 -20.02
N GLY A 236 -35.86 -11.90 -18.94
CA GLY A 236 -35.43 -12.49 -17.68
C GLY A 236 -35.68 -13.99 -17.68
N ALA A 237 -34.66 -14.77 -18.04
CA ALA A 237 -34.83 -16.20 -18.22
C ALA A 237 -33.53 -16.92 -17.89
N SER A 238 -33.64 -18.21 -17.64
CA SER A 238 -32.51 -19.03 -17.23
C SER A 238 -31.72 -19.48 -18.45
N ALA A 239 -30.72 -20.34 -18.22
CA ALA A 239 -29.84 -20.78 -19.30
C ALA A 239 -30.55 -21.68 -20.31
N SER A 240 -31.70 -22.25 -19.95
CA SER A 240 -32.41 -23.11 -20.89
C SER A 240 -32.87 -22.32 -22.11
N LEU A 241 -33.38 -21.11 -21.91
CA LEU A 241 -33.74 -20.26 -23.04
C LEU A 241 -32.51 -19.91 -23.87
N LEU A 242 -31.40 -19.59 -23.20
CA LEU A 242 -30.17 -19.29 -23.93
C LEU A 242 -29.72 -20.48 -24.77
N ALA A 243 -29.89 -21.69 -24.25
CA ALA A 243 -29.55 -22.89 -25.02
C ALA A 243 -30.44 -23.00 -26.25
N SER A 244 -31.73 -22.68 -26.12
CA SER A 244 -32.62 -22.70 -27.26
C SER A 244 -32.26 -21.60 -28.27
N LEU A 245 -31.99 -20.39 -27.77
CA LEU A 245 -31.58 -19.31 -28.66
C LEU A 245 -30.32 -19.69 -29.43
N LEU A 246 -29.33 -20.27 -28.74
CA LEU A 246 -28.11 -20.68 -29.41
C LEU A 246 -28.37 -21.85 -30.36
N LYS A 247 -29.19 -22.81 -29.96
CA LYS A 247 -29.49 -23.94 -30.82
C LYS A 247 -30.12 -23.48 -32.13
N ALA A 248 -30.98 -22.46 -32.08
CA ALA A 248 -31.55 -21.90 -33.29
C ALA A 248 -30.50 -21.26 -34.18
N LEU A 249 -29.37 -20.85 -33.60
CA LEU A 249 -28.27 -20.28 -34.36
C LEU A 249 -27.19 -21.31 -34.70
N GLY A 250 -27.47 -22.60 -34.45
CA GLY A 250 -26.52 -23.65 -34.74
C GLY A 250 -25.36 -23.71 -33.78
N HIS A 251 -25.66 -23.77 -32.48
CA HIS A 251 -24.62 -23.87 -31.45
C HIS A 251 -25.07 -24.76 -30.29
N LEU B 3 -18.84 -18.03 40.24
CA LEU B 3 -19.29 -18.51 38.95
C LEU B 3 -20.59 -17.82 38.53
N LYS B 4 -21.53 -17.72 39.47
CA LYS B 4 -22.81 -17.09 39.15
C LYS B 4 -22.64 -15.63 38.75
N ALA B 5 -21.67 -14.94 39.35
CA ALA B 5 -21.43 -13.55 38.98
C ALA B 5 -20.82 -13.43 37.60
N SER B 6 -19.82 -14.26 37.29
CA SER B 6 -19.19 -14.22 35.98
C SER B 6 -20.11 -14.74 34.89
N SER B 7 -21.03 -15.63 35.23
CA SER B 7 -21.95 -16.17 34.23
C SER B 7 -22.93 -15.10 33.75
N LEU B 8 -23.47 -14.30 34.69
CA LEU B 8 -24.31 -13.19 34.28
C LEU B 8 -23.50 -12.16 33.50
N ARG B 9 -22.27 -11.88 33.94
CA ARG B 9 -21.39 -10.98 33.20
C ARG B 9 -21.15 -11.50 31.79
N ALA B 10 -20.88 -12.80 31.65
CA ALA B 10 -20.62 -13.36 30.33
C ALA B 10 -21.86 -13.31 29.44
N LEU B 11 -23.04 -13.60 30.01
CA LEU B 11 -24.26 -13.56 29.21
C LEU B 11 -24.48 -12.17 28.63
N LYS B 12 -24.24 -11.12 29.43
CA LYS B 12 -24.45 -9.76 28.95
C LYS B 12 -23.42 -9.36 27.89
N LEU B 13 -22.31 -10.09 27.79
CA LEU B 13 -21.29 -9.83 26.78
C LEU B 13 -21.45 -10.69 25.54
N MET B 14 -22.43 -11.59 25.51
CA MET B 14 -22.56 -12.50 24.39
C MET B 14 -22.99 -11.77 23.13
N HIS B 15 -22.39 -12.14 22.01
CA HIS B 15 -22.88 -11.80 20.67
C HIS B 15 -23.44 -13.12 20.13
N LEU B 16 -24.74 -13.32 20.34
CA LEU B 16 -25.35 -14.62 20.12
C LEU B 16 -25.48 -14.92 18.64
N ALA B 17 -24.99 -16.08 18.23
CA ALA B 17 -24.99 -16.49 16.83
C ALA B 17 -25.77 -17.78 16.66
N THR B 18 -26.28 -17.98 15.44
CA THR B 18 -26.97 -19.23 15.13
C THR B 18 -25.98 -20.38 15.16
N SER B 19 -26.45 -21.55 15.60
CA SER B 19 -25.62 -22.74 15.60
C SER B 19 -25.09 -23.02 14.19
N ALA B 20 -23.95 -23.72 14.15
CA ALA B 20 -23.31 -23.98 12.87
C ALA B 20 -24.26 -24.64 11.88
N ASN B 21 -25.17 -25.48 12.35
CA ASN B 21 -26.12 -26.15 11.48
C ASN B 21 -27.49 -25.46 11.51
N ASP B 24 -28.79 -20.43 8.06
CA ASP B 24 -29.56 -19.28 8.48
C ASP B 24 -30.78 -19.06 7.59
N THR B 25 -31.93 -18.80 8.23
CA THR B 25 -33.15 -18.44 7.54
C THR B 25 -33.86 -17.35 8.35
N ASP B 26 -34.94 -16.82 7.77
CA ASP B 26 -35.69 -15.77 8.46
C ASP B 26 -36.20 -16.26 9.80
N GLU B 27 -36.73 -17.49 9.85
CA GLU B 27 -37.30 -18.00 11.09
C GLU B 27 -36.23 -18.40 12.09
N LYS B 28 -35.07 -18.87 11.64
CA LYS B 28 -33.99 -19.17 12.57
C LYS B 28 -33.41 -17.90 13.16
N VAL B 29 -33.30 -16.84 12.35
CA VAL B 29 -32.84 -15.56 12.86
C VAL B 29 -33.85 -14.96 13.82
N ILE B 30 -35.15 -15.10 13.50
CA ILE B 30 -36.18 -14.63 14.41
C ILE B 30 -36.10 -15.37 15.74
N ALA B 31 -35.90 -16.68 15.69
CA ALA B 31 -35.75 -17.44 16.93
C ALA B 31 -34.52 -17.01 17.70
N LEU B 32 -33.45 -16.65 16.99
CA LEU B 32 -32.25 -16.14 17.65
C LEU B 32 -32.56 -14.83 18.39
N CYS B 33 -33.34 -13.95 17.76
CA CYS B 33 -33.70 -12.69 18.40
C CYS B 33 -34.46 -12.94 19.69
N HIS B 34 -35.47 -13.81 19.65
CA HIS B 34 -36.19 -14.15 20.86
C HIS B 34 -35.26 -14.72 21.91
N GLN B 35 -34.26 -15.50 21.49
CA GLN B 35 -33.37 -16.16 22.44
C GLN B 35 -32.44 -15.17 23.12
N ALA B 36 -32.06 -14.10 22.43
CA ALA B 36 -31.20 -13.09 23.04
C ALA B 36 -31.91 -12.29 24.12
N LYS B 37 -33.22 -12.43 24.24
CA LYS B 37 -33.99 -11.81 25.32
C LYS B 37 -34.19 -12.86 26.42
N THR B 38 -33.21 -12.98 27.29
CA THR B 38 -33.20 -14.06 28.27
C THR B 38 -33.88 -13.62 29.56
N PRO B 39 -34.22 -14.57 30.44
CA PRO B 39 -34.86 -14.20 31.71
C PRO B 39 -34.07 -13.19 32.53
N VAL B 40 -32.74 -13.25 32.52
CA VAL B 40 -31.91 -12.41 33.38
C VAL B 40 -31.37 -11.18 32.65
N GLY B 41 -31.73 -10.98 31.39
CA GLY B 41 -31.27 -9.83 30.65
C GLY B 41 -30.99 -10.11 29.20
N THR B 42 -30.51 -9.10 28.48
CA THR B 42 -30.25 -9.22 27.05
C THR B 42 -28.76 -9.40 26.79
N THR B 43 -28.44 -10.25 25.81
CA THR B 43 -27.08 -10.28 25.28
C THR B 43 -26.76 -8.94 24.65
N ASP B 44 -25.47 -8.66 24.49
CA ASP B 44 -25.07 -7.39 23.90
C ASP B 44 -25.52 -7.28 22.45
N ALA B 45 -25.42 -8.37 21.70
CA ALA B 45 -25.69 -8.32 20.27
C ALA B 45 -26.02 -9.72 19.77
N ILE B 46 -26.41 -9.79 18.49
CA ILE B 46 -26.55 -11.04 17.77
C ILE B 46 -25.58 -11.01 16.60
N PHE B 47 -25.28 -12.19 16.06
CA PHE B 47 -24.37 -12.33 14.93
C PHE B 47 -25.08 -13.13 13.85
N ILE B 48 -25.36 -12.48 12.71
CA ILE B 48 -26.15 -13.06 11.64
C ILE B 48 -25.60 -12.57 10.30
N TYR B 49 -25.96 -13.31 9.24
CA TYR B 49 -25.55 -12.92 7.90
C TYR B 49 -26.18 -11.58 7.52
N PRO B 50 -25.55 -10.85 6.59
CA PRO B 50 -26.03 -9.47 6.31
C PRO B 50 -27.47 -9.39 5.85
N ARG B 51 -27.93 -10.32 5.01
CA ARG B 51 -29.25 -10.20 4.41
C ARG B 51 -30.38 -10.35 5.42
N PHE B 52 -30.09 -10.77 6.65
CA PHE B 52 -31.11 -10.92 7.68
C PHE B 52 -31.13 -9.76 8.67
N ILE B 53 -30.27 -8.76 8.48
CA ILE B 53 -30.27 -7.62 9.40
C ILE B 53 -31.61 -6.90 9.41
N PRO B 54 -32.24 -6.59 8.28
CA PRO B 54 -33.55 -5.90 8.35
C PRO B 54 -34.59 -6.65 9.15
N ILE B 55 -34.80 -7.94 8.88
CA ILE B 55 -35.82 -8.68 9.62
C ILE B 55 -35.40 -8.84 11.08
N ALA B 56 -34.09 -8.93 11.35
CA ALA B 56 -33.64 -9.04 12.73
C ALA B 56 -33.90 -7.75 13.50
N ARG B 57 -33.55 -6.60 12.91
CA ARG B 57 -33.81 -5.34 13.57
C ARG B 57 -35.29 -5.18 13.90
N LYS B 58 -36.16 -5.56 12.96
CA LYS B 58 -37.59 -5.48 13.21
C LYS B 58 -38.00 -6.37 14.37
N THR B 59 -37.53 -7.62 14.37
CA THR B 59 -37.90 -8.56 15.42
C THR B 59 -37.46 -8.05 16.79
N LEU B 60 -36.21 -7.61 16.90
CA LEU B 60 -35.71 -7.11 18.18
C LEU B 60 -36.52 -5.92 18.68
N LYS B 61 -37.07 -5.12 17.77
CA LYS B 61 -37.89 -3.99 18.18
C LYS B 61 -39.26 -4.43 18.65
N GLU B 62 -39.88 -5.38 17.94
CA GLU B 62 -41.22 -5.81 18.31
C GLU B 62 -41.26 -6.46 19.68
N GLN B 63 -40.14 -7.04 20.13
CA GLN B 63 -40.06 -7.64 21.45
C GLN B 63 -39.49 -6.68 22.49
N GLY B 64 -39.31 -5.41 22.14
CA GLY B 64 -38.89 -4.42 23.10
C GLY B 64 -37.44 -4.48 23.51
N THR B 65 -36.57 -4.98 22.65
CA THR B 65 -35.12 -5.01 22.92
C THR B 65 -34.37 -4.37 21.76
N PRO B 66 -34.66 -3.10 21.45
CA PRO B 66 -33.90 -2.41 20.40
C PRO B 66 -32.46 -2.11 20.78
N GLU B 67 -32.09 -2.27 22.06
CA GLU B 67 -30.72 -2.03 22.47
C GLU B 67 -29.78 -3.13 22.00
N ILE B 68 -30.29 -4.32 21.72
CA ILE B 68 -29.46 -5.42 21.25
C ILE B 68 -28.89 -5.05 19.89
N ARG B 69 -27.56 -5.08 19.78
CA ARG B 69 -26.89 -4.72 18.54
C ARG B 69 -26.89 -5.91 17.58
N ILE B 70 -26.63 -5.62 16.31
CA ILE B 70 -26.61 -6.63 15.26
C ILE B 70 -25.24 -6.61 14.62
N CYS B 71 -24.54 -7.76 14.67
CA CYS B 71 -23.23 -7.92 14.07
C CYS B 71 -23.33 -8.88 12.88
N THR B 72 -22.48 -8.66 11.89
CA THR B 72 -22.47 -9.47 10.68
C THR B 72 -21.01 -9.63 10.23
N SER B 73 -20.83 -10.36 9.14
CA SER B 73 -19.50 -10.70 8.64
C SER B 73 -19.41 -10.42 7.15
N THR B 74 -18.19 -10.17 6.69
CA THR B 74 -17.90 -9.96 5.29
C THR B 74 -16.56 -10.61 4.96
N ASN B 75 -16.32 -10.82 3.66
CA ASN B 75 -15.15 -11.59 3.22
C ASN B 75 -15.09 -12.92 3.95
N PHE B 76 -16.28 -13.49 4.22
CA PHE B 76 -16.50 -14.54 5.19
C PHE B 76 -16.92 -15.84 4.50
N PRO B 77 -16.39 -17.00 4.94
CA PRO B 77 -15.37 -17.25 5.96
C PRO B 77 -13.99 -17.44 5.36
N HIS B 78 -13.89 -17.21 4.04
N HIS B 78 -13.88 -17.21 4.04
CA HIS B 78 -12.68 -17.55 3.29
CA HIS B 78 -12.67 -17.57 3.31
C HIS B 78 -11.54 -16.57 3.53
C HIS B 78 -11.53 -16.57 3.54
N GLY B 79 -11.85 -15.30 3.77
CA GLY B 79 -10.81 -14.30 3.94
C GLY B 79 -9.89 -14.23 2.74
N ASN B 80 -10.46 -14.06 1.56
CA ASN B 80 -9.64 -13.93 0.36
C ASN B 80 -8.94 -12.57 0.34
N ASP B 81 -8.00 -12.43 -0.59
CA ASP B 81 -7.17 -11.23 -0.69
C ASP B 81 -7.69 -10.22 -1.70
N ASP B 82 -8.97 -10.32 -2.07
CA ASP B 82 -9.57 -9.39 -3.02
C ASP B 82 -10.26 -8.28 -2.24
N ILE B 83 -9.77 -7.05 -2.39
CA ILE B 83 -10.29 -5.92 -1.62
C ILE B 83 -11.60 -5.41 -2.21
N ASP B 84 -11.73 -5.42 -3.54
CA ASP B 84 -12.98 -4.99 -4.16
C ASP B 84 -14.16 -5.76 -3.60
N ILE B 85 -14.00 -7.09 -3.45
CA ILE B 85 -15.09 -7.91 -2.93
C ILE B 85 -15.29 -7.65 -1.45
N ALA B 86 -14.20 -7.69 -0.67
CA ALA B 86 -14.32 -7.47 0.78
C ALA B 86 -14.95 -6.11 1.07
N LEU B 87 -14.54 -5.07 0.34
CA LEU B 87 -15.07 -3.74 0.60
C LEU B 87 -16.53 -3.63 0.17
N ALA B 88 -16.88 -4.19 -0.98
CA ALA B 88 -18.25 -4.12 -1.45
C ALA B 88 -19.20 -4.81 -0.48
N GLU B 89 -18.82 -6.00 -0.01
CA GLU B 89 -19.64 -6.69 0.99
C GLU B 89 -19.76 -5.85 2.26
N THR B 90 -18.67 -5.21 2.68
CA THR B 90 -18.71 -4.37 3.87
C THR B 90 -19.67 -3.19 3.68
N ARG B 91 -19.62 -2.56 2.50
CA ARG B 91 -20.55 -1.48 2.22
C ARG B 91 -21.99 -1.97 2.18
N ALA B 92 -22.22 -3.17 1.64
CA ALA B 92 -23.56 -3.73 1.63
C ALA B 92 -24.03 -4.05 3.05
N ALA B 93 -23.14 -4.61 3.87
CA ALA B 93 -23.48 -4.89 5.26
C ALA B 93 -23.86 -3.61 5.99
N ILE B 94 -23.16 -2.51 5.71
CA ILE B 94 -23.51 -1.22 6.31
C ILE B 94 -24.90 -0.80 5.86
N ALA B 95 -25.18 -0.92 4.56
CA ALA B 95 -26.46 -0.49 4.03
C ALA B 95 -27.63 -1.26 4.65
N TYR B 96 -27.43 -2.55 4.89
CA TYR B 96 -28.48 -3.34 5.54
C TYR B 96 -28.84 -2.78 6.92
N GLY B 97 -27.88 -2.12 7.59
CA GLY B 97 -28.12 -1.57 8.90
C GLY B 97 -27.27 -2.18 9.99
N ALA B 98 -26.15 -2.79 9.61
CA ALA B 98 -25.30 -3.44 10.59
C ALA B 98 -24.77 -2.45 11.61
N ASP B 99 -24.74 -2.88 12.87
CA ASP B 99 -24.06 -2.11 13.91
C ASP B 99 -22.56 -2.36 13.89
N SER B 100 -22.15 -3.55 13.45
CA SER B 100 -20.74 -3.90 13.36
C SER B 100 -20.55 -4.90 12.23
N VAL B 101 -19.40 -4.78 11.55
CA VAL B 101 -19.02 -5.69 10.48
C VAL B 101 -17.69 -6.33 10.85
N ALA B 102 -17.61 -7.64 10.71
CA ALA B 102 -16.38 -8.40 10.96
C ALA B 102 -15.88 -8.94 9.63
N VAL B 103 -14.85 -8.30 9.08
CA VAL B 103 -14.21 -8.76 7.86
C VAL B 103 -13.13 -9.76 8.25
N VAL B 104 -13.00 -10.82 7.45
CA VAL B 104 -12.00 -11.85 7.70
C VAL B 104 -10.67 -11.37 7.13
N PHE B 105 -9.67 -11.28 7.99
CA PHE B 105 -8.32 -10.91 7.55
C PHE B 105 -7.85 -11.88 6.48
N PRO B 106 -7.16 -11.41 5.44
CA PRO B 106 -6.57 -12.34 4.46
C PRO B 106 -5.38 -13.07 5.05
N TYR B 107 -5.66 -14.11 5.84
CA TYR B 107 -4.60 -14.77 6.60
C TYR B 107 -3.74 -15.67 5.73
N ARG B 108 -4.29 -16.27 4.68
CA ARG B 108 -3.47 -17.08 3.79
C ARG B 108 -2.45 -16.21 3.06
N ALA B 109 -2.83 -14.99 2.68
CA ALA B 109 -1.87 -14.08 2.08
C ALA B 109 -0.74 -13.74 3.04
N LEU B 110 -1.08 -13.45 4.30
CA LEU B 110 -0.04 -13.21 5.30
C LEU B 110 0.88 -14.41 5.43
N MET B 111 0.31 -15.61 5.47
CA MET B 111 1.12 -16.82 5.57
C MET B 111 2.05 -16.97 4.38
N ALA B 112 1.70 -16.38 3.23
CA ALA B 112 2.53 -16.42 2.05
C ALA B 112 3.53 -15.29 1.98
N GLY B 113 3.60 -14.45 3.01
CA GLY B 113 4.54 -13.35 3.04
C GLY B 113 4.01 -12.03 2.54
N ASN B 114 2.69 -11.89 2.39
CA ASN B 114 2.06 -10.66 1.90
C ASN B 114 1.37 -10.00 3.09
N GLU B 115 2.08 -9.07 3.73
CA GLU B 115 1.53 -8.31 4.84
C GLU B 115 0.79 -7.06 4.40
N GLN B 116 1.04 -6.59 3.17
CA GLN B 116 0.44 -5.34 2.73
C GLN B 116 -1.06 -5.49 2.48
N VAL B 117 -1.47 -6.58 1.82
CA VAL B 117 -2.87 -6.71 1.43
C VAL B 117 -3.77 -6.71 2.65
N GLY B 118 -3.34 -7.36 3.73
CA GLY B 118 -4.13 -7.36 4.95
C GLY B 118 -4.36 -5.97 5.50
N PHE B 119 -3.30 -5.14 5.51
CA PHE B 119 -3.44 -3.77 5.98
C PHE B 119 -4.37 -2.97 5.08
N ASP B 120 -4.15 -3.05 3.76
CA ASP B 120 -5.00 -2.30 2.83
C ASP B 120 -6.45 -2.74 2.94
N LEU B 121 -6.70 -4.04 2.99
CA LEU B 121 -8.06 -4.55 3.06
C LEU B 121 -8.76 -4.06 4.32
N VAL B 122 -8.11 -4.24 5.47
CA VAL B 122 -8.69 -3.77 6.73
C VAL B 122 -8.86 -2.25 6.69
N LYS B 123 -7.82 -1.54 6.22
CA LYS B 123 -7.89 -0.09 6.14
C LYS B 123 -9.06 0.36 5.28
N ALA B 124 -9.26 -0.27 4.13
CA ALA B 124 -10.37 0.10 3.25
C ALA B 124 -11.71 -0.14 3.93
N CYS B 125 -11.84 -1.26 4.63
CA CYS B 125 -13.12 -1.57 5.29
C CYS B 125 -13.35 -0.69 6.50
N LYS B 126 -12.29 -0.20 7.15
CA LYS B 126 -12.47 0.72 8.27
C LYS B 126 -12.98 2.07 7.80
N GLU B 127 -12.50 2.54 6.63
CA GLU B 127 -13.00 3.78 6.07
C GLU B 127 -14.51 3.75 5.91
N ALA B 128 -15.03 2.66 5.32
CA ALA B 128 -16.46 2.56 5.08
C ALA B 128 -17.24 2.48 6.39
N CYS B 129 -16.74 1.68 7.35
CA CYS B 129 -17.47 1.50 8.60
C CYS B 129 -17.43 2.76 9.45
N ALA B 130 -16.25 3.38 9.58
CA ALA B 130 -16.13 4.57 10.41
C ALA B 130 -16.98 5.71 9.85
N ALA B 131 -17.02 5.87 8.53
CA ALA B 131 -17.81 6.94 7.94
C ALA B 131 -19.28 6.81 8.30
N ALA B 132 -19.77 5.58 8.47
CA ALA B 132 -21.17 5.33 8.80
C ALA B 132 -21.39 5.06 10.28
N ASN B 133 -20.38 5.30 11.12
CA ASN B 133 -20.48 5.08 12.56
C ASN B 133 -20.72 3.60 12.87
N VAL B 134 -20.05 2.74 12.13
CA VAL B 134 -20.14 1.29 12.29
C VAL B 134 -18.78 0.79 12.76
N LEU B 135 -18.79 -0.16 13.69
CA LEU B 135 -17.56 -0.76 14.18
C LEU B 135 -17.04 -1.79 13.19
N LEU B 136 -15.72 -1.86 13.07
CA LEU B 136 -15.06 -2.86 12.23
C LEU B 136 -14.33 -3.85 13.12
N ALA B 137 -14.71 -5.11 13.03
CA ALA B 137 -13.97 -6.21 13.65
C ALA B 137 -13.19 -6.94 12.58
N VAL B 138 -12.11 -7.59 13.00
CA VAL B 138 -11.24 -8.32 12.08
C VAL B 138 -11.05 -9.73 12.62
N ILE B 139 -11.47 -10.73 11.85
CA ILE B 139 -11.26 -12.13 12.17
C ILE B 139 -9.95 -12.57 11.53
N ILE B 140 -8.97 -12.93 12.36
CA ILE B 140 -7.68 -13.36 11.83
C ILE B 140 -7.62 -14.87 11.63
N GLU B 141 -8.54 -15.63 12.23
CA GLU B 141 -8.59 -17.08 12.08
C GLU B 141 -7.34 -17.73 12.69
N THR B 142 -7.29 -17.68 14.03
CA THR B 142 -6.16 -18.25 14.76
C THR B 142 -6.03 -19.75 14.50
N GLY B 143 -7.15 -20.44 14.30
CA GLY B 143 -7.11 -21.87 14.06
C GLY B 143 -6.34 -22.28 12.83
N GLU B 144 -6.15 -21.35 11.89
CA GLU B 144 -5.39 -21.62 10.67
C GLU B 144 -4.00 -20.99 10.68
N LEU B 145 -3.81 -19.88 11.39
CA LEU B 145 -2.48 -19.32 11.54
C LEU B 145 -1.60 -20.21 12.41
N LYS B 146 -2.19 -20.80 13.46
CA LYS B 146 -1.49 -21.74 14.31
C LYS B 146 -0.32 -21.10 15.05
N ASP B 147 0.70 -20.67 14.31
CA ASP B 147 1.91 -20.13 14.93
C ASP B 147 1.59 -18.91 15.78
N GLU B 148 2.45 -18.67 16.78
CA GLU B 148 2.29 -17.51 17.65
C GLU B 148 2.65 -16.22 16.92
N ALA B 149 3.80 -16.21 16.25
CA ALA B 149 4.25 -14.99 15.58
C ALA B 149 3.24 -14.54 14.52
N LEU B 150 2.59 -15.49 13.85
CA LEU B 150 1.60 -15.12 12.84
C LEU B 150 0.34 -14.58 13.49
N ILE B 151 -0.13 -15.21 14.57
CA ILE B 151 -1.27 -14.66 15.30
C ILE B 151 -0.96 -13.26 15.79
N ARG B 152 0.29 -13.00 16.15
CA ARG B 152 0.68 -11.66 16.60
C ARG B 152 0.74 -10.69 15.43
N LYS B 153 1.37 -11.09 14.32
CA LYS B 153 1.51 -10.20 13.18
C LYS B 153 0.14 -9.82 12.62
N ALA B 154 -0.72 -10.82 12.41
CA ALA B 154 -2.06 -10.52 11.93
C ALA B 154 -2.80 -9.59 12.89
N SER B 155 -2.57 -9.76 14.20
CA SER B 155 -3.24 -8.91 15.17
C SER B 155 -2.78 -7.45 15.06
N GLU B 156 -1.47 -7.23 14.96
CA GLU B 156 -0.97 -5.87 14.95
C GLU B 156 -1.28 -5.18 13.63
N ILE B 157 -1.19 -5.90 12.51
CA ILE B 157 -1.56 -5.30 11.22
C ILE B 157 -3.01 -4.83 11.27
N SER B 158 -3.90 -5.69 11.75
CA SER B 158 -5.31 -5.31 11.85
C SER B 158 -5.50 -4.09 12.74
N ILE B 159 -4.81 -4.07 13.89
CA ILE B 159 -4.90 -2.92 14.80
C ILE B 159 -4.40 -1.66 14.10
N LYS B 160 -3.23 -1.75 13.46
CA LYS B 160 -2.65 -0.58 12.80
C LYS B 160 -3.53 -0.07 11.67
N ALA B 161 -4.29 -0.96 11.02
CA ALA B 161 -5.17 -0.55 9.94
C ALA B 161 -6.47 0.05 10.43
N GLY B 162 -6.77 -0.04 11.72
CA GLY B 162 -7.94 0.61 12.28
C GLY B 162 -8.99 -0.32 12.86
N ALA B 163 -8.60 -1.57 13.15
CA ALA B 163 -9.55 -2.52 13.71
C ALA B 163 -10.05 -2.04 15.07
N ASP B 164 -11.38 -2.00 15.23
CA ASP B 164 -11.98 -1.69 16.52
C ASP B 164 -12.10 -2.93 17.41
N ASN B 165 -12.14 -4.12 16.82
CA ASN B 165 -12.14 -5.38 17.55
C ASN B 165 -11.34 -6.39 16.75
N ILE B 166 -10.59 -7.24 17.44
CA ILE B 166 -9.90 -8.37 16.83
C ILE B 166 -10.56 -9.65 17.30
N VAL B 167 -10.81 -10.56 16.37
CA VAL B 167 -11.62 -11.75 16.60
C VAL B 167 -10.81 -12.98 16.23
N THR B 168 -10.96 -14.04 17.03
CA THR B 168 -10.10 -15.21 16.87
C THR B 168 -10.42 -15.97 15.59
N SER B 169 -11.70 -16.24 15.34
CA SER B 169 -12.07 -17.25 14.35
C SER B 169 -13.38 -16.91 13.67
N THR B 170 -13.66 -17.63 12.59
CA THR B 170 -14.94 -17.58 11.89
C THR B 170 -15.94 -18.59 12.43
N GLY B 171 -15.49 -19.55 13.22
CA GLY B 171 -16.34 -20.66 13.62
C GLY B 171 -16.57 -21.70 12.54
N LYS B 172 -15.96 -21.53 11.36
CA LYS B 172 -16.19 -22.42 10.24
C LYS B 172 -14.96 -23.23 9.86
N VAL B 173 -13.93 -23.26 10.71
CA VAL B 173 -12.77 -24.11 10.48
C VAL B 173 -12.60 -25.07 11.65
N ALA B 174 -11.58 -25.93 11.57
CA ALA B 174 -11.44 -27.00 12.55
C ALA B 174 -11.26 -26.45 13.96
N VAL B 175 -10.50 -25.38 14.11
CA VAL B 175 -10.11 -24.86 15.42
C VAL B 175 -10.60 -23.42 15.56
N GLY B 176 -11.25 -23.14 16.67
CA GLY B 176 -11.63 -21.80 17.05
C GLY B 176 -10.72 -21.22 18.11
N ALA B 177 -11.29 -20.42 18.99
CA ALA B 177 -10.50 -19.80 20.06
C ALA B 177 -10.01 -20.85 21.05
N THR B 178 -8.80 -20.65 21.54
CA THR B 178 -8.23 -21.44 22.63
C THR B 178 -7.69 -20.48 23.67
N PRO B 179 -7.52 -20.95 24.91
CA PRO B 179 -6.91 -20.07 25.92
C PRO B 179 -5.59 -19.49 25.48
N GLU B 180 -4.81 -20.23 24.68
CA GLU B 180 -3.51 -19.74 24.24
C GLU B 180 -3.66 -18.61 23.23
N SER B 181 -4.47 -18.83 22.18
CA SER B 181 -4.65 -17.80 21.17
C SER B 181 -5.33 -16.56 21.72
N ALA B 182 -6.26 -16.74 22.67
CA ALA B 182 -6.91 -15.58 23.27
C ALA B 182 -5.91 -14.73 24.05
N ARG B 183 -5.04 -15.38 24.83
CA ARG B 183 -4.03 -14.63 25.57
C ARG B 183 -3.09 -13.89 24.63
N ILE B 184 -2.63 -14.56 23.57
CA ILE B 184 -1.71 -13.94 22.62
C ILE B 184 -2.33 -12.67 22.04
N MET B 185 -3.57 -12.77 21.54
CA MET B 185 -4.18 -11.62 20.90
C MET B 185 -4.37 -10.47 21.88
N MET B 186 -4.80 -10.77 23.11
CA MET B 186 -4.96 -9.70 24.10
C MET B 186 -3.62 -9.12 24.53
N GLU B 187 -2.56 -9.93 24.51
CA GLU B 187 -1.23 -9.40 24.81
C GLU B 187 -0.82 -8.36 23.77
N VAL B 188 -1.16 -8.59 22.50
CA VAL B 188 -0.88 -7.60 21.47
C VAL B 188 -1.60 -6.29 21.77
N ILE B 189 -2.88 -6.38 22.15
CA ILE B 189 -3.63 -5.18 22.52
C ILE B 189 -2.91 -4.42 23.63
N ARG B 190 -2.56 -5.14 24.71
CA ARG B 190 -1.84 -4.51 25.82
C ARG B 190 -0.51 -3.95 25.34
N ASP B 191 0.26 -4.75 24.59
CA ASP B 191 1.62 -4.34 24.23
C ASP B 191 1.63 -3.11 23.35
N MET B 192 0.59 -2.92 22.54
CA MET B 192 0.51 -1.76 21.65
C MET B 192 -0.17 -0.56 22.31
N GLY B 193 -0.58 -0.68 23.57
CA GLY B 193 -1.22 0.43 24.25
C GLY B 193 -2.54 0.86 23.63
N VAL B 194 -3.27 -0.08 23.03
CA VAL B 194 -4.53 0.22 22.37
C VAL B 194 -5.70 -0.41 23.12
N GLU B 195 -5.53 -0.70 24.41
CA GLU B 195 -6.61 -1.33 25.17
C GLU B 195 -7.89 -0.48 25.16
N LYS B 196 -7.77 0.84 24.97
CA LYS B 196 -8.94 1.70 25.02
C LYS B 196 -9.73 1.69 23.72
N THR B 197 -9.07 1.45 22.58
CA THR B 197 -9.71 1.56 21.28
C THR B 197 -9.86 0.24 20.56
N VAL B 198 -9.41 -0.87 21.14
CA VAL B 198 -9.48 -2.18 20.50
C VAL B 198 -9.97 -3.21 21.51
N GLY B 199 -11.01 -3.96 21.15
CA GLY B 199 -11.54 -5.03 21.97
C GLY B 199 -11.19 -6.39 21.40
N PHE B 200 -11.56 -7.42 22.16
CA PHE B 200 -11.27 -8.80 21.82
C PHE B 200 -12.54 -9.63 21.82
N ILE B 201 -12.62 -10.58 20.89
CA ILE B 201 -13.79 -11.45 20.75
C ILE B 201 -13.30 -12.86 20.46
N PRO B 202 -13.45 -13.81 21.39
CA PRO B 202 -13.20 -15.22 21.07
C PRO B 202 -14.42 -15.84 20.42
N VAL B 203 -14.20 -16.57 19.32
CA VAL B 203 -15.24 -17.31 18.63
C VAL B 203 -14.92 -18.78 18.75
N GLY B 204 -15.90 -19.56 19.20
CA GLY B 204 -15.67 -20.96 19.51
C GLY B 204 -14.80 -21.12 20.75
N GLY B 205 -14.60 -22.37 21.14
CA GLY B 205 -13.79 -22.69 22.29
C GLY B 205 -14.38 -22.32 23.63
N VAL B 206 -15.57 -21.74 23.66
CA VAL B 206 -16.24 -21.34 24.91
C VAL B 206 -17.61 -21.99 24.89
N ARG B 207 -17.76 -23.10 25.61
CA ARG B 207 -18.98 -23.90 25.58
C ARG B 207 -19.67 -24.03 26.92
N THR B 208 -19.02 -23.65 28.02
CA THR B 208 -19.59 -23.78 29.35
C THR B 208 -19.36 -22.49 30.13
N ALA B 209 -20.20 -22.30 31.17
CA ALA B 209 -20.00 -21.16 32.06
C ALA B 209 -18.61 -21.19 32.69
N GLU B 210 -18.06 -22.38 32.91
CA GLU B 210 -16.69 -22.47 33.41
C GLU B 210 -15.70 -21.89 32.41
N ASP B 211 -15.91 -22.15 31.12
CA ASP B 211 -15.03 -21.60 30.10
C ASP B 211 -15.10 -20.08 30.09
N ALA B 212 -16.31 -19.52 30.11
CA ALA B 212 -16.46 -18.07 30.08
C ALA B 212 -15.73 -17.41 31.26
N GLN B 213 -15.87 -17.98 32.46
CA GLN B 213 -15.15 -17.45 33.61
C GLN B 213 -13.64 -17.45 33.35
N LYS B 214 -13.14 -18.55 32.78
CA LYS B 214 -11.70 -18.65 32.52
C LYS B 214 -11.24 -17.61 31.51
N TYR B 215 -11.99 -17.44 30.42
CA TYR B 215 -11.61 -16.48 29.39
C TYR B 215 -11.66 -15.05 29.94
N LEU B 216 -12.68 -14.73 30.74
CA LEU B 216 -12.75 -13.40 31.33
C LEU B 216 -11.64 -13.19 32.37
N ALA B 217 -11.22 -14.25 33.04
CA ALA B 217 -10.12 -14.14 34.00
C ALA B 217 -8.86 -13.64 33.31
N ILE B 218 -8.61 -14.11 32.08
CA ILE B 218 -7.46 -13.63 31.31
C ILE B 218 -7.58 -12.13 31.08
N ALA B 219 -8.78 -11.66 30.73
CA ALA B 219 -8.99 -10.24 30.51
C ALA B 219 -8.67 -9.44 31.77
N ASP B 220 -9.27 -9.84 32.90
CA ASP B 220 -9.01 -9.15 34.15
C ASP B 220 -7.53 -9.20 34.52
N GLU B 221 -6.89 -10.35 34.29
CA GLU B 221 -5.47 -10.48 34.62
C GLU B 221 -4.63 -9.46 33.85
N LEU B 222 -4.91 -9.28 32.56
CA LEU B 222 -4.06 -8.48 31.69
C LEU B 222 -4.41 -7.00 31.71
N PHE B 223 -5.68 -6.65 31.96
CA PHE B 223 -6.13 -5.28 31.87
C PHE B 223 -6.84 -4.75 33.12
N GLY B 224 -7.20 -5.61 34.06
CA GLY B 224 -8.00 -5.21 35.19
C GLY B 224 -9.47 -5.58 35.00
N ALA B 225 -10.16 -5.72 36.13
CA ALA B 225 -11.54 -6.18 36.10
C ALA B 225 -12.47 -5.20 35.38
N ASP B 226 -12.06 -3.93 35.26
CA ASP B 226 -12.91 -2.92 34.65
C ASP B 226 -12.86 -2.89 33.13
N TRP B 227 -11.89 -3.58 32.52
CA TRP B 227 -11.68 -3.42 31.09
C TRP B 227 -12.75 -4.13 30.27
N ALA B 228 -12.99 -5.41 30.56
CA ALA B 228 -13.86 -6.25 29.74
C ALA B 228 -15.31 -5.82 29.90
N ASP B 229 -15.66 -4.75 29.20
CA ASP B 229 -17.03 -4.29 29.08
C ASP B 229 -17.57 -4.64 27.70
N ALA B 230 -18.88 -4.38 27.51
CA ALA B 230 -19.53 -4.76 26.25
C ALA B 230 -18.78 -4.21 25.04
N ARG B 231 -18.13 -3.07 25.18
CA ARG B 231 -17.38 -2.50 24.07
C ARG B 231 -16.12 -3.29 23.78
N HIS B 232 -15.45 -3.78 24.82
CA HIS B 232 -14.11 -4.35 24.67
C HIS B 232 -14.05 -5.87 24.78
N TYR B 233 -15.15 -6.53 25.14
CA TYR B 233 -15.15 -7.98 25.23
C TYR B 233 -16.52 -8.52 24.86
N ALA B 234 -16.54 -9.54 24.00
CA ALA B 234 -17.78 -10.19 23.59
C ALA B 234 -17.51 -11.65 23.30
N PHE B 235 -18.47 -12.50 23.65
CA PHE B 235 -18.39 -13.94 23.36
C PHE B 235 -19.15 -14.21 22.07
N GLY B 236 -18.44 -14.63 21.03
CA GLY B 236 -19.09 -15.09 19.81
C GLY B 236 -19.38 -16.57 19.89
N ALA B 237 -20.57 -16.91 20.35
CA ALA B 237 -20.93 -18.31 20.61
C ALA B 237 -22.39 -18.53 20.28
N SER B 238 -22.78 -19.80 20.24
CA SER B 238 -24.14 -20.20 19.91
C SER B 238 -24.97 -20.33 21.19
N ALA B 239 -26.15 -20.96 21.07
CA ALA B 239 -27.05 -21.08 22.20
C ALA B 239 -26.58 -22.10 23.23
N SER B 240 -25.69 -23.02 22.85
CA SER B 240 -25.19 -23.99 23.82
C SER B 240 -24.49 -23.31 24.98
N LEU B 241 -23.72 -22.25 24.70
CA LEU B 241 -23.11 -21.48 25.77
C LEU B 241 -24.16 -20.70 26.55
N LEU B 242 -25.16 -20.17 25.85
CA LEU B 242 -26.20 -19.40 26.52
C LEU B 242 -26.94 -20.26 27.54
N ALA B 243 -27.30 -21.49 27.16
CA ALA B 243 -28.01 -22.38 28.08
C ALA B 243 -27.18 -22.69 29.31
N SER B 244 -25.87 -22.88 29.13
CA SER B 244 -25.01 -23.18 30.27
C SER B 244 -24.91 -21.99 31.22
N LEU B 245 -24.82 -20.78 30.66
CA LEU B 245 -24.78 -19.59 31.51
C LEU B 245 -26.09 -19.44 32.28
N LEU B 246 -27.22 -19.66 31.61
CA LEU B 246 -28.51 -19.58 32.28
C LEU B 246 -28.67 -20.70 33.30
N LYS B 247 -28.27 -21.93 32.94
CA LYS B 247 -28.30 -23.03 33.91
C LYS B 247 -27.46 -22.70 35.13
N ALA B 248 -26.26 -22.12 34.92
CA ALA B 248 -25.44 -21.71 36.04
C ALA B 248 -26.09 -20.64 36.88
N LEU B 249 -27.08 -19.93 36.33
CA LEU B 249 -27.79 -18.88 37.05
C LEU B 249 -29.15 -19.32 37.58
N GLY B 250 -29.54 -20.58 37.35
CA GLY B 250 -30.79 -21.09 37.88
C GLY B 250 -31.94 -21.05 36.89
N HIS B 251 -31.69 -21.46 35.66
CA HIS B 251 -32.73 -21.52 34.64
C HIS B 251 -32.53 -22.72 33.72
N LEU C 3 -16.72 1.71 -18.29
CA LEU C 3 -15.85 1.59 -17.12
C LEU C 3 -14.39 1.47 -17.55
N LYS C 4 -14.17 0.91 -18.74
CA LYS C 4 -12.81 0.82 -19.27
C LYS C 4 -12.24 2.20 -19.57
N ALA C 5 -13.06 3.10 -20.09
CA ALA C 5 -12.58 4.43 -20.44
C ALA C 5 -12.27 5.26 -19.20
N SER C 6 -13.19 5.25 -18.21
CA SER C 6 -12.96 6.04 -17.01
C SER C 6 -11.82 5.47 -16.18
N SER C 7 -11.69 4.15 -16.15
CA SER C 7 -10.60 3.54 -15.37
C SER C 7 -9.25 4.00 -15.89
N LEU C 8 -9.08 4.07 -17.22
CA LEU C 8 -7.85 4.62 -17.78
C LEU C 8 -7.71 6.09 -17.43
N ARG C 9 -8.80 6.86 -17.59
CA ARG C 9 -8.77 8.28 -17.22
C ARG C 9 -8.36 8.45 -15.76
N ALA C 10 -8.91 7.62 -14.87
CA ALA C 10 -8.60 7.74 -13.45
C ALA C 10 -7.15 7.34 -13.17
N LEU C 11 -6.66 6.30 -13.84
CA LEU C 11 -5.29 5.85 -13.62
C LEU C 11 -4.30 6.96 -13.94
N LYS C 12 -4.48 7.63 -15.09
CA LYS C 12 -3.58 8.72 -15.46
C LYS C 12 -3.62 9.88 -14.49
N LEU C 13 -4.62 9.94 -13.62
CA LEU C 13 -4.75 11.00 -12.63
C LEU C 13 -4.28 10.59 -11.24
N MET C 14 -3.84 9.34 -11.06
CA MET C 14 -3.48 8.86 -9.74
C MET C 14 -2.19 9.51 -9.26
N HIS C 15 -2.16 9.86 -7.98
CA HIS C 15 -0.95 10.22 -7.27
C HIS C 15 -0.66 9.02 -6.36
N LEU C 16 0.16 8.09 -6.86
CA LEU C 16 0.32 6.79 -6.24
C LEU C 16 1.14 6.91 -4.95
N ALA C 17 0.57 6.44 -3.85
CA ALA C 17 1.18 6.54 -2.54
C ALA C 17 1.56 5.16 -2.02
N THR C 18 2.55 5.12 -1.14
CA THR C 18 2.90 3.88 -0.46
C THR C 18 1.86 3.55 0.60
N SER C 19 1.72 2.26 0.88
N SER C 19 1.72 2.26 0.88
CA SER C 19 0.82 1.82 1.94
CA SER C 19 0.82 1.83 1.94
C SER C 19 1.45 2.08 3.31
C SER C 19 1.45 2.07 3.29
N ALA C 20 0.60 2.41 4.27
CA ALA C 20 1.04 2.78 5.61
C ALA C 20 1.18 1.59 6.55
N ASN C 21 1.44 0.38 6.02
CA ASN C 21 1.50 -0.78 6.89
C ASN C 21 2.82 -0.86 7.65
N ASP C 22 3.94 -0.62 6.97
CA ASP C 22 5.25 -0.62 7.60
C ASP C 22 6.01 0.64 7.21
N ASP C 23 7.14 0.86 7.88
CA ASP C 23 7.91 2.08 7.66
C ASP C 23 8.31 2.22 6.20
N ASP C 24 8.25 3.45 5.70
CA ASP C 24 8.71 3.73 4.36
C ASP C 24 10.24 3.61 4.29
N THR C 25 10.72 2.98 3.23
CA THR C 25 12.15 2.75 3.04
C THR C 25 12.50 3.03 1.59
N ASP C 26 13.81 3.15 1.33
CA ASP C 26 14.27 3.37 -0.03
C ASP C 26 13.74 2.30 -0.98
N GLU C 27 13.86 1.03 -0.58
CA GLU C 27 13.46 -0.05 -1.47
C GLU C 27 11.96 -0.08 -1.69
N LYS C 28 11.16 0.33 -0.70
CA LYS C 28 9.72 0.37 -0.91
C LYS C 28 9.32 1.54 -1.81
N VAL C 29 10.11 2.62 -1.81
CA VAL C 29 9.85 3.73 -2.71
C VAL C 29 10.26 3.37 -4.14
N ILE C 30 11.39 2.68 -4.29
CA ILE C 30 11.79 2.22 -5.61
C ILE C 30 10.74 1.28 -6.18
N ALA C 31 10.18 0.40 -5.33
CA ALA C 31 9.09 -0.46 -5.79
C ALA C 31 7.89 0.36 -6.22
N LEU C 32 7.56 1.41 -5.47
CA LEU C 32 6.42 2.26 -5.84
C LEU C 32 6.65 2.93 -7.19
N CYS C 33 7.88 3.38 -7.45
CA CYS C 33 8.18 4.01 -8.72
C CYS C 33 7.89 3.05 -9.87
N HIS C 34 8.35 1.80 -9.76
CA HIS C 34 8.06 0.81 -10.78
C HIS C 34 6.57 0.58 -10.93
N GLN C 35 5.81 0.69 -9.83
CA GLN C 35 4.37 0.53 -9.92
C GLN C 35 3.74 1.70 -10.68
N ALA C 36 4.30 2.90 -10.54
CA ALA C 36 3.77 4.05 -11.27
C ALA C 36 3.87 3.87 -12.77
N LYS C 37 4.75 2.97 -13.23
CA LYS C 37 4.90 2.66 -14.66
C LYS C 37 4.11 1.37 -14.91
N THR C 38 2.86 1.52 -15.33
CA THR C 38 1.95 0.40 -15.48
C THR C 38 1.83 -0.01 -16.95
N PRO C 39 1.33 -1.22 -17.21
CA PRO C 39 1.19 -1.66 -18.60
C PRO C 39 0.44 -0.68 -19.50
N VAL C 40 -0.61 -0.03 -18.99
CA VAL C 40 -1.43 0.84 -19.83
C VAL C 40 -0.97 2.29 -19.81
N GLY C 41 0.04 2.63 -19.02
CA GLY C 41 0.55 3.98 -18.97
C GLY C 41 1.12 4.28 -17.59
N THR C 42 1.33 5.56 -17.34
CA THR C 42 1.91 6.03 -16.09
C THR C 42 0.88 6.83 -15.30
N THR C 43 0.99 6.76 -13.98
CA THR C 43 0.26 7.68 -13.11
C THR C 43 0.84 9.08 -13.25
N ASP C 44 0.04 10.08 -12.88
CA ASP C 44 0.50 11.45 -12.99
C ASP C 44 1.66 11.74 -12.04
N ALA C 45 1.69 11.09 -10.88
CA ALA C 45 2.70 11.39 -9.88
C ALA C 45 2.72 10.28 -8.83
N ILE C 46 3.70 10.36 -7.95
CA ILE C 46 3.76 9.52 -6.76
C ILE C 46 3.64 10.43 -5.53
N PHE C 47 3.36 9.82 -4.39
CA PHE C 47 3.23 10.54 -3.12
C PHE C 47 4.09 9.83 -2.09
N ILE C 48 5.16 10.50 -1.64
CA ILE C 48 6.16 9.91 -0.76
C ILE C 48 6.59 10.94 0.26
N TYR C 49 7.26 10.48 1.32
CA TYR C 49 7.78 11.39 2.32
C TYR C 49 8.94 12.21 1.73
N PRO C 50 9.17 13.41 2.26
CA PRO C 50 10.17 14.30 1.64
C PRO C 50 11.55 13.67 1.45
N ARG C 51 12.04 12.91 2.43
CA ARG C 51 13.42 12.43 2.37
C ARG C 51 13.65 11.41 1.27
N PHE C 52 12.59 10.87 0.66
CA PHE C 52 12.74 9.89 -0.41
C PHE C 52 12.62 10.50 -1.81
N ILE C 53 12.48 11.82 -1.91
CA ILE C 53 12.34 12.44 -3.24
C ILE C 53 13.59 12.25 -4.09
N PRO C 54 14.81 12.50 -3.59
CA PRO C 54 15.99 12.36 -4.46
C PRO C 54 16.16 10.96 -5.03
N ILE C 55 15.95 9.93 -4.21
CA ILE C 55 16.07 8.55 -4.70
C ILE C 55 14.92 8.23 -5.63
N ALA C 56 13.72 8.78 -5.37
CA ALA C 56 12.59 8.54 -6.26
C ALA C 56 12.83 9.18 -7.63
N ARG C 57 13.36 10.41 -7.65
CA ARG C 57 13.63 11.07 -8.92
C ARG C 57 14.63 10.26 -9.75
N LYS C 58 15.66 9.71 -9.09
CA LYS C 58 16.64 8.88 -9.79
C LYS C 58 15.96 7.67 -10.42
N THR C 59 15.21 6.91 -9.62
CA THR C 59 14.54 5.72 -10.13
C THR C 59 13.61 6.06 -11.29
N LEU C 60 12.81 7.12 -11.14
CA LEU C 60 11.88 7.50 -12.19
C LEU C 60 12.61 7.84 -13.49
N LYS C 61 13.78 8.48 -13.37
CA LYS C 61 14.59 8.75 -14.57
C LYS C 61 15.14 7.47 -15.16
N GLU C 62 15.71 6.60 -14.32
CA GLU C 62 16.37 5.40 -14.81
C GLU C 62 15.39 4.42 -15.46
N GLN C 63 14.10 4.51 -15.15
CA GLN C 63 13.10 3.66 -15.78
C GLN C 63 12.41 4.36 -16.95
N GLY C 64 12.89 5.53 -17.35
CA GLY C 64 12.36 6.20 -18.51
C GLY C 64 11.01 6.88 -18.30
N THR C 65 10.74 7.36 -17.09
CA THR C 65 9.48 8.03 -16.78
C THR C 65 9.75 9.31 -15.98
N PRO C 66 10.50 10.25 -16.57
CA PRO C 66 10.75 11.53 -15.88
C PRO C 66 9.53 12.43 -15.81
N GLU C 67 8.48 12.16 -16.60
CA GLU C 67 7.27 12.97 -16.53
C GLU C 67 6.44 12.68 -15.30
N ILE C 68 6.70 11.57 -14.60
CA ILE C 68 5.98 11.25 -13.37
C ILE C 68 6.43 12.22 -12.29
N ARG C 69 5.49 13.01 -11.78
CA ARG C 69 5.81 14.04 -10.80
C ARG C 69 5.89 13.41 -9.41
N ILE C 70 6.44 14.18 -8.47
CA ILE C 70 6.68 13.72 -7.10
C ILE C 70 5.98 14.69 -6.16
N CYS C 71 4.98 14.20 -5.44
CA CYS C 71 4.26 14.97 -4.44
C CYS C 71 4.66 14.50 -3.05
N THR C 72 4.66 15.42 -2.08
CA THR C 72 5.00 15.11 -0.71
C THR C 72 4.12 15.94 0.21
N SER C 73 4.34 15.79 1.52
CA SER C 73 3.51 16.46 2.51
C SER C 73 4.37 17.08 3.59
N THR C 74 3.81 18.08 4.26
CA THR C 74 4.46 18.78 5.36
C THR C 74 3.42 19.13 6.40
N ASN C 75 3.89 19.45 7.61
CA ASN C 75 2.99 19.64 8.75
C ASN C 75 2.06 18.43 8.88
N PHE C 76 2.58 17.25 8.54
CA PHE C 76 1.82 16.05 8.27
C PHE C 76 2.11 14.97 9.32
N PRO C 77 1.09 14.22 9.76
CA PRO C 77 -0.35 14.34 9.51
C PRO C 77 -1.07 15.13 10.59
N HIS C 78 -0.31 15.46 11.65
CA HIS C 78 -0.90 16.13 12.82
C HIS C 78 -1.69 17.37 12.44
N GLY C 79 -1.15 18.19 11.54
CA GLY C 79 -1.79 19.44 11.19
C GLY C 79 -1.73 20.44 12.33
N ASN C 80 -0.55 20.60 12.92
CA ASN C 80 -0.38 21.52 14.04
C ASN C 80 -0.48 22.97 13.55
N ASP C 81 -0.49 23.90 14.51
CA ASP C 81 -0.67 25.31 14.23
C ASP C 81 0.62 26.11 14.39
N ASP C 82 1.77 25.47 14.28
CA ASP C 82 3.06 26.16 14.33
C ASP C 82 3.49 26.48 12.91
N ILE C 83 3.43 27.76 12.54
CA ILE C 83 3.71 28.15 11.17
C ILE C 83 5.19 28.00 10.87
N ASP C 84 6.06 28.32 11.83
CA ASP C 84 7.50 28.21 11.60
C ASP C 84 7.88 26.78 11.19
N ILE C 85 7.44 25.79 11.97
CA ILE C 85 7.75 24.41 11.65
C ILE C 85 7.17 24.04 10.28
N ALA C 86 5.92 24.44 10.02
CA ALA C 86 5.31 24.14 8.73
C ALA C 86 6.14 24.72 7.59
N LEU C 87 6.60 25.97 7.73
CA LEU C 87 7.36 26.60 6.66
C LEU C 87 8.72 25.94 6.48
N ALA C 88 9.40 25.62 7.59
CA ALA C 88 10.70 24.96 7.49
C ALA C 88 10.57 23.62 6.78
N GLU C 89 9.55 22.82 7.16
CA GLU C 89 9.34 21.55 6.49
C GLU C 89 9.02 21.74 5.01
N THR C 90 8.24 22.78 4.69
CA THR C 90 7.92 23.06 3.29
C THR C 90 9.18 23.46 2.53
N ARG C 91 9.96 24.39 3.06
CA ARG C 91 11.21 24.76 2.42
C ARG C 91 12.10 23.54 2.20
N ALA C 92 12.15 22.62 3.17
CA ALA C 92 12.95 21.43 3.00
C ALA C 92 12.39 20.53 1.90
N ALA C 93 11.07 20.39 1.84
CA ALA C 93 10.45 19.62 0.76
C ALA C 93 10.77 20.23 -0.60
N ILE C 94 10.83 21.57 -0.67
CA ILE C 94 11.23 22.23 -1.91
C ILE C 94 12.64 21.80 -2.29
N ALA C 95 13.59 21.97 -1.36
CA ALA C 95 14.98 21.66 -1.66
C ALA C 95 15.17 20.19 -2.00
N TYR C 96 14.40 19.30 -1.37
CA TYR C 96 14.47 17.88 -1.72
C TYR C 96 14.19 17.67 -3.20
N GLY C 97 13.40 18.55 -3.81
CA GLY C 97 13.11 18.46 -5.24
C GLY C 97 11.68 18.10 -5.54
N ALA C 98 10.75 18.45 -4.66
CA ALA C 98 9.36 18.11 -4.86
C ALA C 98 8.75 18.92 -6.00
N ASP C 99 7.76 18.33 -6.67
CA ASP C 99 6.94 19.04 -7.65
C ASP C 99 5.72 19.68 -7.00
N SER C 100 5.21 19.07 -5.94
CA SER C 100 4.08 19.59 -5.19
C SER C 100 4.28 19.29 -3.72
N VAL C 101 3.88 20.24 -2.86
CA VAL C 101 3.94 20.08 -1.41
C VAL C 101 2.52 20.25 -0.87
N ALA C 102 2.06 19.27 -0.10
CA ALA C 102 0.73 19.28 0.49
C ALA C 102 0.86 19.49 1.99
N VAL C 103 0.52 20.68 2.46
CA VAL C 103 0.59 21.01 3.88
C VAL C 103 -0.76 20.74 4.50
N VAL C 104 -0.74 20.22 5.74
CA VAL C 104 -1.98 19.90 6.44
C VAL C 104 -2.51 21.17 7.10
N PHE C 105 -3.75 21.53 6.77
CA PHE C 105 -4.37 22.70 7.37
C PHE C 105 -4.46 22.51 8.89
N PRO C 106 -4.26 23.56 9.69
CA PRO C 106 -4.45 23.44 11.13
C PRO C 106 -5.92 23.28 11.49
N TYR C 107 -6.48 22.09 11.24
CA TYR C 107 -7.93 21.93 11.37
C TYR C 107 -8.38 21.96 12.83
N ARG C 108 -7.57 21.41 13.74
CA ARG C 108 -7.92 21.48 15.16
C ARG C 108 -8.04 22.93 15.61
N ALA C 109 -7.13 23.80 15.14
CA ALA C 109 -7.21 25.20 15.49
C ALA C 109 -8.48 25.83 14.95
N LEU C 110 -8.88 25.45 13.73
CA LEU C 110 -10.12 25.97 13.15
C LEU C 110 -11.32 25.54 13.99
N MET C 111 -11.36 24.25 14.37
CA MET C 111 -12.47 23.76 15.18
C MET C 111 -12.55 24.45 16.53
N ALA C 112 -11.46 25.07 16.99
CA ALA C 112 -11.42 25.78 18.25
C ALA C 112 -11.72 27.27 18.12
N GLY C 113 -12.02 27.73 16.91
CA GLY C 113 -12.40 29.12 16.69
C GLY C 113 -11.32 30.03 16.16
N ASN C 114 -10.18 29.49 15.73
CA ASN C 114 -9.06 30.29 15.23
C ASN C 114 -8.94 30.06 13.73
N GLU C 115 -9.46 31.02 12.95
CA GLU C 115 -9.38 30.95 11.49
C GLU C 115 -8.14 31.61 10.92
N GLN C 116 -7.48 32.47 11.70
CA GLN C 116 -6.37 33.26 11.16
C GLN C 116 -5.11 32.43 10.97
N VAL C 117 -4.82 31.51 11.90
CA VAL C 117 -3.58 30.74 11.81
C VAL C 117 -3.58 29.88 10.55
N GLY C 118 -4.73 29.33 10.20
CA GLY C 118 -4.81 28.54 8.97
C GLY C 118 -4.53 29.37 7.74
N PHE C 119 -5.08 30.59 7.70
CA PHE C 119 -4.79 31.49 6.58
C PHE C 119 -3.31 31.83 6.53
N ASP C 120 -2.73 32.22 7.67
CA ASP C 120 -1.33 32.60 7.70
C ASP C 120 -0.42 31.41 7.39
N LEU C 121 -0.75 30.24 7.91
CA LEU C 121 0.09 29.07 7.69
C LEU C 121 0.13 28.70 6.21
N VAL C 122 -1.04 28.66 5.57
CA VAL C 122 -1.09 28.33 4.15
C VAL C 122 -0.40 29.40 3.33
N LYS C 123 -0.67 30.67 3.65
CA LYS C 123 -0.04 31.77 2.91
C LYS C 123 1.48 31.64 2.94
N ALA C 124 2.05 31.42 4.12
CA ALA C 124 3.50 31.31 4.24
C ALA C 124 4.03 30.19 3.35
N CYS C 125 3.41 29.01 3.43
CA CYS C 125 3.89 27.88 2.63
C CYS C 125 3.63 28.11 1.14
N LYS C 126 2.61 28.90 0.80
CA LYS C 126 2.34 29.16 -0.61
C LYS C 126 3.40 30.06 -1.22
N GLU C 127 3.83 31.09 -0.49
CA GLU C 127 4.85 31.99 -1.00
C GLU C 127 6.16 31.26 -1.26
N ALA C 128 6.51 30.30 -0.40
CA ALA C 128 7.74 29.54 -0.58
C ALA C 128 7.64 28.63 -1.80
N CYS C 129 6.52 27.92 -1.94
CA CYS C 129 6.34 27.03 -3.07
C CYS C 129 6.29 27.81 -4.38
N ALA C 130 5.49 28.87 -4.42
CA ALA C 130 5.36 29.66 -5.64
C ALA C 130 6.71 30.17 -6.12
N ALA C 131 7.53 30.67 -5.19
CA ALA C 131 8.86 31.17 -5.57
C ALA C 131 9.74 30.08 -6.17
N ALA C 132 9.41 28.81 -5.94
CA ALA C 132 10.20 27.69 -6.44
C ALA C 132 9.50 26.93 -7.56
N ASN C 133 8.43 27.49 -8.13
CA ASN C 133 7.69 26.81 -9.20
C ASN C 133 7.14 25.48 -8.71
N VAL C 134 6.68 25.46 -7.46
CA VAL C 134 6.12 24.27 -6.83
C VAL C 134 4.68 24.57 -6.45
N LEU C 135 3.81 23.58 -6.63
CA LEU C 135 2.41 23.73 -6.27
C LEU C 135 2.20 23.44 -4.79
N LEU C 136 1.29 24.17 -4.16
CA LEU C 136 0.92 23.96 -2.77
C LEU C 136 -0.49 23.41 -2.71
N ALA C 137 -0.63 22.19 -2.23
CA ALA C 137 -1.92 21.60 -1.89
C ALA C 137 -2.15 21.76 -0.39
N VAL C 138 -3.43 21.77 0.01
CA VAL C 138 -3.79 21.93 1.41
C VAL C 138 -4.73 20.80 1.80
N ILE C 139 -4.31 20.01 2.79
CA ILE C 139 -5.14 18.95 3.34
C ILE C 139 -5.92 19.53 4.53
N ILE C 140 -7.25 19.47 4.45
CA ILE C 140 -8.09 19.97 5.53
C ILE C 140 -8.58 18.87 6.46
N GLU C 141 -8.41 17.60 6.09
CA GLU C 141 -8.78 16.47 6.94
C GLU C 141 -10.28 16.49 7.25
N THR C 142 -11.06 16.21 6.20
CA THR C 142 -12.51 16.22 6.35
C THR C 142 -12.98 15.19 7.35
N GLY C 143 -12.24 14.08 7.50
CA GLY C 143 -12.64 13.06 8.46
C GLY C 143 -12.74 13.58 9.88
N GLU C 144 -11.90 14.55 10.24
CA GLU C 144 -11.93 15.13 11.59
C GLU C 144 -12.80 16.37 11.67
N LEU C 145 -12.94 17.11 10.57
CA LEU C 145 -13.84 18.27 10.57
C LEU C 145 -15.30 17.83 10.62
N LYS C 146 -15.67 16.85 9.79
CA LYS C 146 -17.00 16.26 9.82
C LYS C 146 -18.08 17.24 9.42
N ASP C 147 -18.27 18.28 10.22
CA ASP C 147 -19.35 19.24 9.96
C ASP C 147 -19.15 19.90 8.59
N GLU C 148 -20.24 19.93 7.81
CA GLU C 148 -20.19 20.52 6.47
C GLU C 148 -19.69 21.96 6.53
N ALA C 149 -20.21 22.75 7.47
CA ALA C 149 -19.82 24.16 7.54
C ALA C 149 -18.32 24.30 7.77
N LEU C 150 -17.72 23.39 8.54
CA LEU C 150 -16.28 23.45 8.77
C LEU C 150 -15.51 23.01 7.53
N ILE C 151 -16.02 22.01 6.81
CA ILE C 151 -15.37 21.59 5.57
C ILE C 151 -15.35 22.73 4.57
N ARG C 152 -16.48 23.42 4.41
CA ARG C 152 -16.52 24.57 3.50
C ARG C 152 -15.61 25.69 3.98
N LYS C 153 -15.49 25.87 5.30
CA LYS C 153 -14.72 26.99 5.82
C LYS C 153 -13.22 26.76 5.66
N ALA C 154 -12.74 25.57 6.04
CA ALA C 154 -11.34 25.25 5.82
C ALA C 154 -10.98 25.33 4.34
N SER C 155 -11.90 24.95 3.47
CA SER C 155 -11.66 25.06 2.03
C SER C 155 -11.58 26.52 1.61
N GLU C 156 -12.49 27.36 2.09
N GLU C 156 -12.51 27.36 2.08
CA GLU C 156 -12.50 28.77 1.70
CA GLU C 156 -12.50 28.77 1.72
C GLU C 156 -11.22 29.47 2.15
C GLU C 156 -11.21 29.43 2.14
N ILE C 157 -10.77 29.20 3.39
CA ILE C 157 -9.55 29.82 3.88
C ILE C 157 -8.35 29.38 3.05
N SER C 158 -8.20 28.06 2.85
CA SER C 158 -7.07 27.56 2.08
C SER C 158 -7.02 28.19 0.70
N ILE C 159 -8.18 28.35 0.05
CA ILE C 159 -8.21 28.98 -1.27
C ILE C 159 -7.79 30.44 -1.17
N LYS C 160 -8.39 31.17 -0.22
CA LYS C 160 -8.03 32.58 -0.05
C LYS C 160 -6.54 32.74 0.22
N ALA C 161 -5.94 31.80 0.95
CA ALA C 161 -4.53 31.87 1.29
C ALA C 161 -3.62 31.53 0.12
N GLY C 162 -4.15 30.94 -0.95
CA GLY C 162 -3.38 30.69 -2.15
C GLY C 162 -3.16 29.23 -2.46
N ALA C 163 -3.99 28.35 -1.94
CA ALA C 163 -3.87 26.93 -2.22
C ALA C 163 -4.07 26.66 -3.70
N ASP C 164 -3.17 25.88 -4.29
CA ASP C 164 -3.32 25.44 -5.67
C ASP C 164 -4.20 24.20 -5.78
N ASN C 165 -4.35 23.45 -4.70
CA ASN C 165 -5.20 22.27 -4.66
C ASN C 165 -5.69 22.09 -3.22
N ILE C 166 -6.93 21.62 -3.07
CA ILE C 166 -7.50 21.31 -1.78
C ILE C 166 -7.72 19.80 -1.70
N VAL C 167 -7.30 19.19 -0.60
CA VAL C 167 -7.26 17.75 -0.44
C VAL C 167 -8.12 17.36 0.75
N THR C 168 -8.79 16.21 0.65
CA THR C 168 -9.74 15.83 1.67
C THR C 168 -9.02 15.42 2.96
N SER C 169 -8.05 14.53 2.86
CA SER C 169 -7.59 13.80 4.02
C SER C 169 -6.08 13.55 3.94
N THR C 170 -5.52 13.15 5.08
CA THR C 170 -4.14 12.70 5.16
C THR C 170 -3.98 11.22 4.88
N GLY C 171 -5.08 10.46 4.91
CA GLY C 171 -5.00 9.01 4.85
C GLY C 171 -4.56 8.35 6.13
N LYS C 172 -4.25 9.14 7.16
CA LYS C 172 -3.74 8.63 8.42
C LYS C 172 -4.78 8.69 9.54
N VAL C 173 -6.04 8.95 9.20
CA VAL C 173 -7.14 8.93 10.16
C VAL C 173 -8.21 7.97 9.65
N ALA C 174 -9.21 7.72 10.51
CA ALA C 174 -10.21 6.69 10.20
C ALA C 174 -10.95 7.00 8.92
N VAL C 175 -11.50 8.21 8.81
CA VAL C 175 -12.35 8.60 7.68
C VAL C 175 -11.53 9.44 6.72
N GLY C 176 -11.54 9.05 5.45
CA GLY C 176 -10.95 9.82 4.37
C GLY C 176 -12.01 10.55 3.58
N ALA C 177 -11.83 10.58 2.26
CA ALA C 177 -12.80 11.22 1.39
C ALA C 177 -14.09 10.41 1.33
N THR C 178 -15.21 11.11 1.20
CA THR C 178 -16.50 10.52 0.94
C THR C 178 -17.16 11.30 -0.19
N PRO C 179 -18.15 10.72 -0.86
CA PRO C 179 -18.86 11.48 -1.91
C PRO C 179 -19.45 12.78 -1.39
N GLU C 180 -19.91 12.80 -0.14
CA GLU C 180 -20.48 14.02 0.42
C GLU C 180 -19.42 15.09 0.62
N SER C 181 -18.29 14.71 1.23
CA SER C 181 -17.24 15.70 1.49
C SER C 181 -16.54 16.12 0.21
N ALA C 182 -16.47 15.23 -0.79
CA ALA C 182 -15.90 15.61 -2.07
C ALA C 182 -16.77 16.64 -2.78
N ARG C 183 -18.09 16.44 -2.77
CA ARG C 183 -19.00 17.40 -3.39
C ARG C 183 -18.93 18.75 -2.67
N ILE C 184 -18.88 18.74 -1.34
CA ILE C 184 -18.83 19.99 -0.60
C ILE C 184 -17.59 20.79 -0.98
N MET C 185 -16.44 20.13 -1.04
CA MET C 185 -15.20 20.85 -1.33
C MET C 185 -15.19 21.38 -2.77
N MET C 186 -15.68 20.60 -3.72
CA MET C 186 -15.74 21.08 -5.09
C MET C 186 -16.77 22.18 -5.26
N GLU C 187 -17.85 22.14 -4.48
CA GLU C 187 -18.83 23.23 -4.51
C GLU C 187 -18.19 24.54 -4.07
N VAL C 188 -17.30 24.48 -3.06
CA VAL C 188 -16.58 25.68 -2.65
C VAL C 188 -15.77 26.23 -3.81
N ILE C 189 -15.03 25.36 -4.50
CA ILE C 189 -14.26 25.79 -5.65
C ILE C 189 -15.15 26.48 -6.67
N ARG C 190 -16.32 25.89 -6.95
CA ARG C 190 -17.25 26.50 -7.89
C ARG C 190 -17.84 27.79 -7.34
N ASP C 191 -18.36 27.74 -6.11
CA ASP C 191 -18.98 28.92 -5.51
C ASP C 191 -18.02 30.09 -5.42
N MET C 192 -16.72 29.83 -5.34
CA MET C 192 -15.71 30.88 -5.30
C MET C 192 -15.17 31.21 -6.68
N GLY C 193 -15.61 30.51 -7.73
CA GLY C 193 -15.17 30.81 -9.08
C GLY C 193 -13.67 30.68 -9.28
N VAL C 194 -13.06 29.65 -8.69
CA VAL C 194 -11.63 29.44 -8.78
C VAL C 194 -11.30 28.10 -9.43
N GLU C 195 -12.23 27.54 -10.21
CA GLU C 195 -12.00 26.24 -10.83
C GLU C 195 -10.81 26.25 -11.76
N LYS C 196 -10.40 27.41 -12.25
CA LYS C 196 -9.28 27.48 -13.18
C LYS C 196 -7.94 27.35 -12.47
N THR C 197 -7.85 27.81 -11.22
CA THR C 197 -6.59 27.89 -10.50
C THR C 197 -6.52 26.98 -9.28
N VAL C 198 -7.59 26.27 -8.94
CA VAL C 198 -7.63 25.41 -7.76
C VAL C 198 -8.21 24.06 -8.15
N GLY C 199 -7.45 22.99 -7.90
CA GLY C 199 -7.90 21.64 -8.16
C GLY C 199 -8.35 20.95 -6.89
N PHE C 200 -8.77 19.69 -7.07
CA PHE C 200 -9.29 18.88 -5.98
C PHE C 200 -8.63 17.51 -6.00
N ILE C 201 -8.41 16.95 -4.81
CA ILE C 201 -7.78 15.64 -4.66
C ILE C 201 -8.46 14.90 -3.52
N PRO C 202 -9.24 13.84 -3.78
CA PRO C 202 -9.71 13.00 -2.68
C PRO C 202 -8.62 12.02 -2.25
N VAL C 203 -8.43 11.90 -0.95
CA VAL C 203 -7.49 10.95 -0.36
C VAL C 203 -8.29 9.97 0.47
N GLY C 204 -8.12 8.68 0.20
CA GLY C 204 -8.94 7.68 0.83
C GLY C 204 -10.36 7.69 0.28
N GLY C 205 -11.15 6.67 0.58
CA GLY C 205 -12.51 6.62 0.12
C GLY C 205 -12.67 6.06 -1.28
N VAL C 206 -11.69 6.33 -2.14
CA VAL C 206 -11.68 5.82 -3.51
C VAL C 206 -10.80 4.58 -3.51
N ARG C 207 -11.44 3.41 -3.55
CA ARG C 207 -10.74 2.13 -3.51
C ARG C 207 -11.03 1.23 -4.70
N THR C 208 -12.13 1.43 -5.40
CA THR C 208 -12.51 0.60 -6.54
C THR C 208 -12.53 1.43 -7.82
N ALA C 209 -12.52 0.73 -8.95
CA ALA C 209 -12.68 1.40 -10.23
C ALA C 209 -14.02 2.11 -10.32
N GLU C 210 -15.05 1.53 -9.71
CA GLU C 210 -16.37 2.17 -9.73
C GLU C 210 -16.38 3.43 -8.87
N ASP C 211 -15.67 3.41 -7.75
CA ASP C 211 -15.53 4.63 -6.95
C ASP C 211 -14.92 5.75 -7.78
N ALA C 212 -13.81 5.46 -8.47
CA ALA C 212 -13.15 6.49 -9.25
C ALA C 212 -14.08 7.08 -10.30
N GLN C 213 -14.92 6.25 -10.91
CA GLN C 213 -15.88 6.76 -11.88
C GLN C 213 -16.92 7.66 -11.21
N LYS C 214 -17.43 7.24 -10.04
CA LYS C 214 -18.38 8.09 -9.33
C LYS C 214 -17.76 9.42 -8.94
N TYR C 215 -16.54 9.40 -8.41
CA TYR C 215 -15.89 10.64 -7.98
C TYR C 215 -15.59 11.56 -9.15
N LEU C 216 -15.25 10.99 -10.32
CA LEU C 216 -15.00 11.82 -11.49
C LEU C 216 -16.31 12.33 -12.10
N ALA C 217 -17.42 11.62 -11.90
CA ALA C 217 -18.70 12.10 -12.41
C ALA C 217 -19.12 13.37 -11.69
N ILE C 218 -18.82 13.48 -10.40
CA ILE C 218 -19.15 14.70 -9.66
C ILE C 218 -18.42 15.89 -10.27
N ALA C 219 -17.15 15.70 -10.64
CA ALA C 219 -16.38 16.78 -11.25
C ALA C 219 -16.97 17.17 -12.60
N ASP C 220 -17.27 16.17 -13.43
CA ASP C 220 -17.86 16.46 -14.74
C ASP C 220 -19.19 17.16 -14.60
N GLU C 221 -20.00 16.76 -13.62
CA GLU C 221 -21.27 17.42 -13.38
C GLU C 221 -21.08 18.88 -13.01
N LEU C 222 -20.15 19.15 -12.08
CA LEU C 222 -20.01 20.50 -11.55
C LEU C 222 -19.25 21.44 -12.48
N PHE C 223 -18.32 20.90 -13.29
CA PHE C 223 -17.41 21.74 -14.07
C PHE C 223 -17.34 21.38 -15.54
N GLY C 224 -18.09 20.39 -16.01
CA GLY C 224 -17.98 19.94 -17.37
C GLY C 224 -16.94 18.84 -17.53
N ALA C 225 -17.02 18.15 -18.67
CA ALA C 225 -16.20 16.97 -18.89
C ALA C 225 -14.74 17.27 -19.15
N ASP C 226 -14.35 18.54 -19.29
CA ASP C 226 -13.00 18.91 -19.65
C ASP C 226 -12.22 19.55 -18.50
N TRP C 227 -12.82 19.68 -17.32
CA TRP C 227 -12.14 20.36 -16.22
C TRP C 227 -11.12 19.47 -15.53
N ALA C 228 -11.48 18.21 -15.27
CA ALA C 228 -10.66 17.31 -14.47
C ALA C 228 -9.51 16.77 -15.31
N ASP C 229 -8.51 17.62 -15.52
CA ASP C 229 -7.25 17.20 -16.11
C ASP C 229 -6.22 17.00 -15.00
N ALA C 230 -5.01 16.56 -15.39
CA ALA C 230 -4.01 16.21 -14.40
C ALA C 230 -3.72 17.36 -13.45
N ARG C 231 -3.91 18.60 -13.89
CA ARG C 231 -3.63 19.75 -13.04
C ARG C 231 -4.73 19.97 -12.00
N HIS C 232 -5.98 19.69 -12.34
CA HIS C 232 -7.12 20.04 -11.49
C HIS C 232 -7.74 18.86 -10.77
N TYR C 233 -7.40 17.62 -11.13
CA TYR C 233 -7.92 16.46 -10.43
C TYR C 233 -6.82 15.42 -10.27
N ALA C 234 -6.87 14.70 -9.13
CA ALA C 234 -5.92 13.63 -8.87
C ALA C 234 -6.49 12.72 -7.80
N PHE C 235 -6.19 11.43 -7.91
CA PHE C 235 -6.59 10.44 -6.92
C PHE C 235 -5.39 10.14 -6.03
N GLY C 236 -5.45 10.59 -4.78
CA GLY C 236 -4.44 10.23 -3.81
C GLY C 236 -4.78 8.92 -3.13
N ALA C 237 -4.22 7.83 -3.63
CA ALA C 237 -4.58 6.50 -3.14
C ALA C 237 -3.37 5.58 -3.21
N SER C 238 -3.48 4.45 -2.53
CA SER C 238 -2.43 3.44 -2.52
C SER C 238 -2.62 2.52 -3.73
N ALA C 239 -1.81 1.47 -3.81
CA ALA C 239 -1.81 0.59 -4.97
C ALA C 239 -3.05 -0.30 -5.05
N SER C 240 -3.87 -0.36 -3.99
CA SER C 240 -5.09 -1.14 -4.07
C SER C 240 -6.03 -0.59 -5.12
N LEU C 241 -6.19 0.74 -5.17
CA LEU C 241 -7.00 1.35 -6.22
C LEU C 241 -6.40 1.07 -7.59
N LEU C 242 -5.07 1.21 -7.72
CA LEU C 242 -4.43 0.91 -8.99
C LEU C 242 -4.71 -0.51 -9.44
N ALA C 243 -4.71 -1.46 -8.51
CA ALA C 243 -5.01 -2.84 -8.86
C ALA C 243 -6.46 -2.98 -9.35
N SER C 244 -7.39 -2.27 -8.70
CA SER C 244 -8.78 -2.33 -9.13
C SER C 244 -8.96 -1.66 -10.48
N LEU C 245 -8.33 -0.49 -10.68
CA LEU C 245 -8.39 0.16 -11.98
C LEU C 245 -7.82 -0.73 -13.07
N LEU C 246 -6.63 -1.29 -12.81
CA LEU C 246 -6.02 -2.19 -13.80
C LEU C 246 -6.87 -3.44 -14.00
N LYS C 247 -7.60 -3.88 -12.98
CA LYS C 247 -8.43 -5.06 -13.13
C LYS C 247 -9.67 -4.77 -13.97
N ALA C 248 -10.14 -3.51 -13.96
CA ALA C 248 -11.21 -3.11 -14.86
C ALA C 248 -10.73 -2.96 -16.29
N LEU C 249 -9.42 -2.95 -16.53
CA LEU C 249 -8.85 -2.85 -17.86
C LEU C 249 -8.35 -4.18 -18.41
N GLY C 250 -8.52 -5.27 -17.64
CA GLY C 250 -8.12 -6.58 -18.11
C GLY C 250 -6.65 -6.89 -17.90
N HIS C 251 -6.15 -6.61 -16.69
CA HIS C 251 -4.77 -6.91 -16.36
C HIS C 251 -4.67 -7.52 -14.96
N LEU D 3 40.10 13.10 36.19
CA LEU D 3 38.91 12.58 35.50
C LEU D 3 37.72 13.52 35.70
N LYS D 4 37.68 14.19 36.85
CA LYS D 4 36.61 15.14 37.13
C LYS D 4 36.66 16.30 36.15
N ALA D 5 37.84 16.92 36.01
CA ALA D 5 37.97 18.04 35.09
C ALA D 5 37.78 17.61 33.64
N SER D 6 38.25 16.41 33.29
CA SER D 6 38.14 15.93 31.92
C SER D 6 36.70 15.55 31.57
N SER D 7 35.87 15.23 32.56
CA SER D 7 34.50 14.82 32.27
C SER D 7 33.60 16.01 31.98
N LEU D 8 33.82 17.14 32.68
CA LEU D 8 33.07 18.35 32.36
C LEU D 8 33.48 18.89 30.99
N ARG D 9 34.78 18.86 30.68
CA ARG D 9 35.25 19.32 29.38
C ARG D 9 34.60 18.51 28.26
N ALA D 10 34.61 17.18 28.39
CA ALA D 10 34.02 16.33 27.36
C ALA D 10 32.52 16.54 27.26
N LEU D 11 31.84 16.74 28.39
CA LEU D 11 30.40 16.94 28.36
C LEU D 11 30.02 18.14 27.51
N LYS D 12 30.71 19.27 27.73
CA LYS D 12 30.39 20.48 26.98
C LYS D 12 30.75 20.35 25.51
N LEU D 13 31.58 19.38 25.14
CA LEU D 13 31.92 19.11 23.76
C LEU D 13 31.03 18.04 23.12
N MET D 14 30.05 17.54 23.84
CA MET D 14 29.23 16.45 23.31
C MET D 14 28.25 16.96 22.26
N HIS D 15 28.07 16.16 21.22
CA HIS D 15 26.99 16.33 20.25
C HIS D 15 26.04 15.16 20.51
N LEU D 16 25.10 15.38 21.42
CA LEU D 16 24.28 14.29 21.96
C LEU D 16 23.35 13.75 20.89
N ALA D 17 23.49 12.47 20.58
CA ALA D 17 22.64 11.77 19.63
C ALA D 17 21.73 10.80 20.37
N THR D 18 20.70 10.33 19.67
CA THR D 18 19.82 9.33 20.25
C THR D 18 20.54 7.98 20.32
N SER D 19 20.01 7.11 21.18
CA SER D 19 20.63 5.81 21.38
C SER D 19 20.56 4.97 20.11
N ALA D 20 21.40 3.94 20.06
CA ALA D 20 21.45 3.07 18.89
C ALA D 20 20.18 2.24 18.78
N ASN D 21 19.73 1.65 19.89
CA ASN D 21 18.53 0.82 19.88
C ASN D 21 17.26 1.63 19.77
N ASP D 22 17.33 2.95 19.90
CA ASP D 22 16.15 3.81 19.86
C ASP D 22 15.99 4.41 18.47
N ASP D 23 14.78 4.31 17.93
CA ASP D 23 14.46 5.00 16.68
C ASP D 23 14.26 6.48 16.96
N ASP D 24 14.66 7.31 15.99
CA ASP D 24 14.43 8.74 16.11
C ASP D 24 12.96 9.05 15.86
N THR D 25 12.29 9.58 16.87
CA THR D 25 10.93 10.06 16.78
C THR D 25 10.84 11.43 17.48
N ASP D 26 9.67 12.06 17.30
CA ASP D 26 9.28 13.35 17.91
C ASP D 26 9.47 13.36 19.41
N GLU D 27 8.99 12.32 20.09
CA GLU D 27 9.11 12.26 21.54
C GLU D 27 10.49 11.78 22.00
N LYS D 28 11.25 11.08 21.16
CA LYS D 28 12.61 10.72 21.52
C LYS D 28 13.59 11.86 21.25
N VAL D 29 13.28 12.72 20.27
CA VAL D 29 14.10 13.90 20.04
C VAL D 29 13.84 14.95 21.12
N ILE D 30 12.58 15.10 21.53
CA ILE D 30 12.27 16.01 22.63
C ILE D 30 12.99 15.57 23.90
N ALA D 31 12.93 14.28 24.21
CA ALA D 31 13.68 13.76 25.36
C ALA D 31 15.17 14.02 25.20
N LEU D 32 15.67 13.92 23.96
CA LEU D 32 17.08 14.23 23.72
C LEU D 32 17.40 15.68 24.05
N CYS D 33 16.56 16.60 23.58
CA CYS D 33 16.77 18.01 23.89
C CYS D 33 16.82 18.25 25.38
N HIS D 34 15.90 17.61 26.13
CA HIS D 34 15.93 17.74 27.59
C HIS D 34 17.22 17.20 28.18
N GLN D 35 17.66 16.03 27.69
CA GLN D 35 18.91 15.46 28.17
C GLN D 35 20.09 16.40 27.91
N ALA D 36 20.01 17.20 26.84
CA ALA D 36 21.10 18.12 26.53
C ALA D 36 21.25 19.20 27.58
N LYS D 37 20.20 19.49 28.36
CA LYS D 37 20.27 20.44 29.46
C LYS D 37 20.60 19.64 30.72
N THR D 38 21.88 19.55 31.04
CA THR D 38 22.36 18.75 32.15
C THR D 38 22.52 19.61 33.39
N PRO D 39 22.57 18.98 34.57
CA PRO D 39 22.79 19.76 35.81
C PRO D 39 24.04 20.62 35.79
N VAL D 40 25.10 20.21 35.09
CA VAL D 40 26.35 20.96 35.06
C VAL D 40 26.46 21.87 33.86
N GLY D 41 25.53 21.82 32.93
CA GLY D 41 25.56 22.67 31.76
C GLY D 41 25.00 21.96 30.55
N THR D 42 25.05 22.66 29.42
CA THR D 42 24.51 22.18 28.17
C THR D 42 25.60 21.54 27.32
N THR D 43 25.23 20.48 26.60
CA THR D 43 26.10 19.97 25.56
C THR D 43 26.22 20.99 24.44
N ASP D 44 27.24 20.81 23.60
CA ASP D 44 27.44 21.76 22.51
C ASP D 44 26.31 21.70 21.50
N ALA D 45 25.81 20.50 21.22
CA ALA D 45 24.82 20.33 20.16
C ALA D 45 24.09 19.01 20.36
N ILE D 46 23.11 18.75 19.50
CA ILE D 46 22.46 17.46 19.38
C ILE D 46 22.68 16.97 17.96
N PHE D 47 22.46 15.67 17.76
CA PHE D 47 22.59 15.04 16.45
C PHE D 47 21.33 14.24 16.19
N ILE D 48 20.58 14.63 15.16
CA ILE D 48 19.27 14.06 14.85
C ILE D 48 19.09 14.04 13.34
N TYR D 49 18.07 13.30 12.89
CA TYR D 49 17.76 13.26 11.48
C TYR D 49 17.19 14.61 11.02
N PRO D 50 17.34 14.94 9.74
CA PRO D 50 16.95 16.30 9.30
C PRO D 50 15.51 16.66 9.60
N ARG D 51 14.57 15.71 9.45
CA ARG D 51 13.16 16.07 9.56
C ARG D 51 12.76 16.46 10.98
N PHE D 52 13.61 16.23 11.98
CA PHE D 52 13.30 16.58 13.35
C PHE D 52 13.95 17.89 13.80
N ILE D 53 14.62 18.60 12.89
CA ILE D 53 15.28 19.85 13.28
C ILE D 53 14.29 20.90 13.74
N PRO D 54 13.15 21.13 13.05
CA PRO D 54 12.24 22.17 13.52
C PRO D 54 11.69 21.92 14.92
N ILE D 55 11.22 20.70 15.21
CA ILE D 55 10.68 20.42 16.53
C ILE D 55 11.78 20.47 17.58
N ALA D 56 12.98 20.02 17.23
CA ALA D 56 14.10 20.11 18.16
C ALA D 56 14.45 21.57 18.43
N ARG D 57 14.51 22.40 17.37
CA ARG D 57 14.79 23.82 17.56
C ARG D 57 13.77 24.45 18.49
N LYS D 58 12.49 24.08 18.34
CA LYS D 58 11.45 24.61 19.22
C LYS D 58 11.66 24.13 20.65
N THR D 59 11.88 22.83 20.83
CA THR D 59 12.06 22.28 22.17
C THR D 59 13.24 22.95 22.87
N LEU D 60 14.38 23.06 22.17
CA LEU D 60 15.56 23.67 22.77
C LEU D 60 15.28 25.11 23.19
N LYS D 61 14.56 25.86 22.35
CA LYS D 61 14.25 27.24 22.68
C LYS D 61 13.30 27.35 23.86
N GLU D 62 12.28 26.48 23.91
CA GLU D 62 11.29 26.57 24.97
C GLU D 62 11.87 26.21 26.33
N GLN D 63 12.86 25.32 26.37
CA GLN D 63 13.49 24.94 27.63
C GLN D 63 14.62 25.89 28.03
N GLY D 64 14.85 26.95 27.26
CA GLY D 64 15.82 27.96 27.66
C GLY D 64 17.24 27.67 27.28
N THR D 65 17.48 26.90 26.21
CA THR D 65 18.82 26.60 25.74
C THR D 65 18.89 26.77 24.22
N PRO D 66 18.69 27.99 23.71
CA PRO D 66 18.84 28.21 22.27
C PRO D 66 20.26 28.00 21.77
N GLU D 67 21.26 28.14 22.64
CA GLU D 67 22.65 28.02 22.22
C GLU D 67 23.03 26.60 21.83
N ILE D 68 22.21 25.60 22.15
CA ILE D 68 22.51 24.22 21.76
C ILE D 68 22.33 24.10 20.25
N ARG D 69 23.40 23.73 19.56
CA ARG D 69 23.38 23.63 18.12
C ARG D 69 22.71 22.32 17.70
N ILE D 70 22.28 22.27 16.44
CA ILE D 70 21.61 21.11 15.87
C ILE D 70 22.45 20.60 14.71
N CYS D 71 22.97 19.37 14.86
CA CYS D 71 23.73 18.70 13.82
C CYS D 71 22.87 17.59 13.20
N THR D 72 23.04 17.38 11.90
CA THR D 72 22.30 16.36 11.18
C THR D 72 23.24 15.68 10.19
N SER D 73 22.69 14.78 9.39
CA SER D 73 23.49 13.97 8.48
C SER D 73 22.78 13.85 7.14
N THR D 74 23.58 13.67 6.09
CA THR D 74 23.07 13.44 4.74
C THR D 74 23.94 12.38 4.07
N ASN D 75 23.43 11.84 2.97
CA ASN D 75 24.07 10.70 2.30
C ASN D 75 24.36 9.61 3.31
N PHE D 76 23.47 9.47 4.31
CA PHE D 76 23.70 8.75 5.55
C PHE D 76 22.80 7.52 5.64
N PRO D 77 23.30 6.39 6.15
CA PRO D 77 24.67 6.10 6.57
C PRO D 77 25.47 5.36 5.50
N HIS D 78 24.88 5.26 4.30
N HIS D 78 24.88 5.26 4.30
CA HIS D 78 25.45 4.42 3.25
CA HIS D 78 25.46 4.42 3.26
C HIS D 78 26.68 5.07 2.63
C HIS D 78 26.68 5.06 2.62
N GLY D 79 26.68 6.38 2.46
CA GLY D 79 27.78 7.06 1.81
C GLY D 79 27.91 6.64 0.35
N ASN D 80 26.84 6.84 -0.42
CA ASN D 80 26.85 6.49 -1.83
C ASN D 80 27.64 7.54 -2.63
N ASP D 81 27.90 7.21 -3.90
CA ASP D 81 28.67 8.07 -4.78
C ASP D 81 27.79 8.88 -5.72
N ASP D 82 26.52 9.05 -5.38
CA ASP D 82 25.57 9.82 -6.21
C ASP D 82 25.54 11.25 -5.66
N ILE D 83 26.19 12.17 -6.37
CA ILE D 83 26.31 13.55 -5.87
C ILE D 83 24.95 14.23 -5.90
N ASP D 84 24.14 13.95 -6.92
CA ASP D 84 22.81 14.57 -6.99
C ASP D 84 22.04 14.33 -5.69
N ILE D 85 22.02 13.08 -5.21
CA ILE D 85 21.28 12.78 -4.00
C ILE D 85 21.92 13.47 -2.80
N ALA D 86 23.23 13.31 -2.62
CA ALA D 86 23.89 13.86 -1.44
C ALA D 86 23.71 15.37 -1.37
N LEU D 87 23.77 16.06 -2.51
CA LEU D 87 23.60 17.51 -2.51
C LEU D 87 22.16 17.90 -2.25
N ALA D 88 21.20 17.18 -2.84
CA ALA D 88 19.80 17.46 -2.59
C ALA D 88 19.46 17.30 -1.12
N GLU D 89 19.90 16.18 -0.52
CA GLU D 89 19.69 15.99 0.91
C GLU D 89 20.35 17.09 1.72
N THR D 90 21.56 17.51 1.33
CA THR D 90 22.25 18.57 2.05
C THR D 90 21.48 19.88 1.97
N ARG D 91 20.98 20.23 0.78
CA ARG D 91 20.21 21.46 0.64
C ARG D 91 18.93 21.41 1.46
N ALA D 92 18.33 20.23 1.60
CA ALA D 92 17.14 20.09 2.43
C ALA D 92 17.47 20.26 3.91
N ALA D 93 18.56 19.62 4.36
CA ALA D 93 18.97 19.77 5.76
C ALA D 93 19.22 21.23 6.11
N ILE D 94 19.76 22.00 5.15
CA ILE D 94 19.95 23.43 5.37
C ILE D 94 18.60 24.11 5.54
N ALA D 95 17.65 23.81 4.65
CA ALA D 95 16.34 24.45 4.71
C ALA D 95 15.61 24.09 5.99
N TYR D 96 15.80 22.86 6.49
CA TYR D 96 15.21 22.51 7.78
C TYR D 96 15.68 23.46 8.88
N GLY D 97 16.94 23.91 8.79
CA GLY D 97 17.49 24.83 9.77
C GLY D 97 18.70 24.27 10.49
N ALA D 98 19.42 23.36 9.84
CA ALA D 98 20.56 22.72 10.47
C ALA D 98 21.69 23.71 10.70
N ASP D 99 22.35 23.59 11.85
CA ASP D 99 23.59 24.33 12.11
C ASP D 99 24.81 23.65 11.49
N SER D 100 24.73 22.35 11.26
CA SER D 100 25.84 21.59 10.68
C SER D 100 25.27 20.37 9.97
N VAL D 101 25.89 20.00 8.85
CA VAL D 101 25.50 18.83 8.08
C VAL D 101 26.70 17.89 7.99
N ALA D 102 26.47 16.62 8.32
CA ALA D 102 27.51 15.60 8.27
C ALA D 102 27.21 14.68 7.08
N VAL D 103 27.87 14.93 5.96
CA VAL D 103 27.73 14.08 4.79
C VAL D 103 28.68 12.91 4.92
N VAL D 104 28.23 11.73 4.50
CA VAL D 104 29.04 10.53 4.56
C VAL D 104 29.89 10.45 3.30
N PHE D 105 31.21 10.40 3.49
CA PHE D 105 32.12 10.26 2.37
C PHE D 105 31.81 9.00 1.58
N PRO D 106 31.94 9.02 0.25
CA PRO D 106 31.79 7.77 -0.52
C PRO D 106 32.98 6.86 -0.34
N TYR D 107 33.06 6.20 0.82
CA TYR D 107 34.27 5.45 1.17
C TYR D 107 34.41 4.18 0.35
N ARG D 108 33.30 3.58 -0.09
CA ARG D 108 33.39 2.41 -0.95
C ARG D 108 33.95 2.77 -2.32
N ALA D 109 33.61 3.96 -2.82
CA ALA D 109 34.19 4.40 -4.10
C ALA D 109 35.68 4.65 -3.98
N LEU D 110 36.12 5.18 -2.84
CA LEU D 110 37.55 5.32 -2.58
C LEU D 110 38.21 3.94 -2.50
N MET D 111 37.60 3.03 -1.74
CA MET D 111 38.15 1.68 -1.62
C MET D 111 38.28 1.00 -2.97
N ALA D 112 37.45 1.37 -3.94
CA ALA D 112 37.48 0.78 -5.27
C ALA D 112 38.35 1.57 -6.24
N GLY D 113 39.01 2.64 -5.79
CA GLY D 113 39.98 3.36 -6.60
C GLY D 113 39.55 4.71 -7.10
N ASN D 114 38.37 5.20 -6.73
CA ASN D 114 37.85 6.47 -7.21
C ASN D 114 38.01 7.51 -6.10
N GLU D 115 39.07 8.30 -6.18
CA GLU D 115 39.25 9.43 -5.27
C GLU D 115 38.46 10.66 -5.70
N GLN D 116 38.17 10.77 -7.00
CA GLN D 116 37.58 12.00 -7.54
C GLN D 116 36.19 12.24 -6.97
N VAL D 117 35.32 11.22 -7.00
CA VAL D 117 33.94 11.42 -6.61
C VAL D 117 33.84 11.94 -5.17
N GLY D 118 34.74 11.47 -4.30
CA GLY D 118 34.73 11.95 -2.94
C GLY D 118 35.04 13.42 -2.83
N PHE D 119 36.01 13.89 -3.61
CA PHE D 119 36.33 15.33 -3.63
C PHE D 119 35.15 16.13 -4.17
N ASP D 120 34.59 15.70 -5.30
CA ASP D 120 33.48 16.44 -5.90
C ASP D 120 32.24 16.43 -5.00
N LEU D 121 31.97 15.29 -4.36
CA LEU D 121 30.78 15.20 -3.52
C LEU D 121 30.89 16.12 -2.32
N VAL D 122 32.02 16.05 -1.60
CA VAL D 122 32.23 16.91 -0.44
C VAL D 122 32.22 18.38 -0.87
N LYS D 123 32.93 18.69 -1.96
CA LYS D 123 33.02 20.07 -2.43
C LYS D 123 31.64 20.63 -2.75
N ALA D 124 30.81 19.87 -3.46
CA ALA D 124 29.49 20.36 -3.77
C ALA D 124 28.69 20.67 -2.51
N CYS D 125 28.81 19.83 -1.49
CA CYS D 125 28.05 20.04 -0.26
C CYS D 125 28.63 21.17 0.58
N LYS D 126 29.95 21.37 0.52
CA LYS D 126 30.55 22.49 1.25
C LYS D 126 30.05 23.82 0.69
N GLU D 127 29.98 23.94 -0.63
CA GLU D 127 29.45 25.16 -1.25
C GLU D 127 28.07 25.50 -0.71
N ALA D 128 27.16 24.53 -0.72
CA ALA D 128 25.81 24.77 -0.23
C ALA D 128 25.82 25.17 1.24
N CYS D 129 26.52 24.39 2.06
CA CYS D 129 26.56 24.68 3.50
C CYS D 129 27.19 26.04 3.77
N ALA D 130 28.33 26.32 3.15
CA ALA D 130 29.04 27.58 3.41
C ALA D 130 28.23 28.78 2.92
N ALA D 131 27.44 28.60 1.87
CA ALA D 131 26.61 29.71 1.38
C ALA D 131 25.52 30.06 2.40
N ALA D 132 25.07 29.07 3.18
CA ALA D 132 24.02 29.28 4.18
C ALA D 132 24.59 29.42 5.59
N ASN D 133 25.89 29.65 5.72
CA ASN D 133 26.54 29.79 7.03
C ASN D 133 26.33 28.54 7.88
N VAL D 134 26.45 27.37 7.24
CA VAL D 134 26.31 26.08 7.90
C VAL D 134 27.62 25.33 7.77
N LEU D 135 28.04 24.69 8.86
CA LEU D 135 29.27 23.90 8.84
C LEU D 135 29.02 22.55 8.17
N LEU D 136 30.01 22.09 7.41
CA LEU D 136 29.96 20.78 6.78
C LEU D 136 30.95 19.86 7.49
N ALA D 137 30.45 18.75 8.02
CA ALA D 137 31.28 17.67 8.51
C ALA D 137 31.26 16.52 7.52
N VAL D 138 32.32 15.75 7.49
CA VAL D 138 32.46 14.61 6.59
C VAL D 138 32.73 13.37 7.42
N ILE D 139 31.88 12.36 7.27
CA ILE D 139 32.02 11.07 7.94
C ILE D 139 32.71 10.14 6.96
N ILE D 140 33.95 9.73 7.25
CA ILE D 140 34.69 8.85 6.36
C ILE D 140 34.49 7.38 6.66
N GLU D 141 33.93 7.04 7.82
CA GLU D 141 33.60 5.67 8.19
C GLU D 141 34.87 4.82 8.29
N THR D 142 35.65 5.11 9.34
CA THR D 142 36.89 4.39 9.57
C THR D 142 36.65 2.90 9.77
N GLY D 143 35.48 2.53 10.31
CA GLY D 143 35.20 1.13 10.55
C GLY D 143 35.24 0.29 9.28
N GLU D 144 34.80 0.86 8.17
CA GLU D 144 34.78 0.14 6.89
C GLU D 144 36.06 0.33 6.11
N LEU D 145 36.66 1.52 6.16
CA LEU D 145 37.96 1.72 5.54
C LEU D 145 39.01 0.82 6.17
N LYS D 146 39.06 0.79 7.51
CA LYS D 146 39.98 -0.06 8.25
C LYS D 146 41.44 0.29 7.94
N ASP D 147 41.86 0.07 6.69
CA ASP D 147 43.23 0.33 6.30
C ASP D 147 43.67 1.73 6.70
N GLU D 148 44.87 1.83 7.26
CA GLU D 148 45.38 3.12 7.73
C GLU D 148 45.54 4.09 6.56
N ALA D 149 46.14 3.64 5.46
CA ALA D 149 46.34 4.54 4.32
C ALA D 149 45.02 5.07 3.78
N LEU D 150 43.99 4.22 3.72
CA LEU D 150 42.69 4.68 3.25
C LEU D 150 42.10 5.73 4.18
N ILE D 151 42.31 5.56 5.49
CA ILE D 151 41.80 6.54 6.45
C ILE D 151 42.46 7.90 6.22
N ARG D 152 43.77 7.91 5.99
CA ARG D 152 44.46 9.16 5.70
C ARG D 152 43.97 9.77 4.40
N LYS D 153 43.88 8.97 3.34
CA LYS D 153 43.49 9.49 2.04
C LYS D 153 42.10 10.11 2.09
N ALA D 154 41.13 9.39 2.67
CA ALA D 154 39.79 9.94 2.82
C ALA D 154 39.82 11.25 3.61
N SER D 155 40.63 11.32 4.66
CA SER D 155 40.77 12.56 5.41
C SER D 155 41.36 13.67 4.55
N GLU D 156 42.43 13.35 3.82
N GLU D 156 42.45 13.36 3.85
CA GLU D 156 43.09 14.36 3.00
CA GLU D 156 43.08 14.35 2.99
C GLU D 156 42.15 14.86 1.89
C GLU D 156 42.10 14.88 1.94
N ILE D 157 41.38 13.96 1.27
CA ILE D 157 40.45 14.37 0.23
C ILE D 157 39.37 15.27 0.81
N SER D 158 38.80 14.88 1.95
CA SER D 158 37.74 15.66 2.57
C SER D 158 38.24 17.05 2.95
N ILE D 159 39.43 17.13 3.54
CA ILE D 159 39.99 18.42 3.93
C ILE D 159 40.22 19.29 2.69
N LYS D 160 40.78 18.71 1.63
CA LYS D 160 41.00 19.47 0.40
C LYS D 160 39.69 20.00 -0.16
N ALA D 161 38.63 19.20 -0.11
CA ALA D 161 37.34 19.60 -0.67
C ALA D 161 36.61 20.63 0.20
N GLY D 162 37.14 20.96 1.37
CA GLY D 162 36.58 21.99 2.21
C GLY D 162 35.90 21.53 3.49
N ALA D 163 36.16 20.29 3.94
CA ALA D 163 35.53 19.81 5.16
C ALA D 163 35.87 20.71 6.34
N ASP D 164 34.84 21.12 7.09
CA ASP D 164 35.07 21.89 8.31
C ASP D 164 35.34 20.99 9.51
N ASN D 165 34.82 19.77 9.48
CA ASN D 165 35.11 18.74 10.46
C ASN D 165 35.21 17.41 9.75
N ILE D 166 36.04 16.52 10.28
CA ILE D 166 36.13 15.14 9.80
C ILE D 166 35.71 14.22 10.92
N VAL D 167 34.85 13.26 10.59
CA VAL D 167 34.20 12.40 11.56
C VAL D 167 34.54 10.95 11.25
N THR D 168 34.72 10.15 12.30
CA THR D 168 35.21 8.79 12.11
C THR D 168 34.14 7.88 11.50
N SER D 169 32.94 7.88 12.09
CA SER D 169 31.98 6.83 11.83
C SER D 169 30.56 7.39 11.83
N THR D 170 29.66 6.58 11.28
CA THR D 170 28.23 6.89 11.26
C THR D 170 27.51 6.37 12.50
N GLY D 171 28.05 5.33 13.14
CA GLY D 171 27.38 4.67 14.23
C GLY D 171 26.47 3.53 13.82
N LYS D 172 26.28 3.33 12.51
CA LYS D 172 25.43 2.26 12.00
C LYS D 172 26.22 1.08 11.47
N VAL D 173 27.53 1.03 11.74
CA VAL D 173 28.37 -0.10 11.36
C VAL D 173 28.97 -0.70 12.63
N ALA D 174 29.53 -1.90 12.48
CA ALA D 174 30.00 -2.66 13.63
C ALA D 174 31.06 -1.88 14.40
N VAL D 175 32.08 -1.37 13.70
CA VAL D 175 33.22 -0.71 14.32
C VAL D 175 33.07 0.79 14.14
N GLY D 176 33.16 1.53 15.24
CA GLY D 176 33.15 2.98 15.23
C GLY D 176 34.56 3.53 15.33
N ALA D 177 34.72 4.56 16.15
CA ALA D 177 36.03 5.16 16.36
C ALA D 177 36.86 4.27 17.28
N THR D 178 38.17 4.26 17.02
CA THR D 178 39.14 3.63 17.89
C THR D 178 40.24 4.65 18.19
N PRO D 179 40.98 4.46 19.28
CA PRO D 179 42.10 5.38 19.55
C PRO D 179 43.09 5.44 18.41
N GLU D 180 43.21 4.36 17.62
CA GLU D 180 44.15 4.33 16.52
C GLU D 180 43.64 5.15 15.33
N SER D 181 42.36 5.01 14.99
CA SER D 181 41.82 5.75 13.85
C SER D 181 41.69 7.24 14.15
N ALA D 182 41.38 7.59 15.40
CA ALA D 182 41.32 9.00 15.77
C ALA D 182 42.68 9.67 15.64
N ARG D 183 43.72 9.00 16.13
CA ARG D 183 45.07 9.56 16.03
C ARG D 183 45.48 9.77 14.57
N ILE D 184 45.14 8.81 13.70
CA ILE D 184 45.47 8.94 12.29
C ILE D 184 44.81 10.18 11.71
N MET D 185 43.51 10.34 11.97
CA MET D 185 42.77 11.46 11.40
C MET D 185 43.28 12.79 11.93
N MET D 186 43.59 12.86 13.22
CA MET D 186 44.10 14.10 13.78
C MET D 186 45.52 14.38 13.29
N GLU D 187 46.30 13.34 12.99
CA GLU D 187 47.61 13.55 12.40
C GLU D 187 47.50 14.23 11.05
N VAL D 188 46.47 13.89 10.27
CA VAL D 188 46.27 14.53 8.97
C VAL D 188 45.97 16.02 9.15
N ILE D 189 45.14 16.36 10.14
CA ILE D 189 44.85 17.76 10.41
C ILE D 189 46.13 18.51 10.74
N ARG D 190 47.04 17.87 11.47
CA ARG D 190 48.32 18.50 11.82
C ARG D 190 49.26 18.52 10.63
N ASP D 191 49.37 17.40 9.91
CA ASP D 191 50.33 17.31 8.81
C ASP D 191 49.97 18.25 7.68
N MET D 192 48.68 18.51 7.47
CA MET D 192 48.23 19.45 6.45
C MET D 192 48.16 20.88 6.96
N GLY D 193 48.41 21.09 8.25
CA GLY D 193 48.42 22.44 8.81
C GLY D 193 47.07 23.14 8.79
N VAL D 194 45.99 22.42 9.07
CA VAL D 194 44.65 22.98 9.01
C VAL D 194 43.97 22.88 10.37
N GLU D 195 44.77 22.87 11.43
CA GLU D 195 44.19 22.74 12.77
C GLU D 195 43.36 23.96 13.15
N LYS D 196 43.52 25.08 12.44
CA LYS D 196 42.69 26.25 12.71
C LYS D 196 41.32 26.14 12.03
N THR D 197 41.22 25.40 10.93
CA THR D 197 40.01 25.37 10.12
C THR D 197 39.27 24.04 10.14
N VAL D 198 39.90 22.96 10.59
CA VAL D 198 39.32 21.62 10.54
C VAL D 198 39.33 21.03 11.94
N GLY D 199 38.16 20.57 12.39
CA GLY D 199 38.02 19.88 13.64
C GLY D 199 37.83 18.38 13.46
N PHE D 200 37.74 17.69 14.60
CA PHE D 200 37.65 16.23 14.63
C PHE D 200 36.52 15.80 15.54
N ILE D 201 35.88 14.68 15.18
CA ILE D 201 34.74 14.15 15.93
C ILE D 201 34.79 12.63 15.91
N PRO D 202 35.03 11.97 17.04
CA PRO D 202 34.85 10.51 17.09
C PRO D 202 33.39 10.15 17.30
N VAL D 203 32.95 9.11 16.59
CA VAL D 203 31.62 8.55 16.75
C VAL D 203 31.77 7.09 17.12
N GLY D 204 31.10 6.67 18.18
CA GLY D 204 31.32 5.34 18.73
C GLY D 204 32.69 5.24 19.35
N GLY D 205 32.98 4.14 20.05
CA GLY D 205 34.26 3.94 20.68
C GLY D 205 34.48 4.71 21.96
N VAL D 206 33.72 5.78 22.20
CA VAL D 206 33.84 6.57 23.41
C VAL D 206 32.61 6.25 24.26
N ARG D 207 32.80 5.40 25.26
CA ARG D 207 31.69 4.87 26.05
C ARG D 207 31.69 5.30 27.51
N THR D 208 32.86 5.61 28.09
CA THR D 208 32.97 5.95 29.50
C THR D 208 33.74 7.26 29.65
N ALA D 209 33.73 7.79 30.87
CA ALA D 209 34.51 8.98 31.16
C ALA D 209 36.00 8.73 30.96
N GLU D 210 36.46 7.50 31.25
CA GLU D 210 37.86 7.17 30.98
C GLU D 210 38.16 7.24 29.49
N ASP D 211 37.24 6.75 28.66
CA ASP D 211 37.42 6.84 27.22
C ASP D 211 37.55 8.28 26.76
N ALA D 212 36.63 9.15 27.20
CA ALA D 212 36.67 10.54 26.78
C ALA D 212 38.00 11.18 27.16
N GLN D 213 38.50 10.90 28.36
CA GLN D 213 39.80 11.42 28.77
C GLN D 213 40.91 10.93 27.84
N LYS D 214 40.86 9.65 27.48
CA LYS D 214 41.87 9.09 26.57
C LYS D 214 41.84 9.81 25.23
N TYR D 215 40.65 10.01 24.67
CA TYR D 215 40.54 10.62 23.35
C TYR D 215 40.94 12.09 23.37
N LEU D 216 40.58 12.81 24.44
CA LEU D 216 40.99 14.21 24.53
C LEU D 216 42.50 14.34 24.73
N ALA D 217 43.12 13.40 25.45
CA ALA D 217 44.56 13.44 25.64
C ALA D 217 45.30 13.38 24.31
N ILE D 218 44.76 12.65 23.33
CA ILE D 218 45.39 12.60 22.02
C ILE D 218 45.37 13.99 21.37
N ALA D 219 44.25 14.69 21.49
CA ALA D 219 44.16 16.04 20.93
C ALA D 219 45.14 16.98 21.61
N ASP D 220 45.20 16.93 22.94
CA ASP D 220 46.13 17.78 23.68
C ASP D 220 47.57 17.49 23.29
N GLU D 221 47.89 16.21 23.08
CA GLU D 221 49.25 15.84 22.72
C GLU D 221 49.63 16.40 21.36
N LEU D 222 48.74 16.27 20.37
CA LEU D 222 49.10 16.61 19.00
C LEU D 222 49.04 18.11 18.75
N PHE D 223 48.06 18.82 19.31
CA PHE D 223 47.85 20.22 19.03
C PHE D 223 48.05 21.14 20.22
N GLY D 224 48.17 20.61 21.42
CA GLY D 224 48.15 21.42 22.61
C GLY D 224 46.78 21.40 23.26
N ALA D 225 46.75 21.62 24.58
CA ALA D 225 45.53 21.48 25.34
C ALA D 225 44.51 22.57 25.04
N ASP D 226 44.90 23.63 24.33
CA ASP D 226 43.97 24.70 23.99
C ASP D 226 43.21 24.46 22.69
N TRP D 227 43.59 23.44 21.92
CA TRP D 227 43.02 23.28 20.58
C TRP D 227 41.61 22.71 20.62
N ALA D 228 41.35 21.73 21.48
CA ALA D 228 40.09 21.00 21.47
C ALA D 228 39.01 21.84 22.16
N ASP D 229 38.53 22.84 21.44
CA ASP D 229 37.39 23.64 21.86
C ASP D 229 36.14 23.16 21.13
N ALA D 230 35.01 23.84 21.40
CA ALA D 230 33.74 23.40 20.83
C ALA D 230 33.77 23.35 19.32
N ARG D 231 34.57 24.21 18.68
CA ARG D 231 34.62 24.25 17.23
C ARG D 231 35.43 23.09 16.67
N HIS D 232 36.50 22.70 17.34
CA HIS D 232 37.46 21.75 16.78
C HIS D 232 37.38 20.36 17.37
N TYR D 233 36.56 20.14 18.39
CA TYR D 233 36.42 18.81 18.96
C TYR D 233 34.99 18.62 19.46
N ALA D 234 34.46 17.43 19.23
CA ALA D 234 33.12 17.09 19.72
C ALA D 234 33.00 15.58 19.79
N PHE D 235 32.27 15.10 20.79
CA PHE D 235 31.99 13.68 20.97
C PHE D 235 30.61 13.39 20.38
N GLY D 236 30.57 12.62 19.31
CA GLY D 236 29.31 12.12 18.78
C GLY D 236 28.90 10.85 19.48
N ALA D 237 28.02 10.96 20.48
CA ALA D 237 27.65 9.81 21.30
C ALA D 237 26.25 10.03 21.87
N SER D 238 25.74 8.98 22.51
CA SER D 238 24.39 8.95 23.05
C SER D 238 24.41 9.18 24.57
N ALA D 239 23.26 8.97 25.20
CA ALA D 239 23.11 9.27 26.62
C ALA D 239 23.97 8.40 27.52
N SER D 240 24.39 7.22 27.05
CA SER D 240 25.18 6.34 27.91
C SER D 240 26.54 6.95 28.21
N LEU D 241 27.14 7.64 27.24
CA LEU D 241 28.37 8.37 27.53
C LEU D 241 28.10 9.55 28.45
N LEU D 242 27.04 10.32 28.15
CA LEU D 242 26.71 11.46 28.99
C LEU D 242 26.50 11.05 30.43
N ALA D 243 25.80 9.93 30.66
CA ALA D 243 25.59 9.45 32.02
C ALA D 243 26.90 9.15 32.71
N SER D 244 27.85 8.55 31.99
CA SER D 244 29.15 8.27 32.58
C SER D 244 29.88 9.56 32.93
N LEU D 245 29.79 10.57 32.06
CA LEU D 245 30.41 11.86 32.36
C LEU D 245 29.77 12.50 33.59
N LEU D 246 28.43 12.47 33.67
CA LEU D 246 27.74 13.03 34.83
C LEU D 246 28.09 12.27 36.10
N LYS D 247 28.24 10.94 36.00
CA LYS D 247 28.59 10.15 37.18
C LYS D 247 29.95 10.55 37.72
N ALA D 248 30.94 10.69 36.83
CA ALA D 248 32.27 11.13 37.26
C ALA D 248 32.27 12.54 37.81
N LEU D 249 31.20 13.30 37.62
CA LEU D 249 31.09 14.66 38.12
C LEU D 249 30.22 14.75 39.38
N GLY D 250 29.60 13.65 39.79
CA GLY D 250 28.80 13.65 41.02
C GLY D 250 27.33 13.88 40.78
N HIS D 251 26.76 13.17 39.81
CA HIS D 251 25.33 13.29 39.52
C HIS D 251 24.77 11.97 39.04
N LEU E 3 20.76 -7.12 9.01
CA LEU E 3 19.91 -7.88 9.94
C LEU E 3 20.32 -9.35 9.94
N LYS E 4 20.82 -9.83 8.79
CA LYS E 4 21.28 -11.22 8.72
C LYS E 4 22.50 -11.44 9.60
N ALA E 5 23.37 -10.43 9.73
CA ALA E 5 24.55 -10.57 10.57
C ALA E 5 24.15 -10.70 12.04
N SER E 6 23.25 -9.84 12.51
CA SER E 6 22.85 -9.88 13.91
C SER E 6 22.04 -11.13 14.22
N SER E 7 21.20 -11.57 13.28
CA SER E 7 20.35 -12.73 13.52
C SER E 7 21.19 -13.98 13.75
N LEU E 8 22.15 -14.25 12.86
CA LEU E 8 23.06 -15.37 13.08
C LEU E 8 23.79 -15.21 14.41
N ARG E 9 24.26 -14.00 14.71
CA ARG E 9 24.94 -13.75 15.97
C ARG E 9 24.03 -14.08 17.14
N ALA E 10 22.78 -13.63 17.10
CA ALA E 10 21.85 -13.87 18.20
C ALA E 10 21.54 -15.35 18.35
N LEU E 11 21.39 -16.05 17.23
CA LEU E 11 21.08 -17.48 17.28
C LEU E 11 22.16 -18.24 18.05
N LYS E 12 23.43 -17.96 17.74
CA LYS E 12 24.53 -18.61 18.45
C LYS E 12 24.56 -18.24 19.92
N LEU E 13 23.88 -17.17 20.32
CA LEU E 13 23.80 -16.74 21.70
C LEU E 13 22.53 -17.22 22.39
N MET E 14 21.68 -17.96 21.71
CA MET E 14 20.42 -18.37 22.32
C MET E 14 20.63 -19.45 23.36
N HIS E 15 19.88 -19.36 24.45
CA HIS E 15 19.69 -20.45 25.40
C HIS E 15 18.24 -20.89 25.21
N LEU E 16 18.04 -21.84 24.31
CA LEU E 16 16.70 -22.21 23.86
C LEU E 16 15.92 -22.85 25.00
N ALA E 17 14.75 -22.28 25.31
CA ALA E 17 13.95 -22.71 26.44
C ALA E 17 12.61 -23.28 25.96
N THR E 18 12.05 -24.18 26.75
CA THR E 18 10.70 -24.67 26.50
C THR E 18 9.71 -23.51 26.63
N SER E 19 8.74 -23.47 25.73
CA SER E 19 7.77 -22.37 25.70
C SER E 19 6.92 -22.35 26.97
N ASP E 24 6.19 -29.43 31.12
CA ASP E 24 7.43 -29.89 30.52
C ASP E 24 7.50 -31.42 30.56
N THR E 25 8.02 -32.02 29.50
CA THR E 25 8.04 -33.46 29.35
C THR E 25 9.36 -33.91 28.73
N ASP E 26 9.64 -35.21 28.85
CA ASP E 26 10.82 -35.77 28.19
C ASP E 26 10.74 -35.55 26.69
N GLU E 27 9.58 -35.81 26.09
CA GLU E 27 9.44 -35.68 24.65
C GLU E 27 9.67 -34.23 24.21
N LYS E 28 9.10 -33.28 24.94
CA LYS E 28 9.29 -31.88 24.58
C LYS E 28 10.75 -31.45 24.74
N VAL E 29 11.44 -31.98 25.74
CA VAL E 29 12.86 -31.64 25.91
C VAL E 29 13.70 -32.28 24.81
N ILE E 30 13.39 -33.53 24.46
CA ILE E 30 14.08 -34.16 23.33
C ILE E 30 13.89 -33.33 22.07
N ALA E 31 12.65 -32.90 21.80
CA ALA E 31 12.40 -32.05 20.65
C ALA E 31 13.16 -30.74 20.76
N LEU E 32 13.24 -30.17 21.97
CA LEU E 32 13.99 -28.93 22.16
C LEU E 32 15.46 -29.13 21.79
N CYS E 33 16.04 -30.28 22.15
CA CYS E 33 17.42 -30.56 21.79
C CYS E 33 17.60 -30.55 20.27
N HIS E 34 16.64 -31.11 19.54
CA HIS E 34 16.73 -31.14 18.08
C HIS E 34 16.61 -29.73 17.51
N GLN E 35 15.77 -28.88 18.11
CA GLN E 35 15.63 -27.52 17.62
C GLN E 35 16.95 -26.76 17.77
N ALA E 36 17.66 -26.98 18.88
CA ALA E 36 18.91 -26.27 19.12
C ALA E 36 19.92 -26.53 18.00
N LYS E 37 19.81 -27.67 17.32
CA LYS E 37 20.67 -27.99 16.17
C LYS E 37 19.97 -27.45 14.93
N THR E 38 20.30 -26.21 14.56
CA THR E 38 19.62 -25.52 13.48
C THR E 38 20.38 -25.66 12.18
N PRO E 39 19.73 -25.35 11.05
CA PRO E 39 20.43 -25.38 9.76
C PRO E 39 21.76 -24.62 9.76
N VAL E 40 21.83 -23.47 10.43
CA VAL E 40 22.99 -22.60 10.35
C VAL E 40 23.97 -22.79 11.50
N GLY E 41 23.70 -23.71 12.41
CA GLY E 41 24.57 -23.96 13.55
C GLY E 41 23.76 -24.26 14.78
N THR E 42 24.44 -24.28 15.92
CA THR E 42 23.82 -24.61 17.20
C THR E 42 23.63 -23.37 18.04
N THR E 43 22.62 -23.41 18.90
CA THR E 43 22.50 -22.42 19.96
C THR E 43 23.55 -22.69 21.04
N ASP E 44 23.82 -21.67 21.86
CA ASP E 44 24.82 -21.84 22.91
C ASP E 44 24.39 -22.91 23.90
N ALA E 45 23.13 -22.89 24.31
CA ALA E 45 22.67 -23.82 25.34
C ALA E 45 21.16 -24.02 25.19
N ILE E 46 20.63 -24.90 26.03
CA ILE E 46 19.19 -25.05 26.22
C ILE E 46 18.88 -24.75 27.68
N PHE E 47 17.62 -24.43 27.94
CA PHE E 47 17.15 -24.12 29.29
C PHE E 47 16.00 -25.07 29.62
N ILE E 48 16.20 -25.92 30.62
CA ILE E 48 15.24 -26.94 30.98
C ILE E 48 15.24 -27.11 32.49
N TYR E 49 14.19 -27.76 33.00
CA TYR E 49 14.12 -28.06 34.42
C TYR E 49 15.19 -29.09 34.79
N PRO E 50 15.65 -29.10 36.04
CA PRO E 50 16.77 -29.98 36.41
C PRO E 50 16.55 -31.45 36.07
N ARG E 51 15.34 -31.97 36.29
CA ARG E 51 15.11 -33.41 36.15
C ARG E 51 15.19 -33.88 34.70
N PHE E 52 15.30 -32.98 33.72
CA PHE E 52 15.40 -33.35 32.32
C PHE E 52 16.83 -33.24 31.80
N ILE E 53 17.79 -32.93 32.67
CA ILE E 53 19.18 -32.71 32.24
C ILE E 53 19.79 -34.03 31.76
N PRO E 54 19.66 -35.13 32.50
CA PRO E 54 20.26 -36.39 32.02
C PRO E 54 19.77 -36.80 30.64
N ILE E 55 18.46 -36.79 30.41
CA ILE E 55 17.94 -37.21 29.10
C ILE E 55 18.32 -36.20 28.03
N ALA E 56 18.39 -34.92 28.39
CA ALA E 56 18.81 -33.91 27.41
C ALA E 56 20.26 -34.11 27.01
N ARG E 57 21.13 -34.41 27.97
CA ARG E 57 22.54 -34.64 27.65
C ARG E 57 22.68 -35.78 26.65
N LYS E 58 22.01 -36.91 26.92
CA LYS E 58 22.05 -38.04 26.00
C LYS E 58 21.60 -37.62 24.61
N THR E 59 20.45 -36.94 24.52
CA THR E 59 19.92 -36.55 23.22
C THR E 59 20.92 -35.69 22.44
N LEU E 60 21.58 -34.75 23.13
CA LEU E 60 22.55 -33.90 22.47
C LEU E 60 23.75 -34.71 21.97
N LYS E 61 24.22 -35.65 22.79
CA LYS E 61 25.35 -36.48 22.38
C LYS E 61 25.01 -37.32 21.15
N GLU E 62 23.81 -37.90 21.13
CA GLU E 62 23.44 -38.81 20.05
C GLU E 62 23.15 -38.10 18.73
N GLN E 63 23.02 -36.78 18.74
CA GLN E 63 22.84 -36.01 17.52
C GLN E 63 24.09 -35.26 17.09
N GLY E 64 25.21 -35.49 17.77
CA GLY E 64 26.47 -34.89 17.38
C GLY E 64 26.62 -33.44 17.79
N THR E 65 26.03 -33.04 18.91
CA THR E 65 26.16 -31.67 19.42
C THR E 65 26.39 -31.70 20.93
N PRO E 66 27.51 -32.29 21.38
CA PRO E 66 27.83 -32.23 22.81
C PRO E 66 28.20 -30.83 23.28
N GLU E 67 28.51 -29.91 22.35
CA GLU E 67 28.93 -28.58 22.74
C GLU E 67 27.78 -27.72 23.27
N ILE E 68 26.54 -28.10 22.98
CA ILE E 68 25.39 -27.34 23.46
C ILE E 68 25.30 -27.51 24.97
N ARG E 69 25.44 -26.41 25.70
CA ARG E 69 25.41 -26.44 27.16
C ARG E 69 23.97 -26.59 27.65
N ILE E 70 23.83 -26.98 28.91
CA ILE E 70 22.54 -27.21 29.54
C ILE E 70 22.43 -26.30 30.75
N CYS E 71 21.46 -25.40 30.73
CA CYS E 71 21.19 -24.48 31.82
C CYS E 71 19.86 -24.84 32.47
N THR E 72 19.78 -24.63 33.79
CA THR E 72 18.57 -24.91 34.54
C THR E 72 18.37 -23.80 35.57
N SER E 73 17.43 -24.01 36.48
CA SER E 73 17.06 -23.01 37.47
C SER E 73 16.78 -23.67 38.81
N THR E 74 16.97 -22.90 39.88
CA THR E 74 16.67 -23.34 41.23
C THR E 74 16.05 -22.18 42.00
N ASN E 75 15.49 -22.49 43.17
CA ASN E 75 14.72 -21.52 43.93
C ASN E 75 13.66 -20.87 43.04
N PHE E 76 13.13 -21.65 42.11
CA PHE E 76 12.46 -21.15 40.92
C PHE E 76 10.99 -21.56 40.90
N PRO E 77 10.08 -20.67 40.50
CA PRO E 77 10.26 -19.26 40.12
C PRO E 77 10.02 -18.30 41.27
N HIS E 78 9.67 -18.87 42.44
CA HIS E 78 9.22 -18.07 43.57
C HIS E 78 10.32 -17.14 44.07
N GLY E 79 11.57 -17.61 44.10
CA GLY E 79 12.64 -16.82 44.68
C GLY E 79 12.42 -16.57 46.16
N ASN E 80 12.17 -17.63 46.92
CA ASN E 80 11.96 -17.50 48.35
C ASN E 80 13.28 -17.20 49.07
N ASP E 81 13.19 -16.93 50.36
CA ASP E 81 14.33 -16.49 51.16
C ASP E 81 14.90 -17.59 52.03
N ASP E 82 14.70 -18.86 51.66
CA ASP E 82 15.24 -20.00 52.40
C ASP E 82 16.52 -20.45 51.71
N ILE E 83 17.66 -20.23 52.37
CA ILE E 83 18.95 -20.55 51.77
C ILE E 83 19.15 -22.06 51.71
N ASP E 84 18.79 -22.77 52.78
CA ASP E 84 19.01 -24.22 52.81
C ASP E 84 18.29 -24.91 51.65
N ILE E 85 17.09 -24.42 51.29
CA ILE E 85 16.35 -25.03 50.18
C ILE E 85 16.98 -24.63 48.85
N ALA E 86 17.33 -23.35 48.69
CA ALA E 86 17.94 -22.90 47.45
C ALA E 86 19.26 -23.62 47.19
N LEU E 87 20.05 -23.82 48.24
CA LEU E 87 21.35 -24.49 48.07
C LEU E 87 21.17 -25.96 47.71
N ALA E 88 20.28 -26.65 48.43
CA ALA E 88 20.05 -28.07 48.15
C ALA E 88 19.60 -28.28 46.71
N GLU E 89 18.61 -27.49 46.27
CA GLU E 89 18.18 -27.56 44.87
C GLU E 89 19.34 -27.27 43.93
N THR E 90 20.19 -26.30 44.29
CA THR E 90 21.37 -26.01 43.47
C THR E 90 22.34 -27.18 43.48
N ARG E 91 22.54 -27.81 44.64
CA ARG E 91 23.37 -29.01 44.66
C ARG E 91 22.75 -30.12 43.83
N ALA E 92 21.42 -30.24 43.84
CA ALA E 92 20.76 -31.24 43.03
C ALA E 92 20.93 -30.95 41.55
N ALA E 93 20.77 -29.69 41.14
CA ALA E 93 20.98 -29.34 39.74
C ALA E 93 22.40 -29.70 39.30
N ILE E 94 23.37 -29.50 40.18
CA ILE E 94 24.75 -29.86 39.86
C ILE E 94 24.87 -31.36 39.66
N ALA E 95 24.38 -32.14 40.62
CA ALA E 95 24.47 -33.61 40.50
C ALA E 95 23.73 -34.11 39.27
N TYR E 96 22.68 -33.41 38.84
CA TYR E 96 22.02 -33.77 37.59
C TYR E 96 22.98 -33.66 36.42
N GLY E 97 23.88 -32.67 36.45
CA GLY E 97 24.84 -32.48 35.38
C GLY E 97 24.73 -31.11 34.72
N ALA E 98 24.17 -30.15 35.44
CA ALA E 98 23.96 -28.83 34.87
C ALA E 98 25.29 -28.15 34.55
N ASP E 99 25.34 -27.48 33.40
CA ASP E 99 26.47 -26.62 33.07
C ASP E 99 26.34 -25.24 33.73
N SER E 100 25.11 -24.82 34.03
CA SER E 100 24.86 -23.55 34.70
C SER E 100 23.56 -23.66 35.47
N VAL E 101 23.50 -22.93 36.59
CA VAL E 101 22.33 -22.91 37.46
C VAL E 101 21.92 -21.46 37.66
N ALA E 102 20.64 -21.17 37.41
CA ALA E 102 20.09 -19.83 37.55
C ALA E 102 19.19 -19.82 38.78
N VAL E 103 19.73 -19.39 39.91
CA VAL E 103 18.96 -19.29 41.14
C VAL E 103 18.18 -17.98 41.13
N VAL E 104 16.96 -18.02 41.63
CA VAL E 104 16.11 -16.83 41.66
C VAL E 104 16.46 -16.01 42.90
N PHE E 105 16.81 -14.75 42.68
CA PHE E 105 17.13 -13.87 43.79
C PHE E 105 15.92 -13.68 44.69
N PRO E 106 16.10 -13.65 46.02
CA PRO E 106 14.97 -13.35 46.90
C PRO E 106 14.56 -11.89 46.79
N TYR E 107 13.84 -11.54 45.72
CA TYR E 107 13.57 -10.13 45.44
C TYR E 107 12.55 -9.54 46.40
N ARG E 108 11.62 -10.35 46.91
CA ARG E 108 10.66 -9.82 47.88
C ARG E 108 11.33 -9.49 49.20
N ALA E 109 12.33 -10.28 49.60
CA ALA E 109 13.09 -9.94 50.80
C ALA E 109 13.81 -8.60 50.61
N LEU E 110 14.36 -8.35 49.42
CA LEU E 110 14.98 -7.07 49.15
C LEU E 110 13.95 -5.94 49.17
N MET E 111 12.79 -6.17 48.54
CA MET E 111 11.74 -5.14 48.53
C MET E 111 11.23 -4.86 49.94
N ALA E 112 11.27 -5.84 50.83
CA ALA E 112 10.87 -5.64 52.21
C ALA E 112 11.96 -4.99 53.05
N GLY E 113 13.17 -4.82 52.50
CA GLY E 113 14.26 -4.18 53.21
C GLY E 113 15.39 -5.09 53.62
N ASN E 114 15.36 -6.37 53.24
CA ASN E 114 16.37 -7.34 53.64
C ASN E 114 17.35 -7.51 52.48
N GLU E 115 18.47 -6.77 52.54
CA GLU E 115 19.52 -6.92 51.55
C GLU E 115 20.46 -8.07 51.86
N GLN E 116 20.50 -8.52 53.11
CA GLN E 116 21.50 -9.50 53.52
C GLN E 116 21.18 -10.90 52.99
N VAL E 117 19.92 -11.32 53.12
CA VAL E 117 19.57 -12.69 52.74
C VAL E 117 19.87 -12.93 51.27
N GLY E 118 19.66 -11.92 50.42
CA GLY E 118 20.00 -12.06 49.01
C GLY E 118 21.49 -12.32 48.81
N PHE E 119 22.33 -11.60 49.54
CA PHE E 119 23.77 -11.82 49.42
C PHE E 119 24.16 -13.22 49.89
N ASP E 120 23.70 -13.61 51.08
CA ASP E 120 24.07 -14.92 51.61
C ASP E 120 23.56 -16.05 50.73
N LEU E 121 22.33 -15.92 50.21
CA LEU E 121 21.76 -16.99 49.39
C LEU E 121 22.57 -17.17 48.10
N VAL E 122 22.82 -16.08 47.38
CA VAL E 122 23.59 -16.17 46.15
C VAL E 122 25.00 -16.67 46.44
N LYS E 123 25.59 -16.21 47.55
CA LYS E 123 26.96 -16.61 47.89
C LYS E 123 27.06 -18.11 48.08
N ALA E 124 26.11 -18.68 48.85
CA ALA E 124 26.16 -20.12 49.12
C ALA E 124 26.04 -20.93 47.83
N CYS E 125 25.09 -20.57 46.98
CA CYS E 125 24.92 -21.31 45.73
C CYS E 125 26.13 -21.16 44.82
N LYS E 126 26.77 -19.99 44.83
CA LYS E 126 27.95 -19.78 44.00
C LYS E 126 29.08 -20.70 44.43
N GLU E 127 29.29 -20.84 45.74
CA GLU E 127 30.36 -21.71 46.22
C GLU E 127 30.13 -23.16 45.78
N ALA E 128 28.90 -23.65 45.92
CA ALA E 128 28.60 -24.99 45.45
C ALA E 128 28.81 -25.12 43.94
N CYS E 129 28.36 -24.11 43.19
CA CYS E 129 28.53 -24.16 41.73
C CYS E 129 30.00 -24.04 41.35
N ALA E 130 30.69 -23.04 41.91
CA ALA E 130 32.11 -22.86 41.58
C ALA E 130 32.92 -24.11 41.91
N ALA E 131 32.58 -24.78 43.02
CA ALA E 131 33.30 -25.99 43.40
C ALA E 131 33.16 -27.10 42.37
N ALA E 132 32.07 -27.09 41.58
CA ALA E 132 31.83 -28.10 40.56
C ALA E 132 32.10 -27.58 39.16
N ASN E 133 32.71 -26.41 39.02
CA ASN E 133 32.95 -25.79 37.72
C ASN E 133 31.63 -25.57 36.97
N VAL E 134 30.60 -25.19 37.72
CA VAL E 134 29.30 -24.84 37.15
C VAL E 134 29.10 -23.34 37.32
N LEU E 135 28.62 -22.69 36.27
CA LEU E 135 28.32 -21.26 36.35
C LEU E 135 27.04 -21.03 37.15
N LEU E 136 27.01 -19.93 37.89
CA LEU E 136 25.83 -19.52 38.65
C LEU E 136 25.27 -18.23 38.08
N ALA E 137 24.05 -18.30 37.56
CA ALA E 137 23.30 -17.12 37.17
C ALA E 137 22.31 -16.77 38.26
N VAL E 138 21.92 -15.50 38.29
CA VAL E 138 20.99 -14.99 39.30
C VAL E 138 19.87 -14.24 38.58
N ILE E 139 18.64 -14.74 38.74
CA ILE E 139 17.46 -14.07 38.20
C ILE E 139 16.92 -13.13 39.26
N ILE E 140 16.95 -11.82 38.96
CA ILE E 140 16.48 -10.83 39.93
C ILE E 140 15.02 -10.46 39.76
N GLU E 141 14.36 -10.94 38.70
CA GLU E 141 12.96 -10.64 38.43
C GLU E 141 12.73 -9.14 38.39
N THR E 142 13.17 -8.54 37.30
CA THR E 142 12.98 -7.12 37.10
C THR E 142 11.50 -6.77 36.99
N GLY E 143 10.70 -7.67 36.41
CA GLY E 143 9.28 -7.38 36.26
C GLY E 143 8.58 -7.16 37.58
N GLU E 144 9.09 -7.74 38.67
CA GLU E 144 8.52 -7.54 39.99
C GLU E 144 9.20 -6.44 40.79
N LEU E 145 10.50 -6.24 40.60
CA LEU E 145 11.19 -5.14 41.28
C LEU E 145 10.68 -3.79 40.77
N LYS E 146 10.54 -3.65 39.45
CA LYS E 146 9.95 -2.46 38.84
C LYS E 146 10.80 -1.22 39.04
N ASP E 147 11.14 -0.89 40.29
CA ASP E 147 11.91 0.31 40.57
C ASP E 147 13.34 0.16 40.08
N GLU E 148 13.85 1.19 39.43
CA GLU E 148 15.22 1.16 38.91
C GLU E 148 16.22 0.95 40.03
N ALA E 149 16.06 1.68 41.14
CA ALA E 149 17.01 1.54 42.26
C ALA E 149 17.02 0.13 42.80
N LEU E 150 15.88 -0.57 42.76
CA LEU E 150 15.84 -1.95 43.22
C LEU E 150 16.51 -2.89 42.22
N ILE E 151 16.26 -2.68 40.92
CA ILE E 151 16.91 -3.50 39.90
C ILE E 151 18.43 -3.37 40.01
N ARG E 152 18.91 -2.15 40.28
CA ARG E 152 20.36 -1.96 40.43
C ARG E 152 20.87 -2.64 41.68
N LYS E 153 20.25 -2.36 42.84
CA LYS E 153 20.73 -2.93 44.09
C LYS E 153 20.72 -4.46 44.03
N ALA E 154 19.64 -5.04 43.50
CA ALA E 154 19.59 -6.49 43.35
C ALA E 154 20.75 -6.98 42.50
N SER E 155 21.07 -6.27 41.41
CA SER E 155 22.22 -6.64 40.59
C SER E 155 23.52 -6.46 41.37
N GLU E 156 23.65 -5.35 42.10
N GLU E 156 23.65 -5.35 42.10
CA GLU E 156 24.85 -5.13 42.90
CA GLU E 156 24.85 -5.13 42.90
C GLU E 156 25.07 -6.26 43.89
C GLU E 156 25.07 -6.26 43.89
N ILE E 157 24.02 -6.62 44.64
CA ILE E 157 24.14 -7.67 45.65
C ILE E 157 24.57 -8.98 45.00
N SER E 158 23.87 -9.37 43.94
CA SER E 158 24.21 -10.63 43.26
C SER E 158 25.66 -10.62 42.79
N ILE E 159 26.11 -9.50 42.22
CA ILE E 159 27.48 -9.43 41.71
C ILE E 159 28.48 -9.57 42.85
N LYS E 160 28.28 -8.83 43.95
CA LYS E 160 29.18 -8.92 45.09
C LYS E 160 29.17 -10.31 45.70
N ALA E 161 28.05 -11.02 45.60
CA ALA E 161 27.94 -12.37 46.15
C ALA E 161 28.57 -13.43 45.25
N GLY E 162 29.02 -13.06 44.05
CA GLY E 162 29.71 -13.97 43.18
C GLY E 162 28.96 -14.41 41.94
N ALA E 163 27.88 -13.73 41.55
CA ALA E 163 27.11 -14.15 40.40
C ALA E 163 27.95 -14.07 39.13
N ASP E 164 27.93 -15.16 38.35
CA ASP E 164 28.62 -15.18 37.06
C ASP E 164 27.76 -14.59 35.96
N ASN E 165 26.45 -14.63 36.12
CA ASN E 165 25.52 -13.99 35.20
C ASN E 165 24.37 -13.41 36.01
N ILE E 166 23.78 -12.33 35.50
CA ILE E 166 22.59 -11.73 36.08
C ILE E 166 21.50 -11.76 35.02
N VAL E 167 20.33 -12.28 35.39
CA VAL E 167 19.24 -12.53 34.46
C VAL E 167 18.06 -11.64 34.85
N THR E 168 17.30 -11.22 33.85
CA THR E 168 16.22 -10.26 34.10
C THR E 168 15.05 -10.92 34.79
N SER E 169 14.60 -12.06 34.29
CA SER E 169 13.28 -12.56 34.64
C SER E 169 13.26 -14.08 34.67
N THR E 170 12.27 -14.62 35.38
CA THR E 170 12.00 -16.05 35.35
C THR E 170 11.17 -16.46 34.15
N GLY E 171 10.51 -15.51 33.49
CA GLY E 171 9.58 -15.83 32.42
C GLY E 171 8.22 -16.30 32.89
N LYS E 172 7.98 -16.34 34.20
CA LYS E 172 6.71 -16.80 34.74
C LYS E 172 5.92 -15.69 35.43
N VAL E 173 6.30 -14.43 35.21
CA VAL E 173 5.53 -13.29 35.71
C VAL E 173 5.04 -12.49 34.52
N ALA E 174 4.27 -11.43 34.79
CA ALA E 174 3.65 -10.68 33.71
C ALA E 174 4.69 -9.99 32.83
N VAL E 175 5.74 -9.44 33.44
CA VAL E 175 6.73 -8.63 32.73
C VAL E 175 8.06 -9.38 32.75
N GLY E 176 8.68 -9.47 31.58
CA GLY E 176 10.02 -10.00 31.42
C GLY E 176 11.03 -8.90 31.20
N ALA E 177 12.04 -9.19 30.39
CA ALA E 177 13.04 -8.19 30.05
C ALA E 177 12.43 -7.07 29.22
N THR E 178 12.97 -5.87 29.40
CA THR E 178 12.63 -4.71 28.58
C THR E 178 13.91 -3.99 28.19
N PRO E 179 13.89 -3.26 27.07
CA PRO E 179 15.11 -2.54 26.67
C PRO E 179 15.73 -1.71 27.79
N GLU E 180 14.93 -1.15 28.69
CA GLU E 180 15.50 -0.30 29.73
C GLU E 180 16.00 -1.11 30.92
N SER E 181 15.25 -2.13 31.34
CA SER E 181 15.74 -2.98 32.43
C SER E 181 17.04 -3.67 32.04
N ALA E 182 17.15 -4.11 30.78
CA ALA E 182 18.39 -4.70 30.29
C ALA E 182 19.51 -3.66 30.29
N ARG E 183 19.19 -2.41 29.95
CA ARG E 183 20.20 -1.36 29.98
C ARG E 183 20.67 -1.11 31.41
N ILE E 184 19.72 -1.00 32.34
CA ILE E 184 20.09 -0.74 33.74
C ILE E 184 21.02 -1.84 34.24
N MET E 185 20.64 -3.11 34.03
CA MET E 185 21.45 -4.20 34.55
C MET E 185 22.85 -4.20 33.94
N MET E 186 22.95 -3.84 32.66
CA MET E 186 24.27 -3.81 32.02
C MET E 186 25.08 -2.61 32.52
N GLU E 187 24.43 -1.47 32.76
CA GLU E 187 25.13 -0.35 33.38
C GLU E 187 25.73 -0.74 34.72
N VAL E 188 25.05 -1.62 35.47
CA VAL E 188 25.61 -2.09 36.73
C VAL E 188 26.86 -2.92 36.50
N ILE E 189 26.82 -3.82 35.50
CA ILE E 189 28.00 -4.60 35.17
C ILE E 189 29.18 -3.69 34.87
N ARG E 190 28.93 -2.61 34.12
CA ARG E 190 30.02 -1.70 33.75
C ARG E 190 30.41 -0.79 34.89
N ASP E 191 29.42 -0.22 35.60
CA ASP E 191 29.72 0.68 36.70
C ASP E 191 30.51 0.00 37.81
N MET E 192 30.41 -1.33 37.93
CA MET E 192 31.15 -2.09 38.93
C MET E 192 32.41 -2.73 38.37
N GLY E 193 32.72 -2.50 37.09
CA GLY E 193 33.97 -2.98 36.52
C GLY E 193 34.09 -4.48 36.49
N VAL E 194 32.99 -5.21 36.29
CA VAL E 194 33.02 -6.67 36.26
C VAL E 194 32.54 -7.16 34.90
N GLU E 195 32.71 -6.34 33.87
CA GLU E 195 32.34 -6.77 32.51
C GLU E 195 33.10 -8.02 32.08
N LYS E 196 34.28 -8.27 32.65
CA LYS E 196 35.05 -9.45 32.27
C LYS E 196 34.48 -10.73 32.84
N THR E 197 33.85 -10.67 34.02
CA THR E 197 33.47 -11.87 34.75
C THR E 197 31.96 -12.01 34.97
N VAL E 198 31.15 -11.03 34.59
CA VAL E 198 29.71 -11.09 34.77
C VAL E 198 29.04 -10.86 33.42
N GLY E 199 28.19 -11.80 33.01
CA GLY E 199 27.39 -11.66 31.82
C GLY E 199 25.96 -11.26 32.13
N PHE E 200 25.18 -11.12 31.06
CA PHE E 200 23.81 -10.67 31.15
C PHE E 200 22.92 -11.50 30.23
N ILE E 201 21.70 -11.78 30.70
CA ILE E 201 20.75 -12.60 29.95
C ILE E 201 19.38 -11.97 30.06
N PRO E 202 18.83 -11.43 28.96
CA PRO E 202 17.41 -11.03 28.99
C PRO E 202 16.51 -12.24 28.79
N VAL E 203 15.52 -12.37 29.65
CA VAL E 203 14.51 -13.43 29.55
C VAL E 203 13.17 -12.76 29.29
N GLY E 204 12.57 -13.09 28.15
CA GLY E 204 11.37 -12.42 27.70
C GLY E 204 11.67 -11.14 26.95
N GLY E 205 10.63 -10.57 26.37
CA GLY E 205 10.73 -9.29 25.70
C GLY E 205 11.45 -9.31 24.36
N VAL E 206 11.97 -10.46 23.92
CA VAL E 206 12.69 -10.57 22.66
C VAL E 206 11.98 -11.65 21.85
N ARG E 207 11.11 -11.22 20.93
CA ARG E 207 10.31 -12.13 20.13
C ARG E 207 10.75 -12.23 18.69
N THR E 208 11.30 -11.17 18.12
CA THR E 208 11.62 -11.09 16.70
C THR E 208 13.11 -10.86 16.49
N ALA E 209 13.55 -11.12 15.26
CA ALA E 209 14.95 -10.85 14.91
C ALA E 209 15.28 -9.38 15.08
N GLU E 210 14.31 -8.49 14.86
CA GLU E 210 14.53 -7.07 15.07
C GLU E 210 14.79 -6.77 16.54
N ASP E 211 14.01 -7.39 17.44
CA ASP E 211 14.22 -7.18 18.87
C ASP E 211 15.61 -7.66 19.29
N ALA E 212 16.05 -8.79 18.74
CA ALA E 212 17.38 -9.29 19.07
C ALA E 212 18.46 -8.31 18.63
N GLN E 213 18.27 -7.69 17.47
CA GLN E 213 19.26 -6.71 16.99
C GLN E 213 19.35 -5.51 17.92
N LYS E 214 18.21 -5.05 18.43
CA LYS E 214 18.22 -3.88 19.32
C LYS E 214 18.74 -4.22 20.71
N TYR E 215 18.51 -5.44 21.19
CA TYR E 215 19.05 -5.84 22.48
C TYR E 215 20.57 -5.99 22.41
N LEU E 216 21.07 -6.67 21.36
CA LEU E 216 22.51 -6.75 21.16
C LEU E 216 23.11 -5.37 20.94
N ALA E 217 22.36 -4.44 20.35
CA ALA E 217 22.87 -3.09 20.14
C ALA E 217 23.18 -2.40 21.47
N ILE E 218 22.40 -2.68 22.51
CA ILE E 218 22.67 -2.09 23.82
C ILE E 218 23.99 -2.62 24.36
N ALA E 219 24.24 -3.93 24.21
CA ALA E 219 25.52 -4.50 24.64
C ALA E 219 26.68 -3.83 23.91
N ASP E 220 26.62 -3.79 22.58
CA ASP E 220 27.70 -3.18 21.81
C ASP E 220 27.92 -1.73 22.22
N GLU E 221 26.83 -1.01 22.51
CA GLU E 221 26.96 0.39 22.91
C GLU E 221 27.75 0.53 24.21
N LEU E 222 27.37 -0.23 25.24
CA LEU E 222 27.96 -0.04 26.55
C LEU E 222 29.36 -0.63 26.67
N PHE E 223 29.65 -1.72 25.95
CA PHE E 223 30.90 -2.45 26.12
C PHE E 223 31.72 -2.59 24.86
N GLY E 224 31.14 -2.37 23.68
CA GLY E 224 31.81 -2.70 22.44
C GLY E 224 31.33 -4.01 21.85
N ALA E 225 31.49 -4.14 20.54
CA ALA E 225 30.90 -5.27 19.83
C ALA E 225 31.52 -6.61 20.20
N ASP E 226 32.72 -6.61 20.80
CA ASP E 226 33.41 -7.85 21.14
C ASP E 226 32.98 -8.44 22.47
N TRP E 227 32.27 -7.69 23.30
CA TRP E 227 31.95 -8.16 24.65
C TRP E 227 30.86 -9.22 24.64
N ALA E 228 29.83 -9.04 23.82
CA ALA E 228 28.66 -9.92 23.85
C ALA E 228 28.97 -11.24 23.14
N ASP E 229 29.88 -12.00 23.74
CA ASP E 229 30.21 -13.33 23.27
C ASP E 229 29.33 -14.35 23.99
N ALA E 230 29.54 -15.64 23.70
CA ALA E 230 28.67 -16.67 24.25
C ALA E 230 28.70 -16.70 25.77
N ARG E 231 29.79 -16.26 26.37
CA ARG E 231 29.93 -16.30 27.82
C ARG E 231 29.31 -15.08 28.50
N HIS E 232 29.20 -13.95 27.82
CA HIS E 232 28.75 -12.71 28.43
C HIS E 232 27.37 -12.26 27.98
N TYR E 233 26.79 -12.88 26.96
CA TYR E 233 25.45 -12.54 26.54
C TYR E 233 24.73 -13.82 26.12
N ALA E 234 23.45 -13.91 26.46
CA ALA E 234 22.62 -15.03 26.05
C ALA E 234 21.18 -14.58 26.00
N PHE E 235 20.47 -15.01 24.95
CA PHE E 235 19.04 -14.76 24.83
C PHE E 235 18.28 -15.92 25.46
N GLY E 236 17.65 -15.67 26.60
CA GLY E 236 16.76 -16.65 27.20
C GLY E 236 15.38 -16.58 26.58
N ALA E 237 15.15 -17.38 25.55
CA ALA E 237 13.91 -17.30 24.79
C ALA E 237 13.55 -18.68 24.27
N SER E 238 12.37 -18.76 23.65
CA SER E 238 11.82 -20.01 23.16
C SER E 238 11.98 -20.08 21.63
N ALA E 239 11.38 -21.10 21.02
CA ALA E 239 11.52 -21.34 19.59
C ALA E 239 10.86 -20.25 18.74
N SER E 240 10.01 -19.42 19.32
CA SER E 240 9.42 -18.33 18.56
C SER E 240 10.49 -17.36 18.07
N LEU E 241 11.44 -17.01 18.94
CA LEU E 241 12.56 -16.18 18.51
C LEU E 241 13.46 -16.91 17.53
N LEU E 242 13.73 -18.19 17.81
CA LEU E 242 14.60 -18.97 16.93
C LEU E 242 14.01 -19.03 15.52
N ALA E 243 12.71 -19.29 15.41
CA ALA E 243 12.08 -19.32 14.09
C ALA E 243 12.22 -17.98 13.39
N SER E 244 12.04 -16.88 14.11
CA SER E 244 12.18 -15.56 13.51
C SER E 244 13.61 -15.29 13.10
N LEU E 245 14.58 -15.74 13.90
CA LEU E 245 15.98 -15.58 13.54
C LEU E 245 16.30 -16.38 12.29
N LEU E 246 15.85 -17.64 12.23
CA LEU E 246 16.07 -18.46 11.04
C LEU E 246 15.34 -17.88 9.84
N LYS E 247 14.15 -17.33 10.05
CA LYS E 247 13.44 -16.67 8.96
C LYS E 247 14.27 -15.54 8.38
N ALA E 248 14.82 -14.68 9.24
CA ALA E 248 15.68 -13.61 8.77
C ALA E 248 16.88 -14.13 7.98
N LEU E 249 17.24 -15.40 8.17
CA LEU E 249 18.35 -16.01 7.45
C LEU E 249 17.91 -16.83 6.25
N GLY E 250 16.60 -16.93 5.99
CA GLY E 250 16.10 -17.63 4.83
C GLY E 250 15.83 -19.11 5.08
N HIS E 251 15.14 -19.42 6.18
CA HIS E 251 14.79 -20.80 6.49
C HIS E 251 13.39 -20.87 7.10
N LEU F 3 30.51 8.69 -46.98
CA LEU F 3 29.36 8.58 -47.87
C LEU F 3 28.96 7.11 -48.02
N LYS F 4 29.95 6.22 -47.98
CA LYS F 4 29.65 4.79 -48.03
C LYS F 4 28.99 4.30 -46.74
N ALA F 5 29.38 4.88 -45.60
CA ALA F 5 28.78 4.48 -44.33
C ALA F 5 27.28 4.80 -44.31
N SER F 6 26.93 6.06 -44.58
CA SER F 6 25.53 6.47 -44.52
C SER F 6 24.71 5.82 -45.61
N SER F 7 25.30 5.57 -46.78
CA SER F 7 24.57 4.92 -47.86
C SER F 7 24.14 3.51 -47.46
N LEU F 8 25.08 2.72 -46.91
CA LEU F 8 24.71 1.41 -46.40
C LEU F 8 23.67 1.53 -45.30
N ARG F 9 23.87 2.46 -44.38
CA ARG F 9 22.89 2.69 -43.30
C ARG F 9 21.52 3.02 -43.88
N ALA F 10 21.48 3.94 -44.85
CA ALA F 10 20.20 4.35 -45.42
C ALA F 10 19.52 3.21 -46.15
N LEU F 11 20.30 2.38 -46.85
CA LEU F 11 19.72 1.26 -47.59
C LEU F 11 18.96 0.31 -46.66
N LYS F 12 19.61 -0.08 -45.56
CA LYS F 12 18.96 -0.97 -44.60
C LYS F 12 17.71 -0.35 -43.99
N LEU F 13 17.59 0.98 -44.05
CA LEU F 13 16.43 1.68 -43.51
C LEU F 13 15.35 1.94 -44.55
N MET F 14 15.58 1.58 -45.81
CA MET F 14 14.62 1.90 -46.86
C MET F 14 13.35 1.08 -46.69
N HIS F 15 12.21 1.73 -46.96
CA HIS F 15 10.92 1.07 -47.16
C HIS F 15 10.64 1.16 -48.67
N LEU F 16 11.19 0.21 -49.41
CA LEU F 16 11.17 0.29 -50.87
C LEU F 16 9.73 0.32 -51.39
N ALA F 17 9.40 1.37 -52.12
CA ALA F 17 8.07 1.56 -52.67
C ALA F 17 8.08 1.37 -54.19
N THR F 18 6.97 0.89 -54.72
CA THR F 18 6.83 0.77 -56.16
C THR F 18 6.68 2.16 -56.79
N SER F 19 7.04 2.25 -58.06
N SER F 19 7.05 2.25 -58.06
CA SER F 19 6.98 3.49 -58.81
CA SER F 19 6.98 3.50 -58.80
C SER F 19 5.66 3.60 -59.57
C SER F 19 5.66 3.60 -59.56
N ALA F 20 5.24 4.84 -59.81
CA ALA F 20 3.97 5.11 -60.47
C ALA F 20 4.08 5.21 -61.98
N ASN F 21 5.22 4.83 -62.57
CA ASN F 21 5.34 4.82 -64.02
C ASN F 21 4.33 3.85 -64.63
N ASP F 22 4.13 2.71 -64.00
CA ASP F 22 3.18 1.70 -64.44
C ASP F 22 2.11 1.49 -63.38
N ASP F 23 0.99 0.91 -63.81
CA ASP F 23 -0.03 0.49 -62.85
C ASP F 23 0.44 -0.76 -62.13
N ASP F 24 0.20 -0.80 -60.82
CA ASP F 24 0.70 -1.92 -60.02
C ASP F 24 0.04 -3.23 -60.45
N THR F 25 0.85 -4.28 -60.50
CA THR F 25 0.39 -5.63 -60.79
C THR F 25 1.16 -6.60 -59.92
N ASP F 26 0.67 -7.85 -59.87
CA ASP F 26 1.38 -8.87 -59.11
C ASP F 26 2.79 -9.07 -59.62
N GLU F 27 2.99 -8.94 -60.94
CA GLU F 27 4.32 -9.14 -61.51
C GLU F 27 5.27 -8.03 -61.09
N LYS F 28 4.77 -6.78 -61.02
CA LYS F 28 5.63 -5.68 -60.62
C LYS F 28 6.01 -5.80 -59.14
N VAL F 29 5.07 -6.25 -58.30
CA VAL F 29 5.36 -6.40 -56.88
C VAL F 29 6.37 -7.53 -56.66
N ILE F 30 6.25 -8.61 -57.43
CA ILE F 30 7.22 -9.70 -57.32
C ILE F 30 8.60 -9.22 -57.71
N ALA F 31 8.68 -8.34 -58.72
CA ALA F 31 9.97 -7.75 -59.07
C ALA F 31 10.49 -6.89 -57.92
N LEU F 32 9.61 -6.09 -57.31
CA LEU F 32 10.04 -5.23 -56.21
C LEU F 32 10.60 -6.06 -55.06
N CYS F 33 9.97 -7.20 -54.76
CA CYS F 33 10.48 -8.06 -53.70
C CYS F 33 11.92 -8.49 -53.98
N HIS F 34 12.24 -8.76 -55.25
CA HIS F 34 13.60 -9.14 -55.60
C HIS F 34 14.56 -7.96 -55.45
N GLN F 35 14.11 -6.75 -55.79
CA GLN F 35 14.96 -5.57 -55.63
C GLN F 35 15.30 -5.34 -54.17
N ALA F 36 14.36 -5.58 -53.27
CA ALA F 36 14.62 -5.38 -51.85
C ALA F 36 15.75 -6.27 -51.34
N LYS F 37 16.09 -7.33 -52.08
CA LYS F 37 17.18 -8.23 -51.73
C LYS F 37 18.41 -7.81 -52.54
N THR F 38 19.09 -6.78 -52.04
CA THR F 38 20.20 -6.18 -52.77
C THR F 38 21.48 -7.00 -52.58
N PRO F 39 22.48 -6.78 -53.42
CA PRO F 39 23.74 -7.51 -53.26
C PRO F 39 24.48 -7.20 -51.97
N VAL F 40 24.05 -6.19 -51.21
CA VAL F 40 24.72 -5.80 -49.97
C VAL F 40 23.82 -5.98 -48.76
N GLY F 41 22.64 -6.57 -48.92
CA GLY F 41 21.74 -6.81 -47.83
C GLY F 41 20.31 -6.52 -48.25
N THR F 42 19.40 -6.60 -47.28
CA THR F 42 17.99 -6.37 -47.52
C THR F 42 17.56 -5.02 -46.97
N THR F 43 16.61 -4.40 -47.65
CA THR F 43 15.92 -3.24 -47.10
C THR F 43 15.10 -3.66 -45.89
N ASP F 44 14.73 -2.68 -45.08
CA ASP F 44 13.93 -2.99 -43.90
C ASP F 44 12.53 -3.48 -44.28
N ALA F 45 11.98 -2.97 -45.38
CA ALA F 45 10.61 -3.29 -45.75
C ALA F 45 10.36 -2.90 -47.20
N ILE F 46 9.18 -3.28 -47.69
CA ILE F 46 8.66 -2.81 -48.97
C ILE F 46 7.37 -2.05 -48.68
N PHE F 47 6.95 -1.24 -49.65
CA PHE F 47 5.74 -0.44 -49.53
C PHE F 47 4.89 -0.70 -50.78
N ILE F 48 3.77 -1.40 -50.59
CA ILE F 48 2.90 -1.83 -51.67
C ILE F 48 1.45 -1.59 -51.27
N TYR F 49 0.56 -1.64 -52.25
CA TYR F 49 -0.86 -1.50 -51.98
C TYR F 49 -1.37 -2.73 -51.22
N PRO F 50 -2.44 -2.58 -50.43
CA PRO F 50 -2.87 -3.70 -49.57
C PRO F 50 -3.14 -4.99 -50.32
N ARG F 51 -3.73 -4.92 -51.51
CA ARG F 51 -4.16 -6.14 -52.20
C ARG F 51 -3.01 -6.99 -52.69
N PHE F 52 -1.77 -6.49 -52.64
CA PHE F 52 -0.61 -7.24 -53.09
C PHE F 52 0.18 -7.86 -51.94
N ILE F 53 -0.28 -7.71 -50.71
CA ILE F 53 0.50 -8.15 -49.55
C ILE F 53 0.63 -9.66 -49.52
N PRO F 54 -0.46 -10.43 -49.71
CA PRO F 54 -0.30 -11.90 -49.66
C PRO F 54 0.71 -12.42 -50.66
N ILE F 55 0.62 -11.99 -51.92
CA ILE F 55 1.59 -12.46 -52.93
C ILE F 55 2.99 -11.97 -52.58
N ALA F 56 3.10 -10.79 -51.98
CA ALA F 56 4.41 -10.27 -51.60
C ALA F 56 5.06 -11.13 -50.53
N ARG F 57 4.32 -11.43 -49.46
CA ARG F 57 4.87 -12.25 -48.38
C ARG F 57 5.37 -13.58 -48.93
N LYS F 58 4.56 -14.23 -49.77
CA LYS F 58 4.97 -15.48 -50.41
C LYS F 58 6.29 -15.30 -51.14
N THR F 59 6.39 -14.26 -51.97
CA THR F 59 7.61 -14.03 -52.74
C THR F 59 8.80 -13.79 -51.82
N LEU F 60 8.63 -12.97 -50.79
CA LEU F 60 9.73 -12.69 -49.88
C LEU F 60 10.18 -13.95 -49.14
N LYS F 61 9.23 -14.81 -48.76
CA LYS F 61 9.58 -16.03 -48.05
C LYS F 61 10.36 -16.98 -48.94
N GLU F 62 9.98 -17.07 -50.21
CA GLU F 62 10.60 -18.03 -51.13
C GLU F 62 11.95 -17.58 -51.64
N GLN F 63 12.32 -16.32 -51.44
CA GLN F 63 13.66 -15.85 -51.73
C GLN F 63 14.54 -15.80 -50.47
N GLY F 64 14.07 -16.36 -49.36
CA GLY F 64 14.86 -16.44 -48.16
C GLY F 64 15.01 -15.14 -47.41
N THR F 65 14.07 -14.20 -47.58
CA THR F 65 14.12 -12.91 -46.91
C THR F 65 12.78 -12.63 -46.23
N PRO F 66 12.35 -13.50 -45.30
CA PRO F 66 11.12 -13.22 -44.56
C PRO F 66 11.26 -12.10 -43.56
N GLU F 67 12.49 -11.63 -43.30
CA GLU F 67 12.70 -10.51 -42.39
C GLU F 67 12.28 -9.18 -43.01
N ILE F 68 12.13 -9.13 -44.34
CA ILE F 68 11.71 -7.90 -45.00
C ILE F 68 10.24 -7.66 -44.70
N ARG F 69 9.94 -6.52 -44.08
CA ARG F 69 8.59 -6.21 -43.66
C ARG F 69 7.78 -5.66 -44.84
N ILE F 70 6.46 -5.66 -44.68
CA ILE F 70 5.53 -5.21 -45.71
C ILE F 70 4.69 -4.11 -45.10
N CYS F 71 4.85 -2.89 -45.60
CA CYS F 71 4.06 -1.73 -45.18
C CYS F 71 3.07 -1.37 -46.28
N THR F 72 1.97 -0.73 -45.87
CA THR F 72 0.94 -0.31 -46.80
C THR F 72 0.30 0.98 -46.28
N SER F 73 -0.71 1.45 -46.98
CA SER F 73 -1.40 2.68 -46.62
C SER F 73 -2.89 2.50 -46.78
N THR F 74 -3.65 3.30 -46.04
CA THR F 74 -5.10 3.31 -46.09
C THR F 74 -5.59 4.75 -45.98
N ASN F 75 -6.86 4.96 -46.33
CA ASN F 75 -7.39 6.31 -46.46
C ASN F 75 -6.51 7.12 -47.42
N PHE F 76 -5.97 6.43 -48.43
CA PHE F 76 -4.86 6.88 -49.24
C PHE F 76 -5.30 7.19 -50.67
N PRO F 77 -4.77 8.26 -51.29
CA PRO F 77 -3.92 9.33 -50.75
C PRO F 77 -4.73 10.54 -50.31
N HIS F 78 -6.04 10.47 -50.56
CA HIS F 78 -6.91 11.64 -50.39
C HIS F 78 -6.87 12.19 -48.97
N GLY F 79 -6.80 11.31 -47.97
CA GLY F 79 -6.84 11.75 -46.59
C GLY F 79 -8.18 12.34 -46.22
N ASN F 80 -9.27 11.64 -46.56
CA ASN F 80 -10.60 12.12 -46.23
C ASN F 80 -10.83 12.02 -44.72
N ASP F 81 -12.01 12.50 -44.28
CA ASP F 81 -12.32 12.60 -42.86
C ASP F 81 -13.38 11.59 -42.41
N ASP F 82 -13.72 10.61 -43.24
CA ASP F 82 -14.68 9.57 -42.86
C ASP F 82 -13.93 8.48 -42.11
N ILE F 83 -14.19 8.36 -40.81
CA ILE F 83 -13.45 7.42 -39.98
C ILE F 83 -13.82 5.98 -40.32
N ASP F 84 -15.11 5.72 -40.55
CA ASP F 84 -15.55 4.36 -40.86
C ASP F 84 -14.79 3.80 -42.07
N ILE F 85 -14.68 4.60 -43.13
CA ILE F 85 -13.96 4.15 -44.31
C ILE F 85 -12.49 3.90 -43.96
N ALA F 86 -11.87 4.86 -43.28
CA ALA F 86 -10.47 4.70 -42.89
C ALA F 86 -10.26 3.45 -42.05
N LEU F 87 -11.13 3.25 -41.04
CA LEU F 87 -10.99 2.07 -40.19
C LEU F 87 -11.26 0.79 -40.97
N ALA F 88 -12.29 0.79 -41.82
CA ALA F 88 -12.59 -0.39 -42.61
C ALA F 88 -11.40 -0.79 -43.47
N GLU F 89 -10.79 0.18 -44.15
CA GLU F 89 -9.63 -0.12 -44.99
C GLU F 89 -8.44 -0.58 -44.16
N THR F 90 -8.26 0.01 -42.98
CA THR F 90 -7.17 -0.41 -42.10
C THR F 90 -7.38 -1.87 -41.67
N ARG F 91 -8.60 -2.22 -41.26
CA ARG F 91 -8.87 -3.61 -40.90
C ARG F 91 -8.59 -4.55 -42.06
N ALA F 92 -8.97 -4.16 -43.28
CA ALA F 92 -8.71 -5.00 -44.44
C ALA F 92 -7.21 -5.15 -44.67
N ALA F 93 -6.44 -4.08 -44.47
CA ALA F 93 -5.00 -4.16 -44.63
C ALA F 93 -4.39 -5.13 -43.63
N ILE F 94 -4.91 -5.15 -42.40
CA ILE F 94 -4.45 -6.10 -41.40
C ILE F 94 -4.75 -7.53 -41.85
N ALA F 95 -5.98 -7.76 -42.34
CA ALA F 95 -6.35 -9.09 -42.79
C ALA F 95 -5.48 -9.56 -43.94
N TYR F 96 -5.06 -8.65 -44.82
CA TYR F 96 -4.10 -9.02 -45.86
C TYR F 96 -2.80 -9.50 -45.24
N GLY F 97 -2.38 -8.89 -44.14
CA GLY F 97 -1.20 -9.33 -43.42
C GLY F 97 -0.13 -8.28 -43.31
N ALA F 98 -0.53 -7.01 -43.34
CA ALA F 98 0.44 -5.92 -43.28
C ALA F 98 1.15 -5.88 -41.94
N ASP F 99 2.45 -5.59 -41.97
CA ASP F 99 3.20 -5.34 -40.75
C ASP F 99 3.00 -3.92 -40.25
N SER F 100 2.71 -2.99 -41.17
CA SER F 100 2.48 -1.59 -40.83
C SER F 100 1.42 -1.03 -41.76
N VAL F 101 0.64 -0.10 -41.23
CA VAL F 101 -0.41 0.58 -42.00
C VAL F 101 -0.22 2.08 -41.83
N ALA F 102 -0.01 2.77 -42.94
CA ALA F 102 0.16 4.22 -42.96
C ALA F 102 -1.17 4.85 -43.36
N VAL F 103 -1.93 5.30 -42.37
CA VAL F 103 -3.20 5.96 -42.63
C VAL F 103 -2.94 7.43 -42.92
N VAL F 104 -3.62 7.98 -43.92
CA VAL F 104 -3.42 9.37 -44.31
C VAL F 104 -4.22 10.26 -43.37
N PHE F 105 -3.52 11.09 -42.62
CA PHE F 105 -4.17 12.02 -41.70
C PHE F 105 -5.15 12.90 -42.48
N PRO F 106 -6.31 13.23 -41.91
CA PRO F 106 -7.23 14.15 -42.60
C PRO F 106 -6.71 15.58 -42.56
N TYR F 107 -5.70 15.88 -43.38
CA TYR F 107 -5.03 17.17 -43.28
C TYR F 107 -5.92 18.31 -43.73
N ARG F 108 -6.87 18.06 -44.64
CA ARG F 108 -7.76 19.13 -45.06
C ARG F 108 -8.73 19.52 -43.96
N ALA F 109 -9.26 18.52 -43.23
CA ALA F 109 -10.14 18.82 -42.11
C ALA F 109 -9.45 19.67 -41.06
N LEU F 110 -8.12 19.50 -40.90
CA LEU F 110 -7.38 20.32 -39.95
C LEU F 110 -7.21 21.74 -40.48
N MET F 111 -6.84 21.88 -41.75
CA MET F 111 -6.72 23.20 -42.35
C MET F 111 -8.03 23.99 -42.27
N ALA F 112 -9.16 23.30 -42.15
CA ALA F 112 -10.46 23.95 -42.02
C ALA F 112 -10.87 24.18 -40.57
N GLY F 113 -9.95 23.96 -39.62
CA GLY F 113 -10.19 24.25 -38.22
C GLY F 113 -10.63 23.07 -37.37
N ASN F 114 -10.87 21.92 -37.98
CA ASN F 114 -11.32 20.73 -37.25
C ASN F 114 -10.10 19.94 -36.81
N GLU F 115 -9.73 20.07 -35.54
CA GLU F 115 -8.62 19.32 -34.98
C GLU F 115 -9.03 17.98 -34.41
N GLN F 116 -10.32 17.80 -34.10
CA GLN F 116 -10.75 16.59 -33.38
C GLN F 116 -10.82 15.38 -34.29
N VAL F 117 -11.33 15.54 -35.51
CA VAL F 117 -11.50 14.40 -36.39
C VAL F 117 -10.18 13.69 -36.62
N GLY F 118 -9.07 14.43 -36.66
CA GLY F 118 -7.78 13.81 -36.85
C GLY F 118 -7.41 12.89 -35.70
N PHE F 119 -7.68 13.32 -34.46
CA PHE F 119 -7.38 12.47 -33.31
C PHE F 119 -8.23 11.21 -33.33
N ASP F 120 -9.53 11.35 -33.60
CA ASP F 120 -10.42 10.20 -33.57
C ASP F 120 -10.07 9.20 -34.67
N LEU F 121 -9.73 9.68 -35.86
CA LEU F 121 -9.42 8.78 -36.97
C LEU F 121 -8.14 8.00 -36.71
N VAL F 122 -7.11 8.66 -36.18
CA VAL F 122 -5.86 7.98 -35.92
C VAL F 122 -6.01 7.03 -34.73
N LYS F 123 -6.78 7.44 -33.71
CA LYS F 123 -6.95 6.59 -32.53
C LYS F 123 -7.65 5.29 -32.90
N ALA F 124 -8.74 5.38 -33.67
CA ALA F 124 -9.47 4.18 -34.07
C ALA F 124 -8.57 3.22 -34.84
N CYS F 125 -7.83 3.74 -35.83
CA CYS F 125 -6.95 2.89 -36.61
C CYS F 125 -5.83 2.32 -35.76
N LYS F 126 -5.34 3.07 -34.78
CA LYS F 126 -4.30 2.55 -33.90
C LYS F 126 -4.80 1.37 -33.09
N GLU F 127 -5.99 1.50 -32.50
CA GLU F 127 -6.57 0.40 -31.74
C GLU F 127 -6.64 -0.87 -32.58
N ALA F 128 -7.06 -0.75 -33.84
CA ALA F 128 -7.13 -1.91 -34.71
C ALA F 128 -5.76 -2.52 -34.93
N CYS F 129 -4.77 -1.69 -35.27
CA CYS F 129 -3.43 -2.21 -35.53
C CYS F 129 -2.79 -2.73 -34.25
N ALA F 130 -2.86 -1.96 -33.16
CA ALA F 130 -2.25 -2.39 -31.91
C ALA F 130 -2.82 -3.73 -31.45
N ALA F 131 -4.13 -3.93 -31.62
CA ALA F 131 -4.76 -5.18 -31.21
C ALA F 131 -4.32 -6.34 -32.09
N ALA F 132 -3.74 -6.08 -33.25
CA ALA F 132 -3.29 -7.12 -34.17
C ALA F 132 -1.78 -7.19 -34.30
N ASN F 133 -1.04 -6.50 -33.42
CA ASN F 133 0.41 -6.45 -33.49
C ASN F 133 0.86 -5.90 -34.84
N VAL F 134 0.29 -4.76 -35.22
CA VAL F 134 0.61 -4.06 -36.46
C VAL F 134 0.94 -2.60 -36.11
N LEU F 135 1.96 -2.06 -36.75
CA LEU F 135 2.30 -0.66 -36.54
C LEU F 135 1.35 0.23 -37.33
N LEU F 136 1.05 1.40 -36.75
CA LEU F 136 0.26 2.42 -37.44
C LEU F 136 1.14 3.64 -37.65
N ALA F 137 1.37 3.97 -38.92
CA ALA F 137 1.99 5.23 -39.30
C ALA F 137 0.91 6.20 -39.75
N VAL F 138 1.21 7.50 -39.65
CA VAL F 138 0.26 8.54 -40.00
C VAL F 138 0.93 9.48 -40.98
N ILE F 139 0.41 9.53 -42.21
CA ILE F 139 0.88 10.45 -43.23
C ILE F 139 0.09 11.75 -43.10
N ILE F 140 0.79 12.86 -42.89
CA ILE F 140 0.14 14.15 -42.68
C ILE F 140 0.22 15.05 -43.89
N GLU F 141 0.90 14.63 -44.96
CA GLU F 141 0.95 15.38 -46.22
C GLU F 141 1.47 16.80 -45.99
N THR F 142 2.75 16.86 -45.63
CA THR F 142 3.39 18.14 -45.38
C THR F 142 3.35 19.04 -46.62
N GLY F 143 3.37 18.45 -47.82
CA GLY F 143 3.33 19.24 -49.04
C GLY F 143 2.04 20.03 -49.20
N GLU F 144 0.97 19.62 -48.52
CA GLU F 144 -0.29 20.35 -48.58
C GLU F 144 -0.55 21.19 -47.33
N LEU F 145 0.02 20.82 -46.19
CA LEU F 145 -0.05 21.68 -45.02
C LEU F 145 0.78 22.94 -45.22
N LYS F 146 2.02 22.78 -45.68
CA LYS F 146 2.89 23.90 -46.02
C LYS F 146 3.31 24.69 -44.78
N ASP F 147 2.35 25.22 -44.04
CA ASP F 147 2.66 26.05 -42.89
C ASP F 147 3.33 25.22 -41.80
N GLU F 148 4.33 25.82 -41.14
CA GLU F 148 5.04 25.13 -40.08
C GLU F 148 4.11 24.81 -38.91
N ALA F 149 3.23 25.74 -38.56
CA ALA F 149 2.33 25.51 -37.43
C ALA F 149 1.41 24.33 -37.69
N LEU F 150 0.94 24.19 -38.93
CA LEU F 150 0.04 23.08 -39.26
C LEU F 150 0.79 21.75 -39.26
N ILE F 151 2.04 21.75 -39.70
CA ILE F 151 2.82 20.51 -39.69
C ILE F 151 3.08 20.05 -38.26
N ARG F 152 3.36 20.99 -37.36
CA ARG F 152 3.55 20.63 -35.96
C ARG F 152 2.24 20.16 -35.33
N LYS F 153 1.16 20.89 -35.58
CA LYS F 153 -0.14 20.51 -35.01
C LYS F 153 -0.56 19.14 -35.51
N ALA F 154 -0.38 18.87 -36.80
CA ALA F 154 -0.73 17.55 -37.33
C ALA F 154 0.11 16.46 -36.68
N SER F 155 1.42 16.70 -36.52
CA SER F 155 2.28 15.72 -35.87
C SER F 155 1.89 15.53 -34.41
N GLU F 156 1.60 16.62 -33.71
N GLU F 156 1.62 16.62 -33.70
CA GLU F 156 1.22 16.51 -32.30
CA GLU F 156 1.21 16.53 -32.30
C GLU F 156 -0.06 15.71 -32.14
C GLU F 156 -0.06 15.68 -32.16
N ILE F 157 -1.07 15.99 -32.96
CA ILE F 157 -2.34 15.26 -32.86
C ILE F 157 -2.14 13.79 -33.20
N SER F 158 -1.36 13.49 -34.23
CA SER F 158 -1.12 12.11 -34.60
C SER F 158 -0.42 11.35 -33.47
N ILE F 159 0.57 11.97 -32.83
CA ILE F 159 1.33 11.29 -31.79
C ILE F 159 0.47 11.04 -30.56
N LYS F 160 -0.34 12.04 -30.17
CA LYS F 160 -1.21 11.86 -29.02
C LYS F 160 -2.30 10.83 -29.29
N ALA F 161 -2.66 10.59 -30.54
CA ALA F 161 -3.61 9.55 -30.90
C ALA F 161 -2.99 8.17 -30.97
N GLY F 162 -1.68 8.05 -30.74
CA GLY F 162 -1.02 6.77 -30.68
C GLY F 162 -0.25 6.36 -31.92
N ALA F 163 0.06 7.30 -32.81
CA ALA F 163 0.80 6.97 -34.02
C ALA F 163 2.18 6.43 -33.67
N ASP F 164 2.53 5.27 -34.26
CA ASP F 164 3.84 4.69 -34.05
C ASP F 164 4.91 5.35 -34.92
N ASN F 165 4.51 5.95 -36.03
CA ASN F 165 5.41 6.67 -36.91
C ASN F 165 4.64 7.81 -37.55
N ILE F 166 5.31 8.93 -37.80
CA ILE F 166 4.73 10.06 -38.50
C ILE F 166 5.47 10.23 -39.82
N VAL F 167 4.72 10.31 -40.91
CA VAL F 167 5.25 10.30 -42.26
C VAL F 167 4.95 11.63 -42.93
N THR F 168 5.90 12.12 -43.73
CA THR F 168 5.75 13.44 -44.33
C THR F 168 4.60 13.46 -45.34
N SER F 169 4.65 12.55 -46.33
CA SER F 169 3.84 12.72 -47.52
C SER F 169 3.37 11.37 -48.05
N THR F 170 2.35 11.44 -48.90
CA THR F 170 1.85 10.27 -49.61
C THR F 170 2.67 9.95 -50.85
N GLY F 171 3.46 10.90 -51.34
CA GLY F 171 4.11 10.76 -52.62
C GLY F 171 3.22 10.99 -53.82
N LYS F 172 1.96 11.37 -53.59
CA LYS F 172 1.00 11.59 -54.66
C LYS F 172 0.63 13.06 -54.82
N VAL F 173 1.39 13.97 -54.21
CA VAL F 173 1.23 15.40 -54.40
C VAL F 173 2.54 15.96 -54.95
N ALA F 174 2.52 17.25 -55.29
CA ALA F 174 3.69 17.87 -55.92
C ALA F 174 4.89 17.85 -54.99
N VAL F 175 4.68 18.22 -53.73
CA VAL F 175 5.77 18.38 -52.77
C VAL F 175 5.76 17.23 -51.78
N GLY F 176 6.89 16.55 -51.67
CA GLY F 176 7.11 15.52 -50.67
C GLY F 176 7.88 16.07 -49.49
N ALA F 177 8.74 15.24 -48.92
CA ALA F 177 9.56 15.66 -47.79
C ALA F 177 10.59 16.69 -48.22
N THR F 178 10.85 17.65 -47.34
CA THR F 178 11.93 18.60 -47.52
C THR F 178 12.73 18.66 -46.23
N PRO F 179 14.01 19.05 -46.29
CA PRO F 179 14.80 19.15 -45.06
C PRO F 179 14.13 19.98 -43.98
N GLU F 180 13.40 21.03 -44.36
CA GLU F 180 12.73 21.87 -43.37
C GLU F 180 11.57 21.13 -42.72
N SER F 181 10.68 20.55 -43.52
CA SER F 181 9.53 19.85 -42.97
C SER F 181 9.96 18.66 -42.13
N ALA F 182 10.99 17.94 -42.57
CA ALA F 182 11.49 16.81 -41.80
C ALA F 182 11.97 17.26 -40.42
N ARG F 183 12.76 18.34 -40.38
CA ARG F 183 13.22 18.85 -39.10
C ARG F 183 12.06 19.21 -38.19
N ILE F 184 11.03 19.86 -38.74
CA ILE F 184 9.87 20.23 -37.93
C ILE F 184 9.26 19.00 -37.27
N MET F 185 9.01 17.95 -38.06
CA MET F 185 8.35 16.77 -37.54
C MET F 185 9.22 16.05 -36.51
N MET F 186 10.52 15.92 -36.79
CA MET F 186 11.40 15.29 -35.82
C MET F 186 11.50 16.13 -34.54
N GLU F 187 11.49 17.45 -34.68
CA GLU F 187 11.50 18.31 -33.50
C GLU F 187 10.29 18.04 -32.62
N VAL F 188 9.12 17.78 -33.23
CA VAL F 188 7.94 17.48 -32.44
C VAL F 188 8.12 16.18 -31.65
N ILE F 189 8.75 15.18 -32.27
CA ILE F 189 9.06 13.96 -31.55
C ILE F 189 9.97 14.26 -30.35
N ARG F 190 10.92 15.18 -30.54
CA ARG F 190 11.82 15.53 -29.45
C ARG F 190 11.11 16.35 -28.38
N ASP F 191 10.46 17.44 -28.79
CA ASP F 191 9.83 18.34 -27.81
C ASP F 191 8.72 17.66 -27.02
N MET F 192 8.21 16.53 -27.51
CA MET F 192 7.17 15.78 -26.81
C MET F 192 7.73 14.60 -26.02
N GLY F 193 9.04 14.35 -26.07
CA GLY F 193 9.63 13.29 -25.31
C GLY F 193 9.25 11.89 -25.73
N VAL F 194 8.79 11.73 -26.98
CA VAL F 194 8.31 10.45 -27.47
C VAL F 194 9.32 9.80 -28.42
N GLU F 195 10.60 10.20 -28.33
CA GLU F 195 11.60 9.61 -29.20
C GLU F 195 11.71 8.10 -29.03
N LYS F 196 11.22 7.56 -27.91
CA LYS F 196 11.33 6.13 -27.65
C LYS F 196 10.26 5.33 -28.38
N THR F 197 9.10 5.93 -28.66
CA THR F 197 7.96 5.19 -29.18
C THR F 197 7.45 5.70 -30.52
N VAL F 198 8.09 6.70 -31.12
CA VAL F 198 7.61 7.29 -32.36
C VAL F 198 8.80 7.51 -33.29
N GLY F 199 8.73 6.95 -34.50
CA GLY F 199 9.74 7.15 -35.50
C GLY F 199 9.35 8.20 -36.52
N PHE F 200 10.20 8.36 -37.53
CA PHE F 200 10.00 9.34 -38.59
C PHE F 200 10.28 8.70 -39.94
N ILE F 201 9.51 9.10 -40.94
CA ILE F 201 9.64 8.55 -42.29
C ILE F 201 9.48 9.66 -43.31
N PRO F 202 10.54 10.13 -43.96
CA PRO F 202 10.37 11.04 -45.10
C PRO F 202 9.99 10.27 -46.35
N VAL F 203 8.94 10.75 -47.03
CA VAL F 203 8.49 10.19 -48.29
C VAL F 203 8.73 11.25 -49.37
N GLY F 204 9.57 10.91 -50.35
CA GLY F 204 10.00 11.88 -51.33
C GLY F 204 11.12 12.76 -50.78
N GLY F 205 11.65 13.62 -51.66
CA GLY F 205 12.70 14.54 -51.29
C GLY F 205 14.08 13.93 -51.12
N VAL F 206 14.15 12.62 -50.94
CA VAL F 206 15.42 11.90 -50.82
C VAL F 206 15.61 11.13 -52.11
N ARG F 207 16.47 11.63 -53.00
CA ARG F 207 16.68 11.03 -54.30
C ARG F 207 18.13 10.66 -54.57
N THR F 208 19.08 11.13 -53.77
CA THR F 208 20.49 10.85 -53.97
C THR F 208 21.09 10.34 -52.67
N ALA F 209 22.23 9.65 -52.80
CA ALA F 209 22.96 9.21 -51.62
C ALA F 209 23.28 10.39 -50.70
N GLU F 210 23.62 11.54 -51.28
CA GLU F 210 23.89 12.72 -50.48
C GLU F 210 22.65 13.17 -49.71
N ASP F 211 21.48 13.07 -50.34
CA ASP F 211 20.24 13.43 -49.65
C ASP F 211 20.04 12.58 -48.40
N ALA F 212 20.13 11.26 -48.56
CA ALA F 212 19.96 10.37 -47.41
C ALA F 212 20.93 10.73 -46.29
N GLN F 213 22.18 11.02 -46.64
CA GLN F 213 23.16 11.42 -45.63
C GLN F 213 22.71 12.67 -44.90
N LYS F 214 22.19 13.66 -45.63
CA LYS F 214 21.74 14.89 -45.00
C LYS F 214 20.55 14.63 -44.08
N TYR F 215 19.61 13.79 -44.51
CA TYR F 215 18.42 13.54 -43.70
C TYR F 215 18.77 12.74 -42.44
N LEU F 216 19.57 11.69 -42.59
CA LEU F 216 20.00 10.93 -41.41
C LEU F 216 20.81 11.81 -40.45
N ALA F 217 21.58 12.75 -40.99
CA ALA F 217 22.33 13.66 -40.14
C ALA F 217 21.41 14.47 -39.24
N ILE F 218 20.25 14.89 -39.77
CA ILE F 218 19.29 15.62 -38.95
C ILE F 218 18.85 14.77 -37.76
N ALA F 219 18.66 13.48 -37.98
CA ALA F 219 18.29 12.58 -36.88
C ALA F 219 19.43 12.44 -35.89
N ASP F 220 20.65 12.23 -36.39
CA ASP F 220 21.80 12.15 -35.50
C ASP F 220 21.97 13.45 -34.72
N GLU F 221 21.83 14.59 -35.41
CA GLU F 221 21.95 15.88 -34.74
C GLU F 221 20.91 16.04 -33.65
N LEU F 222 19.73 15.46 -33.81
CA LEU F 222 18.62 15.68 -32.89
C LEU F 222 18.53 14.64 -31.79
N PHE F 223 18.88 13.38 -32.07
CA PHE F 223 18.72 12.30 -31.10
C PHE F 223 19.98 11.49 -30.86
N GLY F 224 21.06 11.72 -31.60
CA GLY F 224 22.23 10.87 -31.51
C GLY F 224 22.20 9.76 -32.53
N ALA F 225 23.40 9.30 -32.90
CA ALA F 225 23.52 8.30 -33.95
C ALA F 225 22.88 6.97 -33.59
N ASP F 226 22.50 6.77 -32.33
CA ASP F 226 21.93 5.49 -31.90
C ASP F 226 20.43 5.41 -32.17
N TRP F 227 19.75 6.53 -32.42
CA TRP F 227 18.30 6.55 -32.41
C TRP F 227 17.69 6.09 -33.74
N ALA F 228 18.36 6.34 -34.86
CA ALA F 228 17.77 6.06 -36.17
C ALA F 228 18.02 4.60 -36.55
N ASP F 229 17.36 3.71 -35.82
CA ASP F 229 17.32 2.29 -36.15
C ASP F 229 16.11 2.00 -37.03
N ALA F 230 16.00 0.74 -37.49
CA ALA F 230 14.94 0.38 -38.42
C ALA F 230 13.55 0.67 -37.85
N ARG F 231 13.41 0.77 -36.54
CA ARG F 231 12.11 1.02 -35.93
C ARG F 231 11.77 2.52 -35.91
N HIS F 232 12.77 3.39 -35.85
CA HIS F 232 12.54 4.81 -35.65
C HIS F 232 12.81 5.66 -36.89
N TYR F 233 13.45 5.11 -37.92
CA TYR F 233 13.72 5.85 -39.14
C TYR F 233 13.56 4.93 -40.34
N ALA F 234 13.01 5.47 -41.42
CA ALA F 234 12.87 4.72 -42.66
C ALA F 234 12.73 5.69 -43.82
N PHE F 235 13.30 5.32 -44.97
CA PHE F 235 13.19 6.10 -46.18
C PHE F 235 12.11 5.49 -47.06
N GLY F 236 10.99 6.20 -47.20
CA GLY F 236 9.96 5.80 -48.14
C GLY F 236 10.25 6.33 -49.52
N ALA F 237 10.86 5.51 -50.37
CA ALA F 237 11.30 5.96 -51.68
C ALA F 237 11.23 4.80 -52.66
N SER F 238 11.29 5.15 -53.95
CA SER F 238 11.22 4.16 -55.01
C SER F 238 12.61 3.56 -55.23
N ALA F 239 12.74 2.73 -56.27
CA ALA F 239 14.01 2.08 -56.57
C ALA F 239 15.07 3.06 -57.05
N SER F 240 14.69 4.29 -57.42
CA SER F 240 15.67 5.26 -57.88
C SER F 240 16.64 5.62 -56.76
N LEU F 241 16.11 5.87 -55.56
CA LEU F 241 17.00 6.12 -54.42
C LEU F 241 17.86 4.91 -54.11
N LEU F 242 17.29 3.71 -54.23
CA LEU F 242 18.07 2.50 -54.00
C LEU F 242 19.21 2.38 -55.00
N ALA F 243 18.96 2.71 -56.26
CA ALA F 243 20.01 2.63 -57.27
C ALA F 243 21.16 3.56 -56.96
N SER F 244 20.86 4.74 -56.43
CA SER F 244 21.93 5.69 -56.10
C SER F 244 22.75 5.19 -54.91
N LEU F 245 22.10 4.60 -53.91
CA LEU F 245 22.81 4.06 -52.77
C LEU F 245 23.73 2.91 -53.19
N LEU F 246 23.24 2.01 -54.02
CA LEU F 246 24.08 0.92 -54.51
C LEU F 246 25.23 1.46 -55.36
N LYS F 247 24.97 2.48 -56.17
CA LYS F 247 26.04 3.09 -56.94
C LYS F 247 27.12 3.64 -56.02
N ALA F 248 26.72 4.27 -54.91
CA ALA F 248 27.69 4.79 -53.95
C ALA F 248 28.50 3.67 -53.31
N LEU F 249 27.89 2.49 -53.11
CA LEU F 249 28.58 1.34 -52.56
C LEU F 249 29.30 0.53 -53.63
N GLY F 250 29.34 1.01 -54.87
CA GLY F 250 30.07 0.35 -55.94
C GLY F 250 29.37 -0.84 -56.53
N HIS F 251 28.17 -0.63 -57.06
CA HIS F 251 27.42 -1.69 -57.73
C HIS F 251 26.67 -1.13 -58.93
O21 6NT G . -36.42 -13.28 -12.71
NO1 6NT G . -35.66 -12.56 -13.64
O11 6NT G . -35.12 -13.12 -14.52
C5 6NT G . -35.55 -11.12 -13.52
C6 6NT G . -36.30 -10.40 -12.60
C7 6NT G . -36.16 -9.02 -12.52
C7A 6NT G . -35.28 -8.35 -13.37
N1 6NT G . -34.96 -7.05 -13.50
C3A 6NT G . -34.54 -9.06 -14.29
C4 6NT G . -34.68 -10.45 -14.37
N3 6NT G . -33.78 -8.19 -14.97
N2 6NT G . -34.03 -6.94 -14.49
H6 6NT G . -36.89 -10.84 -12.03
H4 6NT G . -34.17 -10.94 -14.99
H7 6NT G . -36.66 -8.54 -11.90
H3 6NT G . -33.23 -8.39 -15.60
O21 6NT H . -18.80 -16.07 14.76
NO1 6NT H . -19.15 -15.12 15.73
O11 6NT H . -19.83 -15.42 16.65
C5 6NT H . -18.70 -13.75 15.58
C6 6NT H . -17.69 -13.41 14.69
C7 6NT H . -17.29 -12.08 14.58
C7A 6NT H . -17.89 -11.09 15.37
N1 6NT H . -17.69 -9.76 15.47
C3A 6NT H . -18.89 -11.44 16.26
C4 6NT H . -19.30 -12.78 16.37
N3 6NT H . -19.29 -10.32 16.88
N2 6NT H . -18.56 -9.28 16.40
H6 6NT H . -17.29 -14.06 14.17
H4 6NT H . -19.97 -13.01 16.97
H7 6NT H . -16.61 -11.85 13.99
H3 6NT H . -19.91 -10.28 17.48
O21 6NT I . -2.48 10.77 0.32
NO1 6NT I . -2.07 11.17 -0.96
O11 6NT I . -1.85 10.37 -1.79
C5 6NT I . -1.89 12.58 -1.26
C6 6NT I . -2.11 13.56 -0.29
C7 6NT I . -1.94 14.90 -0.62
C7A 6NT I . -1.56 15.26 -1.92
N1 6NT I . -1.33 16.46 -2.49
C3A 6NT I . -1.34 14.29 -2.88
C4 6NT I . -1.51 12.94 -2.54
N3 6NT I . -0.99 14.90 -4.02
N2 6NT I . -0.97 16.24 -3.79
H6 6NT I . -2.36 13.32 0.56
H4 6NT I . -1.37 12.28 -3.18
H7 6NT I . -2.09 15.56 0.02
H3 6NT I . -0.80 14.51 -4.76
O21 6NT J . 26.92 10.20 15.29
NO1 6NT J . 27.04 11.50 15.77
O11 6NT J . 26.76 11.75 16.89
C5 6NT J . 27.52 12.56 14.89
C6 6NT J . 27.98 12.28 13.61
C7 6NT J . 28.43 13.31 12.80
C7A 6NT J . 28.41 14.64 13.27
N1 6NT J . 28.77 15.80 12.71
C3A 6NT J . 27.95 14.91 14.53
C4 6NT J . 27.50 13.87 15.36
N3 6NT J . 28.03 16.23 14.74
N2 6NT J . 28.55 16.80 13.61
H6 6NT J . 28.00 11.41 13.29
H4 6NT J . 27.19 14.05 16.22
H7 6NT J . 28.74 13.13 11.93
H3 6NT J . 27.80 16.65 15.46
O21 6NT K . 14.03 -18.15 31.09
NO1 6NT K . 15.22 -18.56 30.49
O11 6NT K . 15.24 -18.87 29.35
C5 6NT K . 16.45 -18.59 31.26
C6 6NT K . 16.47 -18.27 32.61
C7 6NT K . 17.68 -18.31 33.32
C7A 6NT K . 18.86 -18.68 32.66
N1 6NT K . 20.12 -18.81 33.09
C3A 6NT K . 18.83 -19.00 31.32
C4 6NT K . 17.62 -18.96 30.61
N3 6NT K . 20.07 -19.32 30.94
N2 6NT K . 20.89 -19.21 32.03
H6 6NT K . 15.69 -18.02 33.05
H4 6NT K . 17.60 -19.17 29.70
H7 6NT K . 17.69 -18.09 34.22
H3 6NT K . 20.31 -19.55 30.15
O21 6NT L . 5.43 6.26 -49.73
NO1 6NT L . 6.17 5.39 -48.91
O11 6NT L . 7.15 4.88 -49.32
C5 6NT L . 5.71 5.12 -47.56
C6 6NT L . 4.71 5.86 -46.96
C7 6NT L . 4.30 5.58 -45.67
C7A 6NT L . 4.90 4.52 -44.96
N1 6NT L . 4.70 4.03 -43.72
C3A 6NT L . 5.89 3.78 -45.56
C4 6NT L . 6.31 4.07 -46.86
N3 6NT L . 6.29 2.84 -44.68
N2 6NT L . 5.56 2.99 -43.53
H6 6NT L . 4.31 6.56 -47.43
H4 6NT L . 6.98 3.57 -47.26
H7 6NT L . 3.62 6.08 -45.26
H3 6NT L . 6.90 2.25 -44.81
#